data_3MEQ
#
_entry.id   3MEQ
#
_cell.length_a   88.365
_cell.length_b   103.799
_cell.length_c   152.390
_cell.angle_alpha   90.000
_cell.angle_beta   90.000
_cell.angle_gamma   90.000
#
_symmetry.space_group_name_H-M   'P 21 21 21'
#
loop_
_entity.id
_entity.type
_entity.pdbx_description
1 polymer 'Alcohol dehydrogenase, zinc-containing'
2 non-polymer 'ZINC ION'
3 non-polymer 1,2-ETHANEDIOL
4 non-polymer '1,4-DIHYDRONICOTINAMIDE ADENINE DINUCLEOTIDE'
5 non-polymer 'CHLORIDE ION'
6 non-polymer 'SODIUM ION'
7 water water
#
_entity_poly.entity_id   1
_entity_poly.type   'polypeptide(L)'
_entity_poly.pdbx_seq_one_letter_code
;MAHHHHHHMGTLEAQTQGPGSMAKTMKAAVVRAFGKPLTIDEVPIPQPGPGQIQVAIQASGVCHTDLHAAEGDWPVKPNP
PFIPGHEGVGFVSAVGSGVKHVKEGDRVGIPWLYTACGHCRHCLGGWETLCEEQLNTGYSVNGGFAEYVVADPNFVGHLP
KNIDFNEIAPVLCAGVTVYKGLKVTDTKPGDWVVISGIGGLGHMAVQYARAMGLNVAAVDIDDRKLDLARRLGATVTVNA
KTVADPAAYIRKETDGGAQGVLVTAVSPKAFEQALGMVARGGTVSLNGLPPGDFPLSIFNMVLNGVTVRGSIVGTRLDLQ
ESLDFAADGKVKATIQTGKLEDINAIFDDMRQGNIEGRIVMDLTQ
;
_entity_poly.pdbx_strand_id   A,B,C,D
#
# COMPACT_ATOMS: atom_id res chain seq x y z
N LYS A 24 -14.81 50.54 -8.07
CA LYS A 24 -13.34 50.79 -8.08
C LYS A 24 -12.65 49.99 -6.98
N THR A 25 -13.26 49.99 -5.78
CA THR A 25 -12.65 49.39 -4.58
C THR A 25 -13.53 48.32 -3.92
N MET A 26 -12.93 47.57 -3.01
CA MET A 26 -13.67 46.62 -2.19
C MET A 26 -13.27 46.74 -0.74
N LYS A 27 -14.10 46.20 0.14
CA LYS A 27 -13.74 46.00 1.55
C LYS A 27 -12.86 44.77 1.75
N ALA A 28 -11.86 44.91 2.62
CA ALA A 28 -10.94 43.83 2.94
C ALA A 28 -10.46 43.95 4.39
N ALA A 29 -10.25 42.80 5.05
CA ALA A 29 -9.67 42.76 6.39
C ALA A 29 -8.18 42.52 6.24
N VAL A 30 -7.38 43.49 6.66
CA VAL A 30 -5.94 43.49 6.39
C VAL A 30 -5.15 43.38 7.68
N VAL A 31 -4.24 42.41 7.72
CA VAL A 31 -3.18 42.35 8.73
C VAL A 31 -2.08 43.37 8.36
N ARG A 32 -1.92 44.39 9.21
CA ARG A 32 -0.88 45.42 9.01
C ARG A 32 0.39 45.18 9.84
N ALA A 33 0.21 44.59 11.02
CA ALA A 33 1.33 44.27 11.92
C ALA A 33 0.97 43.05 12.76
N PHE A 34 1.93 42.20 13.03
CA PHE A 34 1.62 40.97 13.78
C PHE A 34 1.11 41.30 15.19
N GLY A 35 0.13 40.52 15.68
CA GLY A 35 -0.38 40.68 17.04
C GLY A 35 -1.28 41.89 17.29
N LYS A 36 -1.46 42.72 16.25
CA LYS A 36 -2.29 43.92 16.32
C LYS A 36 -3.62 43.69 15.62
N PRO A 37 -4.63 44.51 15.95
CA PRO A 37 -5.93 44.36 15.29
C PRO A 37 -5.86 44.51 13.76
N LEU A 38 -6.57 43.65 13.06
CA LEU A 38 -6.78 43.84 11.63
C LEU A 38 -7.67 45.05 11.44
N THR A 39 -7.44 45.80 10.36
CA THR A 39 -8.31 46.92 9.96
C THR A 39 -9.18 46.53 8.76
N ILE A 40 -10.42 47.04 8.71
CA ILE A 40 -11.28 46.84 7.53
C ILE A 40 -11.18 48.04 6.60
N ASP A 41 -10.48 47.86 5.48
CA ASP A 41 -10.10 48.96 4.58
C ASP A 41 -10.73 48.86 3.19
N GLU A 42 -10.83 50.00 2.51
CA GLU A 42 -11.26 49.99 1.12
C GLU A 42 -9.99 49.88 0.30
N VAL A 43 -9.82 48.75 -0.38
CA VAL A 43 -8.63 48.51 -1.18
C VAL A 43 -9.06 48.31 -2.64
N PRO A 44 -8.10 48.42 -3.58
CA PRO A 44 -8.38 48.10 -5.00
C PRO A 44 -8.86 46.66 -5.25
N ILE A 45 -9.80 46.49 -6.18
CA ILE A 45 -10.32 45.18 -6.55
C ILE A 45 -9.29 44.54 -7.47
N PRO A 46 -8.75 43.36 -7.12
CA PRO A 46 -7.78 42.73 -8.01
C PRO A 46 -8.44 42.27 -9.31
N GLN A 47 -7.71 42.43 -10.40
CA GLN A 47 -8.20 42.13 -11.74
C GLN A 47 -7.45 40.91 -12.30
N PRO A 48 -8.17 39.97 -12.98
CA PRO A 48 -7.50 38.76 -13.45
C PRO A 48 -6.76 39.01 -14.76
N GLY A 49 -5.48 38.65 -14.76
CA GLY A 49 -4.71 38.66 -15.99
C GLY A 49 -4.85 37.33 -16.69
N PRO A 50 -4.00 37.09 -17.71
CA PRO A 50 -4.02 35.82 -18.42
C PRO A 50 -3.83 34.60 -17.48
N GLY A 51 -4.64 33.55 -17.69
CA GLY A 51 -4.63 32.36 -16.87
C GLY A 51 -5.19 32.56 -15.46
N GLN A 52 -5.87 33.68 -15.20
CA GLN A 52 -6.43 33.93 -13.86
C GLN A 52 -7.94 34.12 -13.93
N ILE A 53 -8.57 33.96 -12.77
CA ILE A 53 -9.98 34.26 -12.59
C ILE A 53 -10.16 35.19 -11.38
N GLN A 54 -11.33 35.83 -11.33
CA GLN A 54 -11.72 36.64 -10.19
C GLN A 54 -12.96 35.98 -9.59
N VAL A 55 -13.04 36.01 -8.27
CA VAL A 55 -14.15 35.40 -7.55
C VAL A 55 -14.80 36.42 -6.63
N ALA A 56 -16.12 36.57 -6.72
CA ALA A 56 -16.90 37.38 -5.81
C ALA A 56 -17.20 36.53 -4.59
N ILE A 57 -16.57 36.85 -3.47
CA ILE A 57 -16.61 36.02 -2.27
C ILE A 57 -17.99 36.19 -1.60
N GLN A 58 -18.65 35.07 -1.32
CA GLN A 58 -19.94 35.11 -0.62
C GLN A 58 -19.82 34.70 0.83
N ALA A 59 -18.87 33.82 1.12
CA ALA A 59 -18.59 33.41 2.48
C ALA A 59 -17.10 33.12 2.64
N SER A 60 -16.64 33.19 3.88
CA SER A 60 -15.22 33.13 4.15
C SER A 60 -14.94 32.53 5.52
N GLY A 61 -14.46 31.30 5.53
CA GLY A 61 -14.16 30.59 6.74
C GLY A 61 -12.93 31.14 7.47
N VAL A 62 -13.03 31.17 8.80
CA VAL A 62 -11.90 31.59 9.63
C VAL A 62 -11.19 30.34 10.19
N CYS A 63 -9.94 30.19 9.77
CA CYS A 63 -9.17 29.02 10.11
C CYS A 63 -8.15 29.48 11.10
N HIS A 64 -7.74 28.59 11.99
CA HIS A 64 -6.82 28.98 13.04
C HIS A 64 -5.46 29.32 12.42
N THR A 65 -5.18 28.81 11.22
CA THR A 65 -4.02 29.30 10.46
C THR A 65 -4.07 30.78 10.17
N ASP A 66 -5.27 31.34 9.96
CA ASP A 66 -5.32 32.81 9.79
C ASP A 66 -4.84 33.52 11.05
N LEU A 67 -5.14 32.94 12.22
N LEU A 67 -5.14 32.93 12.23
CA LEU A 67 -4.72 33.53 13.49
CA LEU A 67 -4.73 33.52 13.51
C LEU A 67 -3.22 33.41 13.65
C LEU A 67 -3.23 33.39 13.71
N HIS A 68 -2.68 32.21 13.41
CA HIS A 68 -1.23 31.99 13.41
C HIS A 68 -0.55 32.98 12.41
N ALA A 69 -1.23 33.34 11.34
CA ALA A 69 -0.65 34.23 10.31
C ALA A 69 -0.77 35.68 10.77
N ALA A 70 -1.89 36.01 11.41
CA ALA A 70 -2.08 37.34 11.97
C ALA A 70 -1.12 37.56 13.14
N GLU A 71 -0.79 36.50 13.87
CA GLU A 71 0.10 36.62 15.06
C GLU A 71 1.60 36.49 14.72
N GLY A 72 1.93 35.98 13.53
CA GLY A 72 3.34 35.71 13.16
C GLY A 72 3.96 34.55 13.96
N ASP A 73 3.14 33.56 14.28
CA ASP A 73 3.56 32.42 15.14
C ASP A 73 4.65 31.52 14.53
N TRP A 74 4.67 31.42 13.20
CA TRP A 74 5.47 30.41 12.48
C TRP A 74 6.89 30.89 12.05
N PRO A 75 7.85 29.95 11.87
CA PRO A 75 9.22 30.33 11.44
C PRO A 75 9.28 31.04 10.08
N VAL A 76 8.39 30.68 9.16
CA VAL A 76 8.27 31.39 7.88
C VAL A 76 6.96 32.19 7.93
N LYS A 77 7.09 33.50 7.82
CA LYS A 77 6.02 34.43 8.12
C LYS A 77 5.51 35.09 6.84
N PRO A 78 4.24 35.58 6.87
CA PRO A 78 3.74 36.39 5.75
C PRO A 78 4.40 37.73 5.72
N ASN A 79 4.13 38.50 4.67
CA ASN A 79 4.76 39.81 4.51
C ASN A 79 3.73 40.93 4.54
N PRO A 80 3.38 41.45 5.75
CA PRO A 80 2.29 42.44 5.84
C PRO A 80 2.57 43.70 5.00
N PRO A 81 1.52 44.31 4.43
CA PRO A 81 0.12 44.02 4.70
C PRO A 81 -0.41 42.89 3.82
N PHE A 82 -1.20 41.99 4.39
CA PHE A 82 -1.80 40.93 3.59
C PHE A 82 -3.25 40.70 4.01
N ILE A 83 -4.03 40.17 3.07
CA ILE A 83 -5.38 39.75 3.38
C ILE A 83 -5.30 38.25 3.69
N PRO A 84 -5.67 37.83 4.91
CA PRO A 84 -5.77 36.39 5.16
C PRO A 84 -6.98 35.74 4.47
N GLY A 85 -7.18 34.44 4.75
CA GLY A 85 -8.37 33.73 4.31
C GLY A 85 -8.12 32.76 3.19
N HIS A 86 -8.22 31.46 3.50
CA HIS A 86 -8.11 30.38 2.50
C HIS A 86 -9.30 29.43 2.58
N GLU A 87 -10.43 29.99 3.00
CA GLU A 87 -11.71 29.30 2.99
C GLU A 87 -12.78 30.21 2.39
N GLY A 88 -12.33 31.02 1.42
CA GLY A 88 -13.18 31.93 0.64
C GLY A 88 -13.91 31.18 -0.47
N VAL A 89 -15.23 31.30 -0.49
CA VAL A 89 -16.05 30.66 -1.49
C VAL A 89 -17.02 31.68 -2.12
N GLY A 90 -17.30 31.50 -3.41
CA GLY A 90 -18.23 32.38 -4.08
C GLY A 90 -18.40 32.06 -5.56
N PHE A 91 -18.71 33.10 -6.33
CA PHE A 91 -19.04 33.00 -7.75
C PHE A 91 -17.91 33.59 -8.55
N VAL A 92 -17.51 32.92 -9.64
CA VAL A 92 -16.62 33.52 -10.60
C VAL A 92 -17.28 34.76 -11.19
N SER A 93 -16.56 35.89 -11.08
CA SER A 93 -17.06 37.19 -11.47
C SER A 93 -16.35 37.71 -12.72
N ALA A 94 -15.16 37.21 -13.02
CA ALA A 94 -14.50 37.53 -14.27
C ALA A 94 -13.46 36.48 -14.63
N VAL A 95 -13.22 36.34 -15.94
CA VAL A 95 -12.34 35.32 -16.45
C VAL A 95 -11.27 36.00 -17.28
N GLY A 96 -10.01 35.70 -17.00
CA GLY A 96 -8.89 36.26 -17.76
C GLY A 96 -8.64 35.52 -19.07
N SER A 97 -7.72 36.07 -19.87
CA SER A 97 -7.44 35.52 -21.20
C SER A 97 -6.97 34.09 -21.09
N GLY A 98 -7.39 33.30 -22.06
CA GLY A 98 -6.92 31.94 -22.20
C GLY A 98 -7.47 30.90 -21.25
N VAL A 99 -8.28 31.30 -20.25
CA VAL A 99 -8.77 30.35 -19.26
C VAL A 99 -9.86 29.46 -19.88
N LYS A 100 -9.70 28.16 -19.69
CA LYS A 100 -10.58 27.14 -20.23
C LYS A 100 -11.55 26.59 -19.17
N HIS A 101 -12.75 26.26 -19.64
CA HIS A 101 -13.80 25.58 -18.87
C HIS A 101 -14.53 26.45 -17.83
N VAL A 102 -13.79 27.15 -17.00
CA VAL A 102 -14.40 28.01 -15.98
C VAL A 102 -15.12 29.19 -16.59
N LYS A 103 -16.33 29.44 -16.13
CA LYS A 103 -17.06 30.60 -16.57
C LYS A 103 -17.72 31.39 -15.42
N GLU A 104 -18.06 32.64 -15.74
CA GLU A 104 -18.71 33.53 -14.77
CA GLU A 104 -18.70 33.53 -14.77
C GLU A 104 -19.93 32.83 -14.20
N GLY A 105 -20.14 32.93 -12.89
CA GLY A 105 -21.27 32.28 -12.27
C GLY A 105 -20.90 30.92 -11.67
N ASP A 106 -19.78 30.33 -12.08
CA ASP A 106 -19.33 29.07 -11.48
C ASP A 106 -19.06 29.24 -9.98
N ARG A 107 -19.38 28.19 -9.24
CA ARG A 107 -19.29 28.17 -7.81
C ARG A 107 -17.94 27.57 -7.43
N VAL A 108 -17.03 28.40 -6.92
CA VAL A 108 -15.69 27.99 -6.60
C VAL A 108 -15.19 28.50 -5.25
N GLY A 109 -14.15 27.84 -4.74
CA GLY A 109 -13.45 28.20 -3.50
C GLY A 109 -11.98 28.26 -3.72
N ILE A 110 -11.27 29.12 -2.98
CA ILE A 110 -9.85 29.29 -3.17
C ILE A 110 -9.16 28.78 -1.89
N PRO A 111 -8.56 27.58 -1.95
CA PRO A 111 -8.02 26.98 -0.74
C PRO A 111 -6.58 27.41 -0.49
N TRP A 112 -5.97 26.90 0.59
CA TRP A 112 -4.57 27.15 0.93
C TRP A 112 -3.60 26.97 -0.24
N LEU A 113 -3.70 25.84 -0.93
CA LEU A 113 -2.82 25.57 -2.07
C LEU A 113 -3.34 26.41 -3.26
N TYR A 114 -2.79 27.60 -3.37
CA TYR A 114 -3.20 28.54 -4.40
C TYR A 114 -2.78 28.10 -5.80
N THR A 115 -1.56 27.57 -5.85
CA THR A 115 -0.98 27.08 -7.09
C THR A 115 0.24 26.22 -6.72
N ALA A 116 0.70 25.43 -7.69
CA ALA A 116 1.91 24.60 -7.57
C ALA A 116 2.57 24.52 -8.95
N CYS A 117 3.80 24.00 -9.02
CA CYS A 117 4.56 24.15 -10.28
C CYS A 117 4.09 23.20 -11.42
N GLY A 118 3.58 22.02 -11.08
CA GLY A 118 3.14 21.07 -12.12
C GLY A 118 4.21 20.13 -12.70
N HIS A 119 5.49 20.38 -12.43
CA HIS A 119 6.58 19.61 -13.07
C HIS A 119 7.61 18.93 -12.14
N CYS A 120 7.60 19.24 -10.85
CA CYS A 120 8.52 18.60 -9.92
C CYS A 120 8.01 17.19 -9.58
N ARG A 121 8.81 16.39 -8.90
CA ARG A 121 8.42 15.02 -8.64
CA ARG A 121 8.38 15.01 -8.68
C ARG A 121 7.20 14.93 -7.71
N HIS A 122 7.04 15.92 -6.84
CA HIS A 122 5.89 15.94 -5.92
C HIS A 122 4.63 16.18 -6.76
N CYS A 123 4.70 17.16 -7.66
CA CYS A 123 3.54 17.50 -8.51
C CYS A 123 3.18 16.38 -9.48
N LEU A 124 4.18 15.75 -10.09
CA LEU A 124 3.94 14.66 -11.02
C LEU A 124 3.42 13.40 -10.33
N GLY A 125 3.76 13.17 -9.06
CA GLY A 125 3.43 11.91 -8.40
C GLY A 125 2.25 11.97 -7.45
N GLY A 126 1.36 12.94 -7.63
CA GLY A 126 0.16 13.05 -6.80
C GLY A 126 0.33 13.63 -5.40
N TRP A 127 1.40 14.40 -5.20
CA TRP A 127 1.70 15.00 -3.91
C TRP A 127 2.00 16.48 -4.08
N GLU A 128 1.16 17.17 -4.84
CA GLU A 128 1.38 18.60 -5.13
C GLU A 128 1.35 19.51 -3.88
N THR A 129 0.77 19.01 -2.79
CA THR A 129 0.76 19.74 -1.53
C THR A 129 2.20 19.88 -0.98
N LEU A 130 3.15 19.09 -1.49
CA LEU A 130 4.55 19.19 -1.04
C LEU A 130 5.40 20.10 -1.95
N CYS A 131 4.80 20.61 -3.01
CA CYS A 131 5.55 21.40 -3.98
C CYS A 131 6.27 22.56 -3.30
N GLU A 132 7.57 22.66 -3.54
CA GLU A 132 8.40 23.71 -2.96
C GLU A 132 8.16 25.08 -3.60
N GLU A 133 7.46 25.14 -4.73
CA GLU A 133 7.19 26.40 -5.40
C GLU A 133 5.72 26.82 -5.24
N GLN A 134 4.99 26.18 -4.35
CA GLN A 134 3.57 26.56 -4.15
C GLN A 134 3.44 27.98 -3.62
N LEU A 135 2.26 28.57 -3.82
CA LEU A 135 1.91 29.81 -3.13
C LEU A 135 0.66 29.46 -2.30
N ASN A 136 0.47 30.22 -1.21
CA ASN A 136 -0.54 29.93 -0.23
C ASN A 136 -1.48 31.10 -0.01
N THR A 137 -2.75 30.82 -0.30
CA THR A 137 -3.83 31.80 -0.26
C THR A 137 -3.97 32.37 1.16
N GLY A 138 -4.00 33.68 1.26
CA GLY A 138 -4.11 34.34 2.55
C GLY A 138 -2.84 34.29 3.39
N TYR A 139 -1.70 34.11 2.72
CA TYR A 139 -0.44 33.99 3.44
C TYR A 139 0.67 34.58 2.60
N SER A 140 1.01 33.92 1.48
CA SER A 140 1.98 34.44 0.50
C SER A 140 1.32 35.12 -0.70
N VAL A 141 0.00 34.96 -0.86
CA VAL A 141 -0.78 35.85 -1.73
C VAL A 141 -2.04 36.27 -0.95
N ASN A 142 -2.64 37.37 -1.38
CA ASN A 142 -3.90 37.83 -0.78
C ASN A 142 -5.02 36.82 -0.90
N GLY A 143 -5.78 36.68 0.18
CA GLY A 143 -6.86 35.72 0.29
C GLY A 143 -8.26 36.27 0.34
N GLY A 144 -9.15 35.48 0.95
CA GLY A 144 -10.57 35.68 0.87
C GLY A 144 -11.26 36.40 2.01
N PHE A 145 -10.50 37.11 2.84
CA PHE A 145 -11.08 38.02 3.86
C PHE A 145 -11.37 39.35 3.14
N ALA A 146 -12.16 39.27 2.08
CA ALA A 146 -12.32 40.38 1.12
C ALA A 146 -13.47 40.07 0.17
N GLU A 147 -14.02 41.08 -0.48
CA GLU A 147 -15.12 40.86 -1.40
C GLU A 147 -14.75 40.19 -2.72
N TYR A 148 -13.52 40.38 -3.18
CA TYR A 148 -13.00 39.71 -4.38
C TYR A 148 -11.63 39.13 -4.15
N VAL A 149 -11.41 37.97 -4.77
CA VAL A 149 -10.06 37.34 -4.86
C VAL A 149 -9.71 36.97 -6.31
N VAL A 150 -8.45 37.16 -6.70
CA VAL A 150 -7.94 36.68 -7.98
C VAL A 150 -7.24 35.32 -7.73
N ALA A 151 -7.59 34.32 -8.53
CA ALA A 151 -7.17 32.94 -8.28
C ALA A 151 -6.65 32.29 -9.56
N ASP A 152 -5.90 31.21 -9.34
CA ASP A 152 -5.47 30.35 -10.42
C ASP A 152 -6.59 29.31 -10.59
N PRO A 153 -7.29 29.31 -11.72
CA PRO A 153 -8.44 28.41 -11.84
C PRO A 153 -8.10 26.93 -11.85
N ASN A 154 -6.84 26.60 -12.12
CA ASN A 154 -6.38 25.22 -12.08
C ASN A 154 -6.44 24.62 -10.67
N PHE A 155 -6.49 25.48 -9.65
CA PHE A 155 -6.39 25.04 -8.25
C PHE A 155 -7.58 25.36 -7.35
N VAL A 156 -8.61 25.98 -7.89
CA VAL A 156 -9.82 26.22 -7.11
C VAL A 156 -10.60 24.94 -6.85
N GLY A 157 -11.34 24.89 -5.74
CA GLY A 157 -12.31 23.83 -5.52
C GLY A 157 -13.61 24.14 -6.28
N HIS A 158 -14.23 23.13 -6.85
CA HIS A 158 -15.49 23.29 -7.56
C HIS A 158 -16.58 22.82 -6.61
N LEU A 159 -17.48 23.73 -6.24
CA LEU A 159 -18.35 23.54 -5.08
C LEU A 159 -19.68 22.92 -5.48
N PRO A 160 -20.19 21.98 -4.66
CA PRO A 160 -21.46 21.40 -4.95
C PRO A 160 -22.57 22.43 -4.87
N LYS A 161 -23.42 22.48 -5.89
CA LYS A 161 -24.48 23.47 -5.92
C LYS A 161 -25.55 23.34 -4.82
N ASN A 162 -25.72 22.17 -4.25
CA ASN A 162 -26.79 21.96 -3.24
C ASN A 162 -26.39 22.39 -1.83
N ILE A 163 -25.16 22.83 -1.65
CA ILE A 163 -24.72 23.24 -0.33
C ILE A 163 -24.49 24.73 -0.26
N ASP A 164 -25.12 25.37 0.73
CA ASP A 164 -24.94 26.80 1.02
C ASP A 164 -23.48 27.18 1.18
N PHE A 165 -23.14 28.38 0.72
CA PHE A 165 -21.79 28.88 0.82
C PHE A 165 -21.26 28.89 2.27
N ASN A 166 -22.08 29.36 3.21
CA ASN A 166 -21.66 29.40 4.61
C ASN A 166 -21.30 28.01 5.13
N GLU A 167 -22.06 27.01 4.69
CA GLU A 167 -21.87 25.64 5.12
C GLU A 167 -20.67 24.96 4.43
N ILE A 168 -20.46 25.26 3.15
CA ILE A 168 -19.39 24.62 2.38
C ILE A 168 -18.00 25.19 2.70
N ALA A 169 -17.93 26.45 3.12
CA ALA A 169 -16.65 27.15 3.25
C ALA A 169 -15.60 26.36 4.04
N PRO A 170 -15.97 25.79 5.18
CA PRO A 170 -14.96 25.07 5.98
C PRO A 170 -14.34 23.83 5.32
N VAL A 171 -15.02 23.25 4.34
CA VAL A 171 -14.47 22.10 3.63
C VAL A 171 -13.17 22.47 2.91
N LEU A 172 -13.04 23.75 2.52
CA LEU A 172 -11.86 24.22 1.73
C LEU A 172 -10.53 24.15 2.45
N CYS A 173 -10.59 24.07 3.78
CA CYS A 173 -9.41 23.81 4.53
C CYS A 173 -9.64 22.79 5.66
N ALA A 174 -10.55 23.10 6.59
CA ALA A 174 -10.80 22.22 7.73
C ALA A 174 -11.17 20.83 7.27
N GLY A 175 -12.10 20.76 6.33
CA GLY A 175 -12.55 19.49 5.79
C GLY A 175 -11.49 18.70 5.04
N VAL A 176 -10.92 19.31 4.00
CA VAL A 176 -9.93 18.62 3.16
C VAL A 176 -8.75 18.14 3.98
N THR A 177 -8.32 18.97 4.93
CA THR A 177 -7.18 18.70 5.75
C THR A 177 -7.40 17.46 6.59
N VAL A 178 -8.55 17.38 7.27
CA VAL A 178 -8.77 16.23 8.17
C VAL A 178 -9.10 15.00 7.38
N TYR A 179 -9.77 15.15 6.24
CA TYR A 179 -9.99 14.04 5.32
C TYR A 179 -8.67 13.39 4.88
N LYS A 180 -7.74 14.21 4.39
CA LYS A 180 -6.42 13.71 4.00
C LYS A 180 -5.65 13.20 5.23
N GLY A 181 -5.73 13.93 6.35
CA GLY A 181 -5.08 13.49 7.59
C GLY A 181 -5.51 12.08 8.02
N LEU A 182 -6.80 11.83 7.93
CA LEU A 182 -7.36 10.48 8.16
C LEU A 182 -6.89 9.45 7.13
N LYS A 183 -6.84 9.82 5.85
CA LYS A 183 -6.35 8.84 4.86
C LYS A 183 -4.93 8.37 5.23
N VAL A 184 -4.10 9.29 5.73
CA VAL A 184 -2.70 8.90 5.97
C VAL A 184 -2.47 8.30 7.36
N THR A 185 -3.56 8.05 8.10
CA THR A 185 -3.47 7.17 9.27
C THR A 185 -3.34 5.69 8.88
N ASP A 186 -3.55 5.36 7.62
CA ASP A 186 -3.43 3.98 7.12
C ASP A 186 -4.36 3.02 7.87
N THR A 187 -5.52 3.50 8.28
CA THR A 187 -6.50 2.67 8.99
C THR A 187 -7.51 2.10 7.97
N LYS A 188 -8.42 1.26 8.43
CA LYS A 188 -9.42 0.62 7.58
C LYS A 188 -10.75 0.62 8.31
N PRO A 189 -11.85 0.44 7.56
CA PRO A 189 -13.11 0.38 8.25
C PRO A 189 -13.14 -0.62 9.39
N GLY A 190 -13.79 -0.23 10.50
CA GLY A 190 -13.81 -1.05 11.72
C GLY A 190 -12.72 -0.71 12.72
N ASP A 191 -11.65 -0.09 12.27
CA ASP A 191 -10.57 0.36 13.15
C ASP A 191 -11.07 1.47 14.08
N TRP A 192 -10.36 1.69 15.19
CA TRP A 192 -10.51 2.90 16.01
C TRP A 192 -9.58 4.01 15.61
N VAL A 193 -10.11 5.24 15.59
CA VAL A 193 -9.33 6.45 15.44
CA VAL A 193 -9.28 6.43 15.51
C VAL A 193 -9.69 7.39 16.61
N VAL A 194 -8.71 8.10 17.13
CA VAL A 194 -8.92 9.13 18.11
C VAL A 194 -8.72 10.46 17.42
N ILE A 195 -9.69 11.36 17.57
CA ILE A 195 -9.53 12.75 17.16
C ILE A 195 -9.17 13.60 18.40
N SER A 196 -7.99 14.20 18.37
CA SER A 196 -7.53 15.10 19.43
C SER A 196 -7.72 16.55 19.03
N GLY A 197 -8.58 17.23 19.79
CA GLY A 197 -8.98 18.58 19.54
C GLY A 197 -10.22 18.59 18.66
N ILE A 198 -11.38 18.93 19.25
CA ILE A 198 -12.63 18.95 18.50
C ILE A 198 -13.05 20.42 18.18
N GLY A 199 -12.22 21.11 17.39
CA GLY A 199 -12.53 22.48 16.94
C GLY A 199 -12.99 22.48 15.49
N GLY A 200 -12.57 23.50 14.73
CA GLY A 200 -12.94 23.59 13.35
C GLY A 200 -12.56 22.38 12.55
N LEU A 201 -11.29 21.98 12.65
CA LEU A 201 -10.85 20.76 12.03
C LEU A 201 -11.48 19.53 12.69
N GLY A 202 -11.37 19.44 14.01
CA GLY A 202 -11.70 18.23 14.73
C GLY A 202 -13.16 17.79 14.60
N HIS A 203 -14.10 18.73 14.68
CA HIS A 203 -15.53 18.39 14.53
C HIS A 203 -15.82 17.88 13.13
N MET A 204 -15.12 18.41 12.10
CA MET A 204 -15.23 17.84 10.77
CA MET A 204 -15.19 17.85 10.76
C MET A 204 -14.59 16.43 10.75
N ALA A 205 -13.45 16.27 11.41
CA ALA A 205 -12.75 14.96 11.44
C ALA A 205 -13.58 13.83 12.03
N VAL A 206 -14.33 14.10 13.09
CA VAL A 206 -15.26 13.10 13.66
C VAL A 206 -16.22 12.58 12.58
N GLN A 207 -16.76 13.50 11.81
CA GLN A 207 -17.72 13.17 10.75
C GLN A 207 -17.10 12.42 9.58
N TYR A 208 -15.95 12.89 9.07
CA TYR A 208 -15.25 12.14 8.01
C TYR A 208 -14.92 10.74 8.48
N ALA A 209 -14.41 10.62 9.71
CA ALA A 209 -14.00 9.35 10.25
C ALA A 209 -15.20 8.37 10.25
N ARG A 210 -16.36 8.82 10.71
CA ARG A 210 -17.54 7.95 10.74
C ARG A 210 -17.95 7.54 9.32
N ALA A 211 -17.93 8.47 8.37
CA ALA A 211 -18.24 8.20 6.96
C ALA A 211 -17.21 7.30 6.32
N MET A 212 -16.01 7.26 6.88
CA MET A 212 -14.98 6.33 6.43
C MET A 212 -15.03 4.93 7.09
N GLY A 213 -16.03 4.70 7.94
CA GLY A 213 -16.24 3.40 8.56
C GLY A 213 -15.46 3.18 9.84
N LEU A 214 -14.88 4.25 10.39
CA LEU A 214 -14.09 4.14 11.61
C LEU A 214 -14.95 4.33 12.85
N ASN A 215 -14.56 3.67 13.95
CA ASN A 215 -15.05 3.97 15.26
C ASN A 215 -14.23 5.13 15.78
N VAL A 216 -14.90 6.09 16.41
CA VAL A 216 -14.30 7.35 16.81
C VAL A 216 -14.24 7.63 18.32
N ALA A 217 -13.04 7.88 18.82
CA ALA A 217 -12.82 8.43 20.17
C ALA A 217 -12.43 9.90 20.00
N ALA A 218 -12.80 10.73 20.98
CA ALA A 218 -12.53 12.17 20.96
C ALA A 218 -11.87 12.63 22.27
N VAL A 219 -10.87 13.50 22.13
CA VAL A 219 -10.12 14.12 23.23
C VAL A 219 -10.13 15.61 23.08
N ASP A 220 -10.39 16.33 24.16
CA ASP A 220 -10.27 17.79 24.16
C ASP A 220 -10.14 18.22 25.60
N ILE A 221 -10.15 19.54 25.87
CA ILE A 221 -9.95 20.09 27.24
C ILE A 221 -11.20 20.86 27.71
N ASP A 222 -12.36 20.49 27.16
CA ASP A 222 -13.61 21.21 27.38
C ASP A 222 -14.77 20.23 27.09
N ASP A 223 -15.67 20.05 28.05
CA ASP A 223 -16.80 19.12 27.89
C ASP A 223 -17.81 19.50 26.80
N ARG A 224 -17.91 20.79 26.45
CA ARG A 224 -18.82 21.18 25.36
C ARG A 224 -18.32 20.65 24.01
N LYS A 225 -17.01 20.68 23.83
CA LYS A 225 -16.40 20.15 22.63
C LYS A 225 -16.55 18.60 22.59
N LEU A 226 -16.50 17.95 23.74
CA LEU A 226 -16.72 16.50 23.80
C LEU A 226 -18.19 16.17 23.50
N ASP A 227 -19.10 17.01 24.00
CA ASP A 227 -20.51 16.85 23.67
C ASP A 227 -20.76 17.02 22.18
N LEU A 228 -20.15 18.03 21.56
CA LEU A 228 -20.23 18.19 20.09
C LEU A 228 -19.72 16.92 19.40
N ALA A 229 -18.57 16.41 19.82
CA ALA A 229 -18.02 15.16 19.24
C ALA A 229 -19.03 14.01 19.30
N ARG A 230 -19.61 13.81 20.48
CA ARG A 230 -20.62 12.75 20.68
C ARG A 230 -21.83 12.98 19.75
N ARG A 231 -22.29 14.20 19.63
CA ARG A 231 -23.46 14.41 18.75
C ARG A 231 -23.09 14.08 17.31
N LEU A 232 -21.81 14.25 16.96
CA LEU A 232 -21.37 14.01 15.58
C LEU A 232 -20.91 12.57 15.33
N GLY A 233 -20.93 11.71 16.36
CA GLY A 233 -20.65 10.29 16.16
C GLY A 233 -19.53 9.66 16.99
N ALA A 234 -18.82 10.44 17.81
CA ALA A 234 -17.83 9.85 18.71
C ALA A 234 -18.57 9.07 19.79
N THR A 235 -18.09 7.87 20.09
CA THR A 235 -18.71 7.04 21.10
C THR A 235 -17.81 6.87 22.32
N VAL A 236 -16.62 7.46 22.27
CA VAL A 236 -15.73 7.49 23.42
C VAL A 236 -15.21 8.91 23.54
N THR A 237 -15.25 9.49 24.74
CA THR A 237 -14.75 10.85 24.94
C THR A 237 -13.91 10.97 26.22
N VAL A 238 -12.92 11.87 26.22
CA VAL A 238 -12.17 12.12 27.44
C VAL A 238 -11.66 13.55 27.50
N ASN A 239 -11.79 14.16 28.67
CA ASN A 239 -11.38 15.55 28.89
C ASN A 239 -9.95 15.57 29.45
N ALA A 240 -9.01 16.08 28.66
CA ALA A 240 -7.60 16.05 29.04
C ALA A 240 -7.22 17.14 30.07
N LYS A 241 -8.17 18.02 30.39
CA LYS A 241 -7.96 19.08 31.42
C LYS A 241 -8.38 18.57 32.80
N THR A 242 -9.40 17.70 32.85
CA THR A 242 -9.84 17.11 34.11
C THR A 242 -9.27 15.73 34.40
N VAL A 243 -8.78 15.05 33.38
CA VAL A 243 -8.19 13.72 33.60
C VAL A 243 -6.68 13.82 33.37
N ALA A 244 -5.93 13.32 34.35
CA ALA A 244 -4.45 13.48 34.37
C ALA A 244 -3.76 12.76 33.21
N ASP A 245 -4.16 11.50 33.04
CA ASP A 245 -3.66 10.61 32.00
C ASP A 245 -4.80 10.23 31.00
N PRO A 246 -5.11 11.15 30.05
CA PRO A 246 -6.16 10.83 29.07
C PRO A 246 -5.80 9.62 28.21
N ALA A 247 -4.51 9.46 27.89
CA ALA A 247 -4.03 8.37 27.03
C ALA A 247 -4.37 7.02 27.64
N ALA A 248 -4.23 6.90 28.95
CA ALA A 248 -4.53 5.64 29.64
C ALA A 248 -6.03 5.29 29.55
N TYR A 249 -6.90 6.30 29.64
CA TYR A 249 -8.34 6.06 29.48
C TYR A 249 -8.68 5.61 28.04
N ILE A 250 -8.06 6.25 27.06
CA ILE A 250 -8.28 5.88 25.65
C ILE A 250 -7.89 4.42 25.40
N ARG A 251 -6.70 4.05 25.88
CA ARG A 251 -6.19 2.70 25.67
C ARG A 251 -7.18 1.69 26.26
N LYS A 252 -7.62 1.94 27.49
CA LYS A 252 -8.64 1.09 28.13
C LYS A 252 -9.91 0.99 27.27
N GLU A 253 -10.40 2.13 26.79
CA GLU A 253 -11.64 2.15 26.01
C GLU A 253 -11.52 1.61 24.58
N THR A 254 -10.30 1.39 24.07
CA THR A 254 -10.09 0.87 22.70
C THR A 254 -9.30 -0.43 22.64
N ASP A 255 -9.22 -1.18 23.74
CA ASP A 255 -8.52 -2.48 23.77
C ASP A 255 -7.06 -2.36 23.50
N GLY A 256 -6.44 -1.38 24.12
CA GLY A 256 -4.99 -1.22 24.05
C GLY A 256 -4.52 -0.11 23.15
N GLY A 257 -5.45 0.72 22.66
CA GLY A 257 -5.07 1.82 21.80
C GLY A 257 -5.75 1.82 20.46
N ALA A 258 -5.79 2.99 19.86
CA ALA A 258 -6.42 3.20 18.58
C ALA A 258 -5.44 2.85 17.44
N GLN A 259 -5.94 2.37 16.30
CA GLN A 259 -5.05 2.13 15.14
C GLN A 259 -4.58 3.45 14.53
N GLY A 260 -5.40 4.49 14.68
CA GLY A 260 -5.05 5.80 14.20
C GLY A 260 -5.34 6.89 15.24
N VAL A 261 -4.58 7.97 15.16
CA VAL A 261 -4.82 9.15 15.97
C VAL A 261 -4.59 10.36 15.04
N LEU A 262 -5.53 11.31 15.05
CA LEU A 262 -5.39 12.56 14.31
C LEU A 262 -5.31 13.69 15.31
N VAL A 263 -4.19 14.42 15.34
CA VAL A 263 -4.00 15.51 16.28
C VAL A 263 -4.29 16.82 15.54
N THR A 264 -5.41 17.45 15.88
CA THR A 264 -5.77 18.70 15.24
C THR A 264 -5.61 19.84 16.24
N ALA A 265 -5.17 19.54 17.46
CA ALA A 265 -5.11 20.48 18.55
C ALA A 265 -4.11 21.62 18.34
N VAL A 266 -4.23 22.67 19.14
CA VAL A 266 -3.38 23.85 19.03
C VAL A 266 -2.46 24.01 20.26
N SER A 267 -2.18 22.88 20.90
CA SER A 267 -1.25 22.84 22.06
C SER A 267 -0.32 21.66 21.87
N PRO A 268 1.01 21.88 22.03
CA PRO A 268 1.98 20.78 21.90
C PRO A 268 1.74 19.64 22.89
N LYS A 269 1.24 19.92 24.10
CA LYS A 269 0.95 18.83 25.05
C LYS A 269 -0.06 17.78 24.50
N ALA A 270 -0.99 18.22 23.66
CA ALA A 270 -1.90 17.26 23.01
C ALA A 270 -1.07 16.24 22.22
N PHE A 271 -0.07 16.77 21.50
CA PHE A 271 0.77 15.96 20.59
C PHE A 271 1.54 14.98 21.45
N GLU A 272 2.12 15.48 22.52
CA GLU A 272 2.85 14.64 23.44
C GLU A 272 1.97 13.47 23.95
N GLN A 273 0.76 13.76 24.41
CA GLN A 273 -0.18 12.74 24.96
C GLN A 273 -0.80 11.80 23.88
N ALA A 274 -0.93 12.29 22.66
CA ALA A 274 -1.44 11.48 21.54
C ALA A 274 -0.61 10.21 21.34
N LEU A 275 0.70 10.36 21.51
CA LEU A 275 1.64 9.22 21.36
C LEU A 275 1.32 8.08 22.29
N GLY A 276 0.59 8.33 23.38
CA GLY A 276 0.20 7.26 24.30
C GLY A 276 -1.15 6.63 23.97
N MET A 277 -1.84 7.15 22.95
CA MET A 277 -3.21 6.67 22.63
C MET A 277 -3.26 5.62 21.52
N VAL A 278 -2.15 5.47 20.83
CA VAL A 278 -2.08 4.64 19.65
C VAL A 278 -1.69 3.20 20.06
N ALA A 279 -2.37 2.22 19.48
CA ALA A 279 -1.96 0.83 19.58
C ALA A 279 -0.56 0.59 19.02
N ARG A 280 0.02 -0.54 19.38
CA ARG A 280 1.26 -0.94 18.72
C ARG A 280 1.00 -1.00 17.23
N GLY A 281 1.96 -0.54 16.45
CA GLY A 281 1.78 -0.55 14.99
C GLY A 281 0.86 0.53 14.45
N GLY A 282 0.34 1.38 15.32
CA GLY A 282 -0.59 2.41 14.88
C GLY A 282 0.12 3.67 14.36
N THR A 283 -0.67 4.62 13.86
CA THR A 283 -0.15 5.83 13.22
C THR A 283 -0.82 7.07 13.82
N VAL A 284 0.02 8.02 14.23
CA VAL A 284 -0.40 9.30 14.69
C VAL A 284 -0.19 10.29 13.56
N SER A 285 -1.29 10.84 13.05
CA SER A 285 -1.28 11.81 11.96
C SER A 285 -1.40 13.24 12.53
N LEU A 286 -0.50 14.12 12.12
CA LEU A 286 -0.42 15.47 12.68
C LEU A 286 -0.98 16.51 11.72
N ASN A 287 -1.99 17.28 12.17
CA ASN A 287 -2.49 18.41 11.39
C ASN A 287 -2.18 19.75 12.06
N GLY A 288 -2.30 19.78 13.37
CA GLY A 288 -2.21 21.05 14.09
C GLY A 288 -0.84 21.66 13.95
N LEU A 289 -0.76 22.98 14.07
CA LEU A 289 0.46 23.74 13.79
C LEU A 289 0.81 24.74 14.91
N PRO A 290 0.69 24.30 16.19
CA PRO A 290 1.21 25.19 17.23
C PRO A 290 2.71 25.43 17.03
N PRO A 291 3.21 26.60 17.43
CA PRO A 291 4.67 26.81 17.30
C PRO A 291 5.47 25.88 18.21
N GLY A 292 6.70 25.59 17.84
CA GLY A 292 7.62 24.88 18.73
C GLY A 292 7.59 23.36 18.56
N ASP A 293 8.19 22.71 19.54
CA ASP A 293 8.43 21.26 19.56
C ASP A 293 7.53 20.52 20.59
N PHE A 294 7.44 19.19 20.45
CA PHE A 294 6.92 18.34 21.51
C PHE A 294 7.95 17.22 21.81
N PRO A 295 8.01 16.71 23.06
CA PRO A 295 8.96 15.64 23.33
C PRO A 295 8.46 14.27 22.86
N LEU A 296 9.36 13.53 22.19
CA LEU A 296 9.06 12.25 21.62
C LEU A 296 9.91 11.20 22.34
N SER A 297 9.28 10.18 22.87
CA SER A 297 10.02 9.03 23.39
C SER A 297 10.38 8.10 22.22
N ILE A 298 11.63 8.15 21.78
CA ILE A 298 12.03 7.29 20.67
C ILE A 298 11.99 5.84 21.12
N PHE A 299 12.34 5.61 22.39
CA PHE A 299 12.27 4.27 22.98
C PHE A 299 10.92 3.63 22.77
N ASN A 300 9.86 4.34 23.17
CA ASN A 300 8.49 3.82 23.06
C ASN A 300 8.05 3.63 21.61
N MET A 301 8.39 4.60 20.76
CA MET A 301 8.09 4.51 19.35
C MET A 301 8.68 3.28 18.69
N VAL A 302 9.95 2.97 18.99
CA VAL A 302 10.61 1.83 18.41
C VAL A 302 10.08 0.52 19.01
N LEU A 303 9.99 0.45 20.34
CA LEU A 303 9.46 -0.76 21.01
C LEU A 303 8.08 -1.11 20.45
N ASN A 304 7.24 -0.09 20.25
CA ASN A 304 5.85 -0.29 19.90
C ASN A 304 5.56 -0.21 18.40
N GLY A 305 6.57 0.01 17.58
CA GLY A 305 6.36 0.06 16.13
C GLY A 305 5.42 1.18 15.70
N VAL A 306 5.55 2.34 16.32
CA VAL A 306 4.62 3.47 16.09
C VAL A 306 5.14 4.40 14.97
N THR A 307 4.18 4.96 14.20
CA THR A 307 4.45 5.94 13.16
C THR A 307 3.81 7.27 13.55
N VAL A 308 4.58 8.35 13.35
CA VAL A 308 4.09 9.73 13.46
C VAL A 308 4.31 10.38 12.09
N ARG A 309 3.29 11.04 11.55
CA ARG A 309 3.29 11.50 10.18
C ARG A 309 2.63 12.88 10.07
N GLY A 310 3.32 13.83 9.46
CA GLY A 310 2.75 15.16 9.26
C GLY A 310 1.85 15.16 8.04
N SER A 311 0.71 15.85 8.10
CA SER A 311 -0.22 15.85 6.94
C SER A 311 -0.59 17.28 6.63
N ILE A 312 -0.43 17.70 5.37
N ILE A 312 -0.46 17.70 5.37
CA ILE A 312 -0.68 19.12 5.00
CA ILE A 312 -0.64 19.12 4.99
C ILE A 312 -1.79 19.21 3.98
C ILE A 312 -1.75 19.28 3.96
N VAL A 313 -2.84 19.92 4.36
CA VAL A 313 -4.06 20.10 3.53
C VAL A 313 -4.37 18.90 2.69
N GLY A 314 -4.69 19.10 1.42
CA GLY A 314 -4.87 18.00 0.50
C GLY A 314 -4.69 18.48 -0.92
N THR A 315 -4.46 17.52 -1.81
CA THR A 315 -4.25 17.79 -3.21
C THR A 315 -5.61 18.24 -3.78
N ARG A 316 -5.61 18.69 -5.03
CA ARG A 316 -6.86 19.05 -5.67
C ARG A 316 -7.84 17.86 -5.70
N LEU A 317 -7.31 16.65 -5.85
CA LEU A 317 -8.13 15.46 -5.84
C LEU A 317 -8.70 15.16 -4.45
N ASP A 318 -7.86 15.29 -3.44
CA ASP A 318 -8.32 15.18 -2.07
C ASP A 318 -9.47 16.16 -1.80
N LEU A 319 -9.32 17.41 -2.25
CA LEU A 319 -10.31 18.45 -2.08
C LEU A 319 -11.62 18.07 -2.75
N GLN A 320 -11.57 17.63 -4.00
CA GLN A 320 -12.77 17.16 -4.67
C GLN A 320 -13.48 16.05 -3.88
N GLU A 321 -12.71 15.05 -3.46
CA GLU A 321 -13.26 13.94 -2.66
C GLU A 321 -13.93 14.49 -1.41
N SER A 322 -13.27 15.42 -0.75
CA SER A 322 -13.79 15.94 0.51
C SER A 322 -15.08 16.73 0.30
N LEU A 323 -15.18 17.43 -0.83
CA LEU A 323 -16.37 18.16 -1.19
C LEU A 323 -17.56 17.22 -1.47
N ASP A 324 -17.28 16.08 -2.11
CA ASP A 324 -18.33 15.10 -2.42
C ASP A 324 -18.99 14.52 -1.17
N PHE A 325 -18.21 14.32 -0.08
CA PHE A 325 -18.79 13.96 1.23
C PHE A 325 -19.83 14.96 1.71
N ALA A 326 -19.50 16.26 1.65
CA ALA A 326 -20.44 17.34 2.02
C ALA A 326 -21.63 17.36 1.07
N ALA A 327 -21.36 17.31 -0.23
CA ALA A 327 -22.44 17.20 -1.23
C ALA A 327 -23.48 16.10 -0.93
N ASP A 328 -23.01 14.93 -0.49
CA ASP A 328 -23.85 13.77 -0.34
C ASP A 328 -24.46 13.68 1.07
N GLY A 329 -24.23 14.71 1.89
CA GLY A 329 -24.87 14.79 3.19
C GLY A 329 -24.16 13.98 4.26
N LYS A 330 -22.98 13.42 3.95
CA LYS A 330 -22.26 12.58 4.90
C LYS A 330 -21.44 13.38 5.93
N VAL A 331 -21.10 14.61 5.62
CA VAL A 331 -20.52 15.52 6.61
C VAL A 331 -21.21 16.87 6.42
N LYS A 332 -21.18 17.68 7.48
CA LYS A 332 -21.82 18.97 7.50
C LYS A 332 -21.14 19.83 8.57
N ALA A 333 -20.53 20.91 8.15
CA ALA A 333 -19.80 21.78 9.07
C ALA A 333 -20.77 22.42 10.07
N THR A 334 -20.35 22.50 11.34
CA THR A 334 -21.10 23.22 12.36
C THR A 334 -20.58 24.64 12.35
N ILE A 335 -21.44 25.57 11.96
CA ILE A 335 -20.99 26.92 11.69
C ILE A 335 -21.85 27.93 12.46
N GLN A 336 -21.23 29.04 12.82
CA GLN A 336 -21.98 30.25 13.12
C GLN A 336 -21.43 31.34 12.23
N THR A 337 -22.32 32.16 11.65
CA THR A 337 -21.88 33.19 10.72
C THR A 337 -21.52 34.46 11.48
N GLY A 338 -20.59 35.21 10.90
CA GLY A 338 -20.16 36.50 11.41
C GLY A 338 -20.01 37.44 10.22
N LYS A 339 -19.54 38.65 10.50
CA LYS A 339 -19.30 39.65 9.49
C LYS A 339 -17.82 39.94 9.41
N LEU A 340 -17.37 40.39 8.25
CA LEU A 340 -15.98 40.74 8.02
C LEU A 340 -15.45 41.69 9.09
N GLU A 341 -16.30 42.66 9.47
CA GLU A 341 -15.98 43.65 10.49
C GLU A 341 -15.72 43.04 11.87
N ASP A 342 -16.34 41.89 12.16
CA ASP A 342 -16.19 41.22 13.45
C ASP A 342 -14.89 40.36 13.53
N ILE A 343 -13.95 40.48 12.59
CA ILE A 343 -12.86 39.47 12.54
C ILE A 343 -12.03 39.45 13.85
N ASN A 344 -11.81 40.62 14.43
CA ASN A 344 -11.04 40.69 15.69
C ASN A 344 -11.76 40.00 16.87
N ALA A 345 -13.06 40.20 16.98
CA ALA A 345 -13.84 39.52 18.01
C ALA A 345 -13.86 38.00 17.75
N ILE A 346 -13.91 37.60 16.48
CA ILE A 346 -13.83 36.20 16.12
C ILE A 346 -12.49 35.60 16.54
N PHE A 347 -11.39 36.32 16.28
CA PHE A 347 -10.08 35.85 16.71
C PHE A 347 -9.93 35.74 18.26
N ASP A 348 -10.53 36.68 19.00
CA ASP A 348 -10.61 36.53 20.48
C ASP A 348 -11.32 35.24 20.86
N ASP A 349 -12.46 34.98 20.21
CA ASP A 349 -13.26 33.79 20.50
C ASP A 349 -12.45 32.51 20.22
N MET A 350 -11.78 32.49 19.07
CA MET A 350 -10.96 31.35 18.67
C MET A 350 -9.84 31.12 19.70
N ARG A 351 -9.09 32.18 19.97
CA ARG A 351 -8.01 32.18 20.94
C ARG A 351 -8.47 31.65 22.34
N GLN A 352 -9.67 32.02 22.77
CA GLN A 352 -10.19 31.69 24.10
C GLN A 352 -11.00 30.36 24.14
N GLY A 353 -11.09 29.68 23.00
CA GLY A 353 -11.77 28.36 22.89
C GLY A 353 -13.28 28.42 22.96
N ASN A 354 -13.87 29.51 22.45
CA ASN A 354 -15.33 29.71 22.49
C ASN A 354 -15.99 29.63 21.14
N ILE A 355 -15.45 28.81 20.25
CA ILE A 355 -16.13 28.52 19.01
C ILE A 355 -16.57 27.05 19.02
N GLU A 356 -17.87 26.83 18.78
CA GLU A 356 -18.42 25.48 18.53
C GLU A 356 -18.30 25.21 17.02
N GLY A 357 -17.32 24.44 16.61
CA GLY A 357 -17.12 24.18 15.19
C GLY A 357 -16.35 25.30 14.52
N ARG A 358 -16.98 25.95 13.52
CA ARG A 358 -16.34 26.97 12.67
C ARG A 358 -17.15 28.27 12.65
N ILE A 359 -16.42 29.39 12.60
CA ILE A 359 -17.02 30.68 12.25
C ILE A 359 -16.71 30.99 10.78
N VAL A 360 -17.78 31.31 10.05
CA VAL A 360 -17.71 31.63 8.64
C VAL A 360 -18.26 33.05 8.49
N MET A 361 -17.45 33.96 7.97
CA MET A 361 -17.96 35.31 7.68
C MET A 361 -18.83 35.32 6.43
N ASP A 362 -19.97 35.99 6.54
CA ASP A 362 -20.95 36.09 5.46
C ASP A 362 -20.78 37.50 4.88
N LEU A 363 -20.23 37.57 3.69
CA LEU A 363 -20.02 38.84 2.98
C LEU A 363 -21.19 39.31 2.10
N THR A 364 -22.34 38.64 2.12
CA THR A 364 -23.50 39.11 1.32
C THR A 364 -24.21 40.31 1.98
N LYS B 24 12.31 25.40 -45.19
CA LYS B 24 10.82 25.42 -44.96
C LYS B 24 10.17 24.01 -44.92
N THR B 25 10.83 23.00 -45.50
CA THR B 25 10.26 21.63 -45.48
C THR B 25 11.18 20.58 -44.84
N MET B 26 10.58 19.44 -44.50
CA MET B 26 11.29 18.36 -43.86
C MET B 26 10.92 17.01 -44.50
N LYS B 27 11.77 16.02 -44.30
CA LYS B 27 11.47 14.65 -44.68
C LYS B 27 10.62 13.98 -43.58
N ALA B 28 9.66 13.18 -44.00
CA ALA B 28 8.73 12.51 -43.10
C ALA B 28 8.18 11.24 -43.74
N ALA B 29 7.99 10.21 -42.91
CA ALA B 29 7.39 8.96 -43.33
C ALA B 29 5.91 9.03 -43.01
N VAL B 30 5.08 9.15 -44.04
CA VAL B 30 3.64 9.38 -43.89
C VAL B 30 2.81 8.14 -44.24
N VAL B 31 1.88 7.77 -43.37
CA VAL B 31 0.85 6.78 -43.69
C VAL B 31 -0.27 7.54 -44.42
N ARG B 32 -0.46 7.27 -45.70
CA ARG B 32 -1.54 7.89 -46.49
C ARG B 32 -2.76 6.98 -46.67
N ALA B 33 -2.57 5.67 -46.56
CA ALA B 33 -3.67 4.71 -46.61
C ALA B 33 -3.32 3.47 -45.79
N PHE B 34 -4.24 3.03 -44.95
CA PHE B 34 -4.01 1.89 -44.11
C PHE B 34 -3.56 0.67 -44.90
N GLY B 35 -2.54 -0.01 -44.41
CA GLY B 35 -2.07 -1.25 -45.02
C GLY B 35 -1.17 -1.07 -46.22
N LYS B 36 -1.06 0.16 -46.73
CA LYS B 36 -0.24 0.43 -47.90
C LYS B 36 1.12 0.98 -47.47
N PRO B 37 2.11 0.92 -48.38
CA PRO B 37 3.43 1.46 -48.07
C PRO B 37 3.41 2.90 -47.58
N LEU B 38 4.30 3.23 -46.63
CA LEU B 38 4.52 4.62 -46.22
C LEU B 38 5.37 5.30 -47.27
N THR B 39 5.06 6.56 -47.55
CA THR B 39 5.88 7.37 -48.46
C THR B 39 6.79 8.31 -47.67
N ILE B 40 8.03 8.45 -48.15
CA ILE B 40 8.97 9.43 -47.62
C ILE B 40 8.73 10.72 -48.40
N ASP B 41 8.14 11.71 -47.74
CA ASP B 41 7.65 12.89 -48.42
C ASP B 41 8.28 14.15 -47.87
N GLU B 42 8.28 15.19 -48.69
CA GLU B 42 8.72 16.53 -48.28
C GLU B 42 7.47 17.25 -47.85
N VAL B 43 7.38 17.58 -46.57
CA VAL B 43 6.18 18.15 -45.98
C VAL B 43 6.60 19.39 -45.23
N PRO B 44 5.64 20.30 -44.96
CA PRO B 44 6.02 21.49 -44.24
C PRO B 44 6.43 21.20 -42.79
N ILE B 45 7.34 22.02 -42.27
CA ILE B 45 7.85 21.92 -40.93
C ILE B 45 6.83 22.53 -39.97
N PRO B 46 6.31 21.71 -39.03
CA PRO B 46 5.33 22.27 -38.10
C PRO B 46 5.96 23.33 -37.18
N GLN B 47 5.27 24.46 -37.04
CA GLN B 47 5.76 25.56 -36.21
C GLN B 47 5.03 25.55 -34.87
N PRO B 48 5.74 25.85 -33.76
CA PRO B 48 5.09 25.82 -32.45
C PRO B 48 4.27 27.07 -32.16
N GLY B 49 3.01 26.85 -31.82
CA GLY B 49 2.14 27.94 -31.32
C GLY B 49 2.37 28.15 -29.83
N PRO B 50 1.57 29.00 -29.19
CA PRO B 50 1.67 29.23 -27.75
C PRO B 50 1.54 27.91 -27.00
N GLY B 51 2.32 27.78 -25.94
CA GLY B 51 2.37 26.57 -25.15
C GLY B 51 2.91 25.32 -25.84
N GLN B 52 3.55 25.47 -27.00
CA GLN B 52 4.14 24.37 -27.70
C GLN B 52 5.66 24.54 -27.89
N ILE B 53 6.34 23.44 -28.16
CA ILE B 53 7.72 23.47 -28.60
C ILE B 53 7.92 22.64 -29.88
N GLN B 54 9.05 22.87 -30.54
CA GLN B 54 9.47 22.10 -31.72
C GLN B 54 10.76 21.39 -31.38
N VAL B 55 10.85 20.14 -31.84
CA VAL B 55 11.98 19.29 -31.60
C VAL B 55 12.59 18.79 -32.91
N ALA B 56 13.92 18.98 -33.05
CA ALA B 56 14.71 18.44 -34.14
C ALA B 56 15.10 17.00 -33.78
N ILE B 57 14.46 16.02 -34.41
CA ILE B 57 14.55 14.62 -34.06
C ILE B 57 15.89 14.08 -34.53
N GLN B 58 16.64 13.44 -33.63
CA GLN B 58 17.94 12.86 -33.98
C GLN B 58 17.86 11.34 -34.15
N ALA B 59 16.99 10.71 -33.36
CA ALA B 59 16.75 9.28 -33.42
C ALA B 59 15.28 9.04 -33.19
N SER B 60 14.76 7.92 -33.69
CA SER B 60 13.36 7.65 -33.66
C SER B 60 13.09 6.14 -33.63
N GLY B 61 12.64 5.66 -32.48
CA GLY B 61 12.39 4.25 -32.30
C GLY B 61 11.11 3.82 -32.97
N VAL B 62 11.06 2.53 -33.33
CA VAL B 62 9.92 1.94 -34.01
C VAL B 62 9.31 0.89 -33.08
N CYS B 63 7.99 0.91 -32.96
N CYS B 63 8.01 1.05 -32.76
CA CYS B 63 7.28 0.05 -32.01
CA CYS B 63 7.24 0.09 -31.91
C CYS B 63 6.22 -0.70 -32.78
C CYS B 63 6.35 -0.76 -32.83
N HIS B 64 5.83 -1.88 -32.29
CA HIS B 64 4.72 -2.63 -32.92
C HIS B 64 3.45 -1.79 -33.03
N THR B 65 3.25 -0.90 -32.08
CA THR B 65 2.14 0.06 -32.14
C THR B 65 2.16 0.90 -33.41
N ASP B 66 3.34 1.30 -33.87
CA ASP B 66 3.44 2.03 -35.14
C ASP B 66 2.92 1.23 -36.31
N LEU B 67 3.21 -0.08 -36.28
CA LEU B 67 2.77 -1.00 -37.33
C LEU B 67 1.24 -1.07 -37.31
N HIS B 68 0.67 -1.25 -36.11
CA HIS B 68 -0.79 -1.25 -35.97
C HIS B 68 -1.41 0.09 -36.38
N ALA B 69 -0.71 1.19 -36.14
CA ALA B 69 -1.19 2.51 -36.62
C ALA B 69 -1.22 2.56 -38.15
N ALA B 70 -0.16 2.10 -38.80
CA ALA B 70 -0.07 2.11 -40.26
C ALA B 70 -1.09 1.16 -40.92
N GLU B 71 -1.45 0.09 -40.22
CA GLU B 71 -2.39 -0.91 -40.78
C GLU B 71 -3.87 -0.55 -40.53
N GLY B 72 -4.12 0.24 -39.49
CA GLY B 72 -5.47 0.63 -39.12
C GLY B 72 -6.21 -0.53 -38.49
N ASP B 73 -5.44 -1.36 -37.77
CA ASP B 73 -5.87 -2.64 -37.14
C ASP B 73 -6.88 -2.51 -36.00
N TRP B 74 -6.79 -1.42 -35.24
CA TRP B 74 -7.41 -1.33 -33.92
C TRP B 74 -8.76 -0.64 -33.94
N PRO B 75 -9.59 -0.82 -32.87
CA PRO B 75 -10.95 -0.25 -32.93
C PRO B 75 -10.98 1.27 -33.15
N VAL B 76 -10.17 2.01 -32.37
CA VAL B 76 -10.01 3.47 -32.59
C VAL B 76 -8.80 3.68 -33.50
N LYS B 77 -9.03 4.33 -34.65
CA LYS B 77 -8.01 4.44 -35.69
C LYS B 77 -7.42 5.85 -35.81
N PRO B 78 -6.18 5.94 -36.33
CA PRO B 78 -5.66 7.22 -36.79
C PRO B 78 -6.50 7.77 -37.95
N ASN B 79 -6.18 9.00 -38.33
CA ASN B 79 -6.86 9.69 -39.41
CA ASN B 79 -6.87 9.72 -39.39
C ASN B 79 -5.84 10.09 -40.46
N PRO B 80 -5.61 9.20 -41.46
CA PRO B 80 -4.62 9.49 -42.51
C PRO B 80 -4.91 10.79 -43.25
N PRO B 81 -3.86 11.48 -43.73
CA PRO B 81 -2.45 11.14 -43.63
C PRO B 81 -1.88 11.47 -42.24
N PHE B 82 -0.94 10.66 -41.74
CA PHE B 82 -0.31 10.99 -40.47
C PHE B 82 1.11 10.40 -40.40
N ILE B 83 1.88 10.91 -39.46
CA ILE B 83 3.26 10.50 -39.27
C ILE B 83 3.31 9.69 -37.98
N PRO B 84 3.67 8.39 -38.04
CA PRO B 84 3.80 7.63 -36.80
C PRO B 84 5.03 8.05 -35.96
N GLY B 85 5.23 7.33 -34.87
CA GLY B 85 6.46 7.39 -34.08
C GLY B 85 6.28 8.04 -32.74
N HIS B 86 6.43 7.28 -31.65
CA HIS B 86 6.36 7.83 -30.30
C HIS B 86 7.61 7.47 -29.51
N GLU B 87 8.73 7.39 -30.22
CA GLU B 87 10.02 7.21 -29.59
C GLU B 87 10.99 8.16 -30.25
N GLY B 88 10.52 9.36 -30.60
CA GLY B 88 11.34 10.40 -31.19
C GLY B 88 12.10 11.16 -30.11
N VAL B 89 13.39 11.33 -30.31
CA VAL B 89 14.29 11.99 -29.34
C VAL B 89 15.16 12.98 -30.13
N GLY B 90 15.40 14.14 -29.54
CA GLY B 90 16.27 15.12 -30.16
C GLY B 90 16.48 16.38 -29.35
N PHE B 91 16.73 17.49 -30.05
CA PHE B 91 16.96 18.78 -29.42
C PHE B 91 15.79 19.71 -29.67
N VAL B 92 15.39 20.45 -28.65
CA VAL B 92 14.45 21.55 -28.84
C VAL B 92 15.02 22.55 -29.85
N SER B 93 14.25 22.86 -30.88
CA SER B 93 14.71 23.69 -31.98
C SER B 93 13.93 25.03 -32.06
N ALA B 94 12.79 25.13 -31.36
CA ALA B 94 12.04 26.39 -31.27
C ALA B 94 11.08 26.28 -30.10
N VAL B 95 10.79 27.42 -29.48
CA VAL B 95 9.98 27.47 -28.27
C VAL B 95 8.85 28.46 -28.53
N GLY B 96 7.62 28.01 -28.26
CA GLY B 96 6.43 28.82 -28.53
C GLY B 96 6.16 29.82 -27.43
N SER B 97 5.21 30.73 -27.69
CA SER B 97 4.88 31.80 -26.73
C SER B 97 4.54 31.20 -25.39
N GLY B 98 5.02 31.84 -24.33
CA GLY B 98 4.60 31.52 -22.96
C GLY B 98 5.12 30.25 -22.33
N VAL B 99 5.99 29.52 -23.03
CA VAL B 99 6.54 28.28 -22.49
C VAL B 99 7.64 28.59 -21.50
N LYS B 100 7.56 27.97 -20.32
CA LYS B 100 8.52 28.20 -19.26
C LYS B 100 9.59 27.11 -19.22
N HIS B 101 10.79 27.50 -18.80
CA HIS B 101 11.94 26.61 -18.51
C HIS B 101 12.64 25.98 -19.73
N VAL B 102 11.90 25.26 -20.54
CA VAL B 102 12.43 24.71 -21.81
C VAL B 102 13.16 25.74 -22.65
N LYS B 103 14.36 25.41 -23.12
CA LYS B 103 15.02 26.22 -24.12
C LYS B 103 15.60 25.42 -25.26
N GLU B 104 15.99 26.16 -26.30
CA GLU B 104 16.61 25.58 -27.46
C GLU B 104 17.87 24.86 -27.05
N GLY B 105 18.09 23.69 -27.63
CA GLY B 105 19.17 22.78 -27.26
C GLY B 105 18.84 21.78 -26.14
N ASP B 106 17.74 21.94 -25.41
CA ASP B 106 17.37 20.97 -24.39
C ASP B 106 17.14 19.60 -25.04
N ARG B 107 17.59 18.55 -24.38
CA ARG B 107 17.42 17.18 -24.87
C ARG B 107 16.10 16.61 -24.43
N VAL B 108 15.20 16.34 -25.37
CA VAL B 108 13.86 15.86 -25.03
C VAL B 108 13.37 14.77 -25.99
N GLY B 109 12.42 13.97 -25.50
CA GLY B 109 11.71 12.97 -26.32
C GLY B 109 10.22 13.18 -26.27
N ILE B 110 9.52 12.71 -27.29
CA ILE B 110 8.09 12.86 -27.38
C ILE B 110 7.44 11.46 -27.32
N PRO B 111 7.05 10.99 -26.12
CA PRO B 111 6.54 9.65 -25.97
C PRO B 111 5.05 9.56 -26.31
N TRP B 112 4.52 8.36 -26.14
CA TRP B 112 3.14 8.00 -26.45
C TRP B 112 2.15 8.99 -25.92
N LEU B 113 2.27 9.32 -24.63
CA LEU B 113 1.37 10.30 -24.02
C LEU B 113 1.78 11.70 -24.43
N TYR B 114 1.07 12.22 -25.44
CA TYR B 114 1.39 13.51 -26.03
C TYR B 114 0.90 14.63 -25.14
N THR B 115 -0.31 14.47 -24.66
CA THR B 115 -0.91 15.41 -23.72
C THR B 115 -2.10 14.73 -23.01
N ALA B 116 -2.56 15.33 -21.91
CA ALA B 116 -3.70 14.81 -21.15
C ALA B 116 -4.43 16.02 -20.59
N CYS B 117 -5.65 15.84 -20.08
CA CYS B 117 -6.50 17.01 -19.79
C CYS B 117 -6.02 17.85 -18.58
N GLY B 118 -5.42 17.22 -17.57
CA GLY B 118 -4.92 17.92 -16.41
C GLY B 118 -5.96 18.17 -15.34
N HIS B 119 -7.25 17.93 -15.62
CA HIS B 119 -8.34 18.12 -14.62
C HIS B 119 -9.23 16.91 -14.20
N CYS B 120 -9.09 15.74 -14.83
CA CYS B 120 -9.92 14.62 -14.50
C CYS B 120 -9.33 13.92 -13.29
N ARG B 121 -10.08 12.97 -12.72
CA ARG B 121 -9.62 12.27 -11.52
CA ARG B 121 -9.60 12.31 -11.51
C ARG B 121 -8.33 11.51 -11.78
N HIS B 122 -8.21 10.91 -12.97
CA HIS B 122 -6.97 10.21 -13.34
C HIS B 122 -5.79 11.20 -13.35
N CYS B 123 -5.93 12.31 -14.06
CA CYS B 123 -4.84 13.32 -14.13
C CYS B 123 -4.49 13.89 -12.74
N LEU B 124 -5.51 14.18 -11.94
CA LEU B 124 -5.28 14.80 -10.63
C LEU B 124 -4.68 13.80 -9.63
N GLY B 125 -4.89 12.51 -9.88
CA GLY B 125 -4.37 11.48 -9.01
C GLY B 125 -3.00 10.98 -9.40
N GLY B 126 -2.40 11.58 -10.42
CA GLY B 126 -1.08 11.17 -10.92
C GLY B 126 -1.12 9.95 -11.86
N TRP B 127 -2.26 9.71 -12.50
CA TRP B 127 -2.44 8.54 -13.37
C TRP B 127 -2.90 9.04 -14.74
N GLU B 128 -2.14 10.00 -15.29
CA GLU B 128 -2.50 10.63 -16.55
C GLU B 128 -2.45 9.68 -17.75
N THR B 129 -1.72 8.56 -17.63
CA THR B 129 -1.78 7.52 -18.64
C THR B 129 -3.19 7.00 -18.91
N LEU B 130 -4.10 7.20 -17.95
CA LEU B 130 -5.48 6.71 -18.08
C LEU B 130 -6.42 7.78 -18.59
N CYS B 131 -5.94 8.99 -18.78
CA CYS B 131 -6.84 10.12 -19.16
C CYS B 131 -7.64 9.78 -20.40
N GLU B 132 -8.96 9.89 -20.30
CA GLU B 132 -9.86 9.63 -21.44
C GLU B 132 -9.75 10.63 -22.56
N GLU B 133 -9.16 11.78 -22.30
CA GLU B 133 -8.95 12.79 -23.33
C GLU B 133 -7.51 12.92 -23.80
N GLN B 134 -6.66 11.94 -23.56
CA GLN B 134 -5.27 12.02 -24.01
C GLN B 134 -5.17 11.99 -25.51
N LEU B 135 -4.14 12.63 -26.04
CA LEU B 135 -3.70 12.41 -27.41
C LEU B 135 -2.44 11.56 -27.40
N ASN B 136 -2.24 10.81 -28.47
CA ASN B 136 -1.14 9.87 -28.56
C ASN B 136 -0.24 10.17 -29.75
N THR B 137 1.03 10.39 -29.43
CA THR B 137 2.04 10.72 -30.41
C THR B 137 2.20 9.64 -31.48
N GLY B 138 2.12 10.06 -32.73
CA GLY B 138 2.25 9.15 -33.85
C GLY B 138 1.04 8.23 -34.04
N TYR B 139 -0.11 8.66 -33.53
CA TYR B 139 -1.32 7.89 -33.66
C TYR B 139 -2.48 8.87 -33.86
N SER B 140 -2.79 9.69 -32.85
CA SER B 140 -3.83 10.70 -33.00
C SER B 140 -3.30 12.12 -33.28
N VAL B 141 -1.98 12.29 -33.24
CA VAL B 141 -1.31 13.49 -33.74
C VAL B 141 -0.02 12.99 -34.37
N ASN B 142 0.58 13.83 -35.20
CA ASN B 142 1.84 13.49 -35.85
C ASN B 142 2.97 13.29 -34.83
N GLY B 143 3.88 12.38 -35.17
CA GLY B 143 4.90 11.87 -34.29
C GLY B 143 6.27 12.00 -34.90
N GLY B 144 7.16 11.12 -34.48
CA GLY B 144 8.59 11.31 -34.65
C GLY B 144 9.24 10.62 -35.83
N PHE B 145 8.45 10.06 -36.75
CA PHE B 145 9.01 9.50 -37.99
C PHE B 145 9.24 10.65 -38.97
N ALA B 146 10.01 11.66 -38.52
CA ALA B 146 10.24 12.90 -39.29
C ALA B 146 11.34 13.72 -38.64
N GLU B 147 11.83 14.73 -39.35
CA GLU B 147 12.95 15.52 -38.89
C GLU B 147 12.57 16.48 -37.76
N TYR B 148 11.30 16.89 -37.74
CA TYR B 148 10.79 17.77 -36.69
C TYR B 148 9.39 17.32 -36.20
N VAL B 149 9.13 17.62 -34.93
CA VAL B 149 7.87 17.39 -34.27
C VAL B 149 7.50 18.59 -33.40
N VAL B 150 6.23 18.96 -33.43
CA VAL B 150 5.70 19.91 -32.45
C VAL B 150 5.14 19.11 -31.24
N ALA B 151 5.51 19.51 -30.04
CA ALA B 151 5.14 18.77 -28.83
C ALA B 151 4.61 19.71 -27.78
N ASP B 152 3.98 19.13 -26.75
CA ASP B 152 3.54 19.84 -25.55
C ASP B 152 4.67 19.68 -24.55
N PRO B 153 5.31 20.80 -24.16
CA PRO B 153 6.45 20.76 -23.27
C PRO B 153 6.13 20.17 -21.88
N ASN B 154 4.85 20.19 -21.47
CA ASN B 154 4.48 19.62 -20.17
C ASN B 154 4.52 18.11 -20.16
N PHE B 155 4.67 17.49 -21.35
CA PHE B 155 4.60 16.05 -21.47
C PHE B 155 5.80 15.37 -22.07
N VAL B 156 6.79 16.14 -22.55
CA VAL B 156 8.01 15.54 -23.11
C VAL B 156 8.84 14.91 -22.02
N GLY B 157 9.63 13.92 -22.42
CA GLY B 157 10.63 13.33 -21.54
C GLY B 157 11.92 14.13 -21.61
N HIS B 158 12.57 14.34 -20.46
CA HIS B 158 13.83 15.08 -20.40
C HIS B 158 14.96 14.09 -20.34
N LEU B 159 15.82 14.11 -21.34
CA LEU B 159 16.70 12.98 -21.57
C LEU B 159 18.05 13.19 -20.90
N PRO B 160 18.69 12.11 -20.44
CA PRO B 160 19.97 12.30 -19.81
C PRO B 160 21.08 12.63 -20.82
N LYS B 161 21.90 13.61 -20.46
CA LYS B 161 22.87 14.14 -21.39
C LYS B 161 23.95 13.13 -21.77
N ASN B 162 24.19 12.13 -20.91
CA ASN B 162 25.31 11.20 -21.13
C ASN B 162 24.95 10.00 -21.98
N ILE B 163 23.70 9.87 -22.41
CA ILE B 163 23.32 8.70 -23.21
C ILE B 163 22.99 9.12 -24.65
N ASP B 164 23.64 8.47 -25.60
CA ASP B 164 23.44 8.72 -27.02
C ASP B 164 21.96 8.59 -27.37
N PHE B 165 21.52 9.40 -28.32
CA PHE B 165 20.11 9.41 -28.77
C PHE B 165 19.66 8.05 -29.28
N ASN B 166 20.50 7.35 -30.06
CA ASN B 166 20.08 6.05 -30.60
C ASN B 166 19.76 5.09 -29.44
N GLU B 167 20.53 5.20 -28.36
CA GLU B 167 20.43 4.29 -27.23
C GLU B 167 19.30 4.66 -26.27
N ILE B 168 19.00 5.96 -26.13
CA ILE B 168 17.96 6.37 -25.20
C ILE B 168 16.51 6.19 -25.78
N ALA B 169 16.39 6.21 -27.11
CA ALA B 169 15.07 6.26 -27.74
C ALA B 169 14.12 5.15 -27.27
N PRO B 170 14.62 3.92 -27.17
CA PRO B 170 13.75 2.84 -26.72
C PRO B 170 13.21 2.92 -25.29
N VAL B 171 13.83 3.71 -24.43
CA VAL B 171 13.31 3.91 -23.08
C VAL B 171 11.92 4.62 -23.11
N LEU B 172 11.68 5.42 -24.14
CA LEU B 172 10.47 6.21 -24.24
CA LEU B 172 10.46 6.21 -24.28
C LEU B 172 9.20 5.38 -24.39
N CYS B 173 9.30 4.17 -24.94
CA CYS B 173 8.14 3.28 -24.96
C CYS B 173 8.43 1.89 -24.41
N ALA B 174 9.37 1.14 -24.98
CA ALA B 174 9.71 -0.21 -24.45
C ALA B 174 10.17 -0.15 -22.98
N GLY B 175 11.11 0.74 -22.65
CA GLY B 175 11.67 0.80 -21.33
C GLY B 175 10.66 1.20 -20.27
N VAL B 176 10.02 2.36 -20.46
CA VAL B 176 9.00 2.78 -19.50
C VAL B 176 7.87 1.71 -19.37
N THR B 177 7.51 1.07 -20.49
CA THR B 177 6.45 0.04 -20.44
C THR B 177 6.83 -1.12 -19.48
N VAL B 178 8.03 -1.64 -19.63
CA VAL B 178 8.38 -2.81 -18.81
C VAL B 178 8.73 -2.38 -17.39
N TYR B 179 9.23 -1.16 -17.24
CA TYR B 179 9.56 -0.65 -15.89
C TYR B 179 8.28 -0.49 -15.06
N LYS B 180 7.32 0.25 -15.60
CA LYS B 180 5.98 0.36 -14.97
C LYS B 180 5.31 -1.00 -14.82
N GLY B 181 5.43 -1.85 -15.84
CA GLY B 181 4.86 -3.20 -15.81
C GLY B 181 5.39 -3.98 -14.61
N LEU B 182 6.67 -3.81 -14.33
CA LEU B 182 7.32 -4.44 -13.17
C LEU B 182 6.88 -3.81 -11.86
N LYS B 183 6.78 -2.48 -11.79
CA LYS B 183 6.28 -1.84 -10.56
C LYS B 183 4.92 -2.39 -10.14
N VAL B 184 4.05 -2.66 -11.13
CA VAL B 184 2.68 -3.13 -10.83
C VAL B 184 2.57 -4.66 -10.67
N THR B 185 3.68 -5.41 -10.67
CA THR B 185 3.69 -6.78 -10.13
C THR B 185 3.59 -6.82 -8.58
N ASP B 186 3.75 -5.67 -7.92
CA ASP B 186 3.63 -5.56 -6.46
C ASP B 186 4.59 -6.54 -5.79
N THR B 187 5.82 -6.53 -6.28
CA THR B 187 6.87 -7.39 -5.74
C THR B 187 7.87 -6.52 -4.95
N LYS B 188 8.83 -7.17 -4.32
CA LYS B 188 9.82 -6.48 -3.52
C LYS B 188 11.15 -7.17 -3.74
N PRO B 189 12.25 -6.51 -3.35
CA PRO B 189 13.57 -7.10 -3.50
C PRO B 189 13.70 -8.46 -2.85
N GLY B 190 14.30 -9.39 -3.60
CA GLY B 190 14.38 -10.76 -3.17
C GLY B 190 13.28 -11.68 -3.71
N ASP B 191 12.15 -11.13 -4.11
CA ASP B 191 11.13 -11.89 -4.82
C ASP B 191 11.65 -12.43 -6.17
N TRP B 192 11.00 -13.48 -6.66
CA TRP B 192 11.18 -13.96 -8.03
C TRP B 192 10.21 -13.28 -8.95
N VAL B 193 10.71 -12.87 -10.12
CA VAL B 193 9.90 -12.43 -11.23
C VAL B 193 10.32 -13.19 -12.49
N VAL B 194 9.34 -13.56 -13.28
CA VAL B 194 9.57 -14.15 -14.57
C VAL B 194 9.35 -13.06 -15.64
N ILE B 195 10.31 -12.91 -16.55
CA ILE B 195 10.13 -12.13 -17.76
C ILE B 195 9.82 -13.10 -18.90
N SER B 196 8.59 -13.06 -19.38
CA SER B 196 8.16 -13.89 -20.50
C SER B 196 8.35 -13.11 -21.81
N GLY B 197 9.26 -13.61 -22.63
CA GLY B 197 9.62 -13.00 -23.90
C GLY B 197 10.80 -12.07 -23.68
N ILE B 198 11.94 -12.40 -24.28
CA ILE B 198 13.18 -11.61 -24.18
C ILE B 198 13.50 -10.94 -25.55
N GLY B 199 12.52 -10.20 -26.06
CA GLY B 199 12.70 -9.41 -27.27
C GLY B 199 13.07 -7.97 -26.91
N GLY B 200 12.54 -7.06 -27.71
CA GLY B 200 12.79 -5.63 -27.53
C GLY B 200 12.37 -5.14 -26.18
N LEU B 201 11.20 -5.57 -25.71
CA LEU B 201 10.77 -5.19 -24.36
C LEU B 201 11.52 -6.00 -23.32
N GLY B 202 11.59 -7.32 -23.54
CA GLY B 202 12.00 -8.24 -22.49
C GLY B 202 13.45 -8.14 -22.08
N HIS B 203 14.34 -7.85 -23.02
CA HIS B 203 15.74 -7.72 -22.69
C HIS B 203 15.98 -6.49 -21.79
N MET B 204 15.16 -5.47 -21.95
CA MET B 204 15.23 -4.33 -21.05
CA MET B 204 15.18 -4.32 -21.06
C MET B 204 14.62 -4.72 -19.69
N ALA B 205 13.52 -5.47 -19.70
CA ALA B 205 12.84 -5.86 -18.46
C ALA B 205 13.77 -6.67 -17.55
N VAL B 206 14.60 -7.54 -18.16
CA VAL B 206 15.54 -8.31 -17.37
C VAL B 206 16.41 -7.35 -16.56
N GLN B 207 16.88 -6.29 -17.20
CA GLN B 207 17.80 -5.32 -16.59
C GLN B 207 17.13 -4.46 -15.51
N TYR B 208 15.94 -3.94 -15.79
CA TYR B 208 15.15 -3.24 -14.77
C TYR B 208 14.90 -4.13 -13.58
N ALA B 209 14.50 -5.38 -13.83
CA ALA B 209 14.16 -6.30 -12.76
C ALA B 209 15.39 -6.55 -11.86
N ARG B 210 16.57 -6.74 -12.46
CA ARG B 210 17.77 -6.94 -11.64
C ARG B 210 18.12 -5.70 -10.84
N ALA B 211 17.92 -4.53 -11.44
CA ALA B 211 18.20 -3.25 -10.79
C ALA B 211 17.21 -2.96 -9.66
N MET B 212 16.05 -3.62 -9.70
CA MET B 212 15.02 -3.50 -8.68
C MET B 212 15.13 -4.55 -7.56
N GLY B 213 16.28 -5.24 -7.54
CA GLY B 213 16.61 -6.21 -6.51
C GLY B 213 15.91 -7.54 -6.64
N LEU B 214 15.30 -7.79 -7.80
CA LEU B 214 14.56 -9.04 -8.02
C LEU B 214 15.47 -10.18 -8.50
N ASN B 215 15.11 -11.40 -8.16
CA ASN B 215 15.71 -12.57 -8.77
C ASN B 215 14.93 -12.83 -10.06
N VAL B 216 15.62 -13.07 -11.17
CA VAL B 216 14.95 -13.05 -12.46
C VAL B 216 15.03 -14.38 -13.18
N ALA B 217 13.86 -14.87 -13.59
CA ALA B 217 13.74 -16.04 -14.47
C ALA B 217 13.30 -15.52 -15.83
N ALA B 218 13.82 -16.10 -16.91
CA ALA B 218 13.47 -15.71 -18.29
C ALA B 218 12.87 -16.91 -19.01
N VAL B 219 11.85 -16.66 -19.82
CA VAL B 219 11.20 -17.69 -20.61
C VAL B 219 11.10 -17.12 -22.00
N ASP B 220 11.49 -17.92 -22.98
CA ASP B 220 11.35 -17.57 -24.37
C ASP B 220 11.37 -18.90 -25.15
N ILE B 221 11.21 -18.85 -26.46
CA ILE B 221 11.22 -20.05 -27.30
C ILE B 221 12.57 -20.21 -28.01
N ASP B 222 13.48 -19.27 -27.79
CA ASP B 222 14.74 -19.23 -28.52
C ASP B 222 15.90 -19.21 -27.54
N ASP B 223 16.78 -20.20 -27.66
CA ASP B 223 17.90 -20.33 -26.72
C ASP B 223 18.89 -19.16 -26.77
N ARG B 224 18.90 -18.44 -27.89
CA ARG B 224 19.78 -17.29 -28.06
C ARG B 224 19.34 -16.13 -27.17
N LYS B 225 18.04 -15.87 -27.21
CA LYS B 225 17.42 -14.84 -26.36
C LYS B 225 17.56 -15.18 -24.88
N LEU B 226 17.43 -16.47 -24.55
CA LEU B 226 17.65 -16.92 -23.19
C LEU B 226 19.08 -16.75 -22.70
N ASP B 227 20.05 -16.89 -23.61
CA ASP B 227 21.45 -16.66 -23.24
C ASP B 227 21.75 -15.17 -23.10
N LEU B 228 21.08 -14.35 -23.89
CA LEU B 228 21.12 -12.91 -23.68
C LEU B 228 20.57 -12.59 -22.27
N ALA B 229 19.41 -13.15 -21.94
CA ALA B 229 18.80 -12.94 -20.64
C ALA B 229 19.79 -13.23 -19.53
N ARG B 230 20.50 -14.36 -19.66
CA ARG B 230 21.46 -14.78 -18.64
C ARG B 230 22.60 -13.77 -18.45
N ARG B 231 23.16 -13.29 -19.57
CA ARG B 231 24.22 -12.29 -19.52
C ARG B 231 23.77 -10.95 -18.92
N LEU B 232 22.49 -10.65 -19.06
CA LEU B 232 21.89 -9.45 -18.48
C LEU B 232 21.41 -9.64 -17.03
N GLY B 233 21.49 -10.87 -16.52
CA GLY B 233 21.25 -11.11 -15.11
C GLY B 233 20.27 -12.21 -14.70
N ALA B 234 19.53 -12.83 -15.63
CA ALA B 234 18.59 -13.88 -15.28
C ALA B 234 19.36 -15.09 -14.79
N THR B 235 19.01 -15.63 -13.63
CA THR B 235 19.73 -16.78 -13.08
C THR B 235 19.01 -18.11 -13.39
N VAL B 236 17.75 -18.01 -13.84
CA VAL B 236 16.95 -19.17 -14.27
C VAL B 236 16.43 -18.89 -15.68
N THR B 237 16.62 -19.84 -16.59
CA THR B 237 16.10 -19.69 -17.94
C THR B 237 15.37 -20.97 -18.28
N VAL B 238 14.33 -20.86 -19.12
CA VAL B 238 13.67 -22.05 -19.62
C VAL B 238 13.16 -21.81 -21.01
N ASN B 239 13.44 -22.77 -21.89
CA ASN B 239 12.93 -22.71 -23.22
C ASN B 239 11.52 -23.33 -23.29
N ALA B 240 10.54 -22.47 -23.57
CA ALA B 240 9.14 -22.87 -23.53
C ALA B 240 8.79 -23.91 -24.57
N LYS B 241 9.55 -24.04 -25.65
CA LYS B 241 9.21 -25.04 -26.66
C LYS B 241 9.96 -26.39 -26.55
N THR B 242 11.13 -26.40 -25.93
CA THR B 242 11.94 -27.60 -25.85
C THR B 242 11.84 -28.30 -24.50
N VAL B 243 11.08 -27.73 -23.55
CA VAL B 243 10.82 -28.35 -22.25
C VAL B 243 9.39 -28.91 -22.17
N ALA B 244 9.24 -30.02 -21.45
CA ALA B 244 7.93 -30.68 -21.39
C ALA B 244 6.92 -29.74 -20.73
N ASP B 245 7.19 -29.35 -19.51
CA ASP B 245 6.29 -28.51 -18.74
C ASP B 245 7.10 -27.32 -18.20
N PRO B 246 7.20 -26.24 -19.01
CA PRO B 246 7.99 -25.05 -18.63
C PRO B 246 7.47 -24.38 -17.35
N ALA B 247 6.16 -24.31 -17.21
CA ALA B 247 5.56 -23.70 -16.02
C ALA B 247 5.93 -24.49 -14.75
N ALA B 248 5.78 -25.81 -14.81
CA ALA B 248 6.18 -26.69 -13.70
C ALA B 248 7.65 -26.49 -13.35
N TYR B 249 8.49 -26.31 -14.36
CA TYR B 249 9.93 -26.11 -14.11
C TYR B 249 10.20 -24.76 -13.42
N ILE B 250 9.51 -23.72 -13.88
CA ILE B 250 9.63 -22.42 -13.24
C ILE B 250 9.17 -22.50 -11.79
N ARG B 251 8.04 -23.17 -11.53
CA ARG B 251 7.52 -23.32 -10.14
C ARG B 251 8.54 -24.02 -9.23
N LYS B 252 9.16 -25.07 -9.72
CA LYS B 252 10.18 -25.78 -8.98
C LYS B 252 11.39 -24.86 -8.69
N GLU B 253 11.86 -24.14 -9.70
CA GLU B 253 13.04 -23.27 -9.52
C GLU B 253 12.78 -22.04 -8.63
N THR B 254 11.52 -21.62 -8.53
CA THR B 254 11.18 -20.45 -7.72
C THR B 254 10.52 -20.85 -6.38
N ASP B 255 10.57 -22.14 -6.04
CA ASP B 255 9.91 -22.71 -4.84
C ASP B 255 8.40 -22.45 -4.78
N GLY B 256 7.69 -22.86 -5.82
CA GLY B 256 6.23 -22.78 -5.83
C GLY B 256 5.67 -21.69 -6.73
N GLY B 257 6.54 -21.03 -7.49
CA GLY B 257 6.12 -20.03 -8.46
C GLY B 257 6.64 -18.61 -8.17
N ALA B 258 6.58 -17.77 -9.19
CA ALA B 258 7.07 -16.40 -9.10
C ALA B 258 6.04 -15.47 -8.50
N GLN B 259 6.51 -14.53 -7.70
CA GLN B 259 5.63 -13.52 -7.09
C GLN B 259 5.08 -12.58 -8.17
N GLY B 260 5.85 -12.38 -9.23
CA GLY B 260 5.41 -11.59 -10.36
C GLY B 260 5.79 -12.26 -11.66
N VAL B 261 4.94 -12.09 -12.66
CA VAL B 261 5.27 -12.52 -14.00
C VAL B 261 4.96 -11.37 -14.96
N LEU B 262 5.95 -10.95 -15.72
CA LEU B 262 5.78 -9.93 -16.76
C LEU B 262 5.71 -10.56 -18.16
N VAL B 263 4.56 -10.40 -18.82
CA VAL B 263 4.34 -10.98 -20.14
C VAL B 263 4.48 -9.89 -21.17
N THR B 264 5.58 -9.94 -21.93
CA THR B 264 5.93 -8.84 -22.83
C THR B 264 5.51 -9.14 -24.27
N ALA B 265 5.39 -10.43 -24.60
CA ALA B 265 4.92 -10.87 -25.91
C ALA B 265 3.75 -11.80 -25.61
N VAL B 266 2.54 -11.27 -25.73
CA VAL B 266 1.35 -12.00 -25.25
C VAL B 266 0.71 -12.91 -26.34
N SER B 267 1.31 -14.08 -26.57
CA SER B 267 0.70 -15.12 -27.40
C SER B 267 -0.24 -15.96 -26.53
N PRO B 268 -1.19 -16.70 -27.16
CA PRO B 268 -2.05 -17.60 -26.40
C PRO B 268 -1.24 -18.51 -25.47
N LYS B 269 -0.16 -19.09 -25.99
CA LYS B 269 0.62 -20.04 -25.21
C LYS B 269 1.38 -19.36 -24.06
N ALA B 270 1.94 -18.18 -24.31
CA ALA B 270 2.68 -17.46 -23.28
C ALA B 270 1.75 -17.05 -22.14
N PHE B 271 0.53 -16.65 -22.48
CA PHE B 271 -0.46 -16.29 -21.45
C PHE B 271 -0.80 -17.49 -20.53
N GLU B 272 -1.08 -18.63 -21.17
CA GLU B 272 -1.43 -19.88 -20.47
C GLU B 272 -0.29 -20.32 -19.58
N GLN B 273 0.92 -20.32 -20.13
CA GLN B 273 2.09 -20.74 -19.36
C GLN B 273 2.39 -19.76 -18.25
N ALA B 274 2.14 -18.46 -18.49
CA ALA B 274 2.40 -17.43 -17.48
C ALA B 274 1.56 -17.70 -16.25
N LEU B 275 0.29 -17.98 -16.46
CA LEU B 275 -0.62 -18.25 -15.35
C LEU B 275 -0.20 -19.49 -14.53
N GLY B 276 0.50 -20.44 -15.16
CA GLY B 276 1.02 -21.62 -14.48
C GLY B 276 2.35 -21.36 -13.76
N MET B 277 2.95 -20.19 -14.01
CA MET B 277 4.25 -19.82 -13.44
C MET B 277 4.12 -18.97 -12.15
N VAL B 278 2.99 -18.34 -11.96
CA VAL B 278 2.81 -17.43 -10.86
C VAL B 278 2.55 -18.23 -9.57
N ALA B 279 3.15 -17.83 -8.47
CA ALA B 279 2.80 -18.38 -7.16
C ALA B 279 1.39 -18.02 -6.79
N ARG B 280 0.81 -18.76 -5.84
CA ARG B 280 -0.43 -18.29 -5.25
C ARG B 280 -0.22 -16.87 -4.69
N GLY B 281 -1.25 -16.03 -4.83
CA GLY B 281 -1.15 -14.65 -4.34
C GLY B 281 -0.27 -13.77 -5.22
N GLY B 282 0.17 -14.33 -6.34
CA GLY B 282 1.05 -13.58 -7.25
C GLY B 282 0.33 -12.72 -8.24
N THR B 283 1.12 -12.01 -9.03
CA THR B 283 0.58 -11.10 -10.04
C THR B 283 1.23 -11.26 -11.39
N VAL B 284 0.37 -11.39 -12.40
CA VAL B 284 0.77 -11.41 -13.80
C VAL B 284 0.50 -10.02 -14.36
N SER B 285 1.53 -9.36 -14.87
CA SER B 285 1.42 -8.04 -15.47
C SER B 285 1.54 -8.20 -16.97
N LEU B 286 0.56 -7.67 -17.71
CA LEU B 286 0.51 -7.86 -19.15
C LEU B 286 0.85 -6.56 -19.86
N ASN B 287 1.81 -6.63 -20.78
CA ASN B 287 2.34 -5.48 -21.50
C ASN B 287 1.99 -5.45 -22.98
N GLY B 288 1.33 -6.43 -23.52
CA GLY B 288 1.10 -6.44 -24.97
C GLY B 288 -0.31 -6.05 -25.37
N LEU B 289 -0.52 -5.81 -26.67
CA LEU B 289 -1.84 -5.44 -27.21
C LEU B 289 -2.24 -6.42 -28.30
N PRO B 290 -2.34 -7.72 -27.94
CA PRO B 290 -2.71 -8.72 -28.93
C PRO B 290 -4.20 -8.64 -29.26
N PRO B 291 -4.60 -9.11 -30.44
CA PRO B 291 -6.02 -9.13 -30.76
C PRO B 291 -6.72 -10.29 -30.10
N GLY B 292 -8.04 -10.20 -30.05
CA GLY B 292 -8.85 -11.37 -29.70
C GLY B 292 -8.97 -11.59 -28.21
N ASP B 293 -9.63 -12.69 -27.87
CA ASP B 293 -9.93 -13.05 -26.52
C ASP B 293 -9.07 -14.23 -26.14
N PHE B 294 -8.65 -14.25 -24.88
CA PHE B 294 -7.81 -15.29 -24.33
C PHE B 294 -8.63 -15.98 -23.23
N PRO B 295 -8.50 -17.32 -23.13
CA PRO B 295 -9.19 -18.06 -22.09
C PRO B 295 -8.55 -17.90 -20.70
N LEU B 296 -9.42 -17.65 -19.73
CA LEU B 296 -9.04 -17.48 -18.37
C LEU B 296 -9.81 -18.46 -17.51
N SER B 297 -9.08 -19.32 -16.80
CA SER B 297 -9.72 -20.16 -15.78
C SER B 297 -9.94 -19.35 -14.50
N ILE B 298 -11.17 -18.92 -14.30
CA ILE B 298 -11.58 -18.22 -13.10
C ILE B 298 -11.45 -19.10 -11.86
N PHE B 299 -11.74 -20.38 -12.03
CA PHE B 299 -11.60 -21.37 -10.96
C PHE B 299 -10.17 -21.30 -10.41
N ASN B 300 -9.18 -21.42 -11.29
CA ASN B 300 -7.77 -21.34 -10.87
C ASN B 300 -7.36 -19.96 -10.34
N MET B 301 -7.78 -18.88 -11.00
CA MET B 301 -7.52 -17.55 -10.49
CA MET B 301 -7.59 -17.51 -10.50
C MET B 301 -8.04 -17.37 -9.04
N VAL B 302 -9.28 -17.81 -8.79
CA VAL B 302 -9.91 -17.70 -7.47
C VAL B 302 -9.26 -18.63 -6.46
N LEU B 303 -9.11 -19.93 -6.77
CA LEU B 303 -8.49 -20.86 -5.84
C LEU B 303 -7.09 -20.41 -5.42
N ASN B 304 -6.33 -19.82 -6.36
CA ASN B 304 -4.93 -19.50 -6.13
C ASN B 304 -4.67 -18.04 -5.73
N GLY B 305 -5.73 -17.24 -5.67
CA GLY B 305 -5.66 -15.87 -5.23
C GLY B 305 -4.79 -15.01 -6.13
N VAL B 306 -4.90 -15.25 -7.44
CA VAL B 306 -4.01 -14.63 -8.43
C VAL B 306 -4.60 -13.34 -8.96
N THR B 307 -3.70 -12.41 -9.32
CA THR B 307 -4.05 -11.16 -9.93
C THR B 307 -3.50 -11.09 -11.37
N VAL B 308 -4.35 -10.69 -12.30
CA VAL B 308 -3.93 -10.39 -13.66
C VAL B 308 -4.25 -8.90 -13.95
N ARG B 309 -3.26 -8.19 -14.47
CA ARG B 309 -3.29 -6.74 -14.54
C ARG B 309 -2.66 -6.29 -15.87
N GLY B 310 -3.26 -5.32 -16.55
CA GLY B 310 -2.69 -4.76 -17.75
C GLY B 310 -1.94 -3.47 -17.46
N SER B 311 -0.84 -3.28 -18.17
CA SER B 311 0.01 -2.10 -18.00
C SER B 311 0.79 -1.88 -19.29
N ILE B 312 0.58 -0.75 -19.92
CA ILE B 312 1.42 -0.30 -21.02
C ILE B 312 1.87 1.19 -20.82
N VAL B 313 3.03 1.52 -21.34
CA VAL B 313 3.68 2.83 -21.11
C VAL B 313 3.67 3.21 -19.63
N GLY B 314 3.49 4.47 -19.31
CA GLY B 314 3.53 4.92 -17.94
C GLY B 314 3.35 6.42 -17.85
N THR B 315 3.31 6.93 -16.63
CA THR B 315 3.13 8.35 -16.38
C THR B 315 4.44 9.10 -16.67
N ARG B 316 4.35 10.43 -16.70
CA ARG B 316 5.55 11.25 -16.84
C ARG B 316 6.62 10.92 -15.78
N LEU B 317 6.19 10.72 -14.53
CA LEU B 317 7.14 10.36 -13.47
C LEU B 317 7.72 8.93 -13.69
N ASP B 318 6.89 7.97 -14.14
CA ASP B 318 7.41 6.63 -14.46
C ASP B 318 8.52 6.73 -15.53
N LEU B 319 8.29 7.58 -16.56
CA LEU B 319 9.27 7.78 -17.58
C LEU B 319 10.57 8.40 -17.06
N GLN B 320 10.45 9.45 -16.24
CA GLN B 320 11.64 10.03 -15.62
C GLN B 320 12.41 8.96 -14.82
N GLU B 321 11.71 8.18 -14.03
CA GLU B 321 12.37 7.13 -13.26
C GLU B 321 13.07 6.14 -14.21
N SER B 322 12.37 5.76 -15.29
CA SER B 322 12.94 4.83 -16.25
CA SER B 322 12.93 4.85 -16.27
C SER B 322 14.20 5.42 -16.90
N LEU B 323 14.18 6.72 -17.18
CA LEU B 323 15.33 7.35 -17.85
C LEU B 323 16.55 7.39 -16.92
N ASP B 324 16.31 7.54 -15.62
CA ASP B 324 17.38 7.60 -14.62
C ASP B 324 18.15 6.26 -14.55
N PHE B 325 17.43 5.15 -14.63
CA PHE B 325 18.11 3.86 -14.73
C PHE B 325 19.07 3.80 -15.94
N ALA B 326 18.67 4.38 -17.06
CA ALA B 326 19.53 4.46 -18.25
C ALA B 326 20.70 5.39 -17.98
N ALA B 327 20.39 6.54 -17.37
CA ALA B 327 21.42 7.57 -17.06
C ALA B 327 22.54 7.00 -16.18
N ASP B 328 22.14 6.14 -15.25
CA ASP B 328 23.04 5.57 -14.27
C ASP B 328 23.69 4.27 -14.72
N GLY B 329 23.54 3.88 -15.97
CA GLY B 329 24.18 2.65 -16.46
C GLY B 329 23.55 1.32 -16.05
N LYS B 330 22.37 1.34 -15.44
CA LYS B 330 21.77 0.10 -14.94
C LYS B 330 21.00 -0.69 -16.02
N VAL B 331 20.53 0.05 -17.01
CA VAL B 331 19.77 -0.50 -18.13
C VAL B 331 20.33 0.07 -19.43
N LYS B 332 20.60 -0.81 -20.38
CA LYS B 332 21.07 -0.38 -21.72
C LYS B 332 20.37 -1.19 -22.78
N ALA B 333 19.71 -0.49 -23.70
CA ALA B 333 18.99 -1.15 -24.78
C ALA B 333 19.98 -1.67 -25.82
N THR B 334 19.72 -2.85 -26.34
CA THR B 334 20.37 -3.37 -27.54
C THR B 334 19.56 -2.90 -28.72
N ILE B 335 20.18 -2.14 -29.63
CA ILE B 335 19.46 -1.55 -30.76
C ILE B 335 20.02 -2.03 -32.11
N GLN B 336 19.15 -2.09 -33.10
CA GLN B 336 19.57 -2.20 -34.48
C GLN B 336 19.21 -0.86 -35.11
N THR B 337 20.18 -0.20 -35.74
CA THR B 337 19.92 1.11 -36.32
C THR B 337 19.40 0.98 -37.75
N GLY B 338 18.71 2.00 -38.22
CA GLY B 338 18.23 2.04 -39.58
C GLY B 338 18.08 3.48 -40.02
N LYS B 339 17.45 3.67 -41.17
CA LYS B 339 17.22 5.02 -41.69
C LYS B 339 15.75 5.23 -41.92
N LEU B 340 15.31 6.48 -41.92
CA LEU B 340 13.89 6.79 -42.15
C LEU B 340 13.38 6.14 -43.43
N GLU B 341 14.26 6.08 -44.44
CA GLU B 341 13.97 5.51 -45.74
C GLU B 341 13.69 4.00 -45.68
N ASP B 342 14.20 3.32 -44.66
CA ASP B 342 14.04 1.86 -44.52
C ASP B 342 12.69 1.42 -43.91
N ILE B 343 11.79 2.35 -43.59
CA ILE B 343 10.68 2.04 -42.65
C ILE B 343 9.73 0.90 -43.09
N ASN B 344 9.49 0.76 -44.39
CA ASN B 344 8.67 -0.37 -44.88
C ASN B 344 9.40 -1.70 -44.74
N ALA B 345 10.69 -1.72 -45.09
CA ALA B 345 11.53 -2.90 -44.88
C ALA B 345 11.56 -3.27 -43.39
N ILE B 346 11.64 -2.24 -42.54
CA ILE B 346 11.61 -2.44 -41.09
C ILE B 346 10.28 -3.06 -40.65
N PHE B 347 9.17 -2.58 -41.20
CA PHE B 347 7.87 -3.15 -40.82
C PHE B 347 7.75 -4.62 -41.24
N ASP B 348 8.32 -4.96 -42.39
CA ASP B 348 8.36 -6.36 -42.84
C ASP B 348 9.18 -7.25 -41.90
N ASP B 349 10.38 -6.80 -41.55
CA ASP B 349 11.22 -7.55 -40.59
C ASP B 349 10.48 -7.86 -39.29
N MET B 350 9.70 -6.89 -38.79
CA MET B 350 8.92 -7.08 -37.56
C MET B 350 7.76 -8.04 -37.78
N ARG B 351 7.16 -8.01 -38.99
CA ARG B 351 6.10 -8.94 -39.38
C ARG B 351 6.68 -10.30 -39.73
N GLY B 357 16.89 -7.00 -30.52
CA GLY B 357 16.52 -5.95 -29.56
C GLY B 357 15.53 -4.97 -30.21
N ARG B 358 15.80 -3.67 -30.08
CA ARG B 358 14.89 -2.65 -30.58
C ARG B 358 15.42 -2.00 -31.86
N ILE B 359 14.51 -1.63 -32.74
CA ILE B 359 14.87 -0.91 -34.00
C ILE B 359 14.80 0.58 -33.77
N VAL B 360 15.88 1.29 -34.10
CA VAL B 360 15.95 2.75 -33.97
C VAL B 360 16.45 3.41 -35.25
N MET B 361 15.63 4.28 -35.81
CA MET B 361 16.03 5.04 -37.00
C MET B 361 16.90 6.23 -36.60
N ASP B 362 18.06 6.32 -37.25
CA ASP B 362 18.99 7.40 -37.00
C ASP B 362 18.82 8.46 -38.07
N LEU B 363 18.33 9.63 -37.67
CA LEU B 363 18.04 10.72 -38.60
C LEU B 363 19.23 11.67 -38.82
N THR B 364 20.36 11.39 -38.19
CA THR B 364 21.60 12.08 -38.55
C THR B 364 22.32 11.32 -39.69
N GLN B 365 21.54 10.66 -40.56
CA GLN B 365 22.02 9.64 -41.52
C GLN B 365 23.42 9.86 -42.05
N LYS C 24 -22.90 -43.88 22.19
CA LYS C 24 -22.34 -42.57 21.79
C LYS C 24 -22.12 -42.49 20.26
N THR C 25 -23.23 -42.29 19.54
CA THR C 25 -23.22 -42.03 18.10
C THR C 25 -23.92 -40.70 17.79
N MET C 26 -23.88 -40.27 16.53
CA MET C 26 -24.51 -39.01 16.11
C MET C 26 -25.15 -39.13 14.72
N LYS C 27 -26.12 -38.25 14.43
CA LYS C 27 -26.66 -38.11 13.09
C LYS C 27 -25.67 -37.36 12.20
N ALA C 28 -25.53 -37.78 10.94
CA ALA C 28 -24.71 -37.05 9.97
C ALA C 28 -25.23 -37.28 8.57
N ALA C 29 -25.10 -36.27 7.71
CA ALA C 29 -25.30 -36.44 6.29
C ALA C 29 -23.95 -36.85 5.71
N VAL C 30 -23.91 -38.00 5.04
CA VAL C 30 -22.65 -38.56 4.54
C VAL C 30 -22.73 -38.80 3.03
N VAL C 31 -21.70 -38.35 2.31
CA VAL C 31 -21.60 -38.66 0.87
C VAL C 31 -20.90 -40.01 0.74
N ARG C 32 -21.66 -41.03 0.32
CA ARG C 32 -21.15 -42.38 0.17
C ARG C 32 -20.50 -42.55 -1.20
N ALA C 33 -21.06 -41.86 -2.20
CA ALA C 33 -20.55 -41.88 -3.57
C ALA C 33 -20.91 -40.58 -4.30
N PHE C 34 -19.98 -40.09 -5.11
CA PHE C 34 -20.19 -38.88 -5.88
C PHE C 34 -21.42 -38.92 -6.78
N GLY C 35 -22.20 -37.84 -6.79
CA GLY C 35 -23.38 -37.74 -7.65
C GLY C 35 -24.63 -38.34 -7.03
N LYS C 36 -24.46 -39.42 -6.28
CA LYS C 36 -25.57 -40.10 -5.60
C LYS C 36 -26.02 -39.31 -4.37
N PRO C 37 -27.36 -39.24 -4.11
CA PRO C 37 -27.87 -38.52 -2.93
C PRO C 37 -27.23 -38.97 -1.62
N LEU C 38 -27.07 -38.03 -0.68
CA LEU C 38 -26.43 -38.30 0.61
C LEU C 38 -27.33 -39.13 1.49
N THR C 39 -26.74 -40.14 2.13
CA THR C 39 -27.46 -40.93 3.11
C THR C 39 -27.34 -40.25 4.49
N ILE C 40 -28.44 -40.23 5.25
CA ILE C 40 -28.44 -39.69 6.60
C ILE C 40 -28.27 -40.84 7.60
N ASP C 41 -27.03 -41.05 8.05
CA ASP C 41 -26.65 -42.24 8.82
C ASP C 41 -26.35 -41.90 10.27
N GLU C 42 -26.30 -42.94 11.11
CA GLU C 42 -25.90 -42.84 12.52
C GLU C 42 -24.44 -43.32 12.64
N VAL C 43 -23.53 -42.38 12.88
CA VAL C 43 -22.09 -42.66 12.84
C VAL C 43 -21.46 -42.36 14.20
N PRO C 44 -20.18 -42.74 14.38
CA PRO C 44 -19.59 -42.50 15.69
C PRO C 44 -19.28 -41.02 15.94
N ILE C 45 -19.36 -40.61 17.20
CA ILE C 45 -19.01 -39.26 17.62
C ILE C 45 -17.49 -39.14 17.57
N PRO C 46 -16.94 -38.35 16.59
CA PRO C 46 -15.48 -38.23 16.56
C PRO C 46 -14.95 -37.58 17.84
N GLN C 47 -13.83 -38.09 18.34
CA GLN C 47 -13.23 -37.68 19.60
C GLN C 47 -11.96 -36.90 19.31
N PRO C 48 -11.60 -35.95 20.20
CA PRO C 48 -10.46 -35.07 19.94
C PRO C 48 -9.14 -35.57 20.54
N GLY C 49 -8.13 -35.75 19.69
CA GLY C 49 -6.78 -36.05 20.15
C GLY C 49 -6.08 -34.80 20.66
N PRO C 50 -4.77 -34.90 20.93
CA PRO C 50 -4.05 -33.69 21.34
C PRO C 50 -4.12 -32.59 20.26
N GLY C 51 -4.13 -31.33 20.71
CA GLY C 51 -4.28 -30.18 19.80
C GLY C 51 -5.61 -30.09 19.05
N GLN C 52 -6.62 -30.84 19.49
CA GLN C 52 -7.92 -30.82 18.85
C GLN C 52 -9.02 -30.48 19.86
N ILE C 53 -10.18 -30.10 19.33
CA ILE C 53 -11.39 -29.81 20.12
C ILE C 53 -12.61 -30.42 19.46
N GLN C 54 -13.70 -30.50 20.23
CA GLN C 54 -14.97 -31.04 19.76
C GLN C 54 -16.06 -29.98 19.87
N VAL C 55 -16.90 -29.84 18.84
CA VAL C 55 -17.96 -28.84 18.82
C VAL C 55 -19.32 -29.46 18.57
N ALA C 56 -20.28 -29.15 19.44
CA ALA C 56 -21.69 -29.55 19.25
C ALA C 56 -22.35 -28.49 18.37
N ILE C 57 -22.65 -28.87 17.14
CA ILE C 57 -23.15 -27.99 16.09
C ILE C 57 -24.61 -27.70 16.33
N GLN C 58 -24.95 -26.41 16.35
CA GLN C 58 -26.32 -25.95 16.55
C GLN C 58 -26.95 -25.55 15.21
N ALA C 59 -26.14 -24.98 14.33
CA ALA C 59 -26.58 -24.63 12.99
C ALA C 59 -25.43 -24.86 11.98
N SER C 60 -25.78 -25.02 10.71
CA SER C 60 -24.81 -25.45 9.71
C SER C 60 -25.23 -24.94 8.34
N GLY C 61 -24.52 -23.93 7.84
CA GLY C 61 -24.82 -23.34 6.54
C GLY C 61 -24.45 -24.25 5.37
N VAL C 62 -25.14 -24.05 4.26
CA VAL C 62 -24.92 -24.83 3.04
C VAL C 62 -24.41 -23.90 1.93
N CYS C 63 -23.26 -24.25 1.36
N CYS C 63 -23.17 -24.16 1.46
CA CYS C 63 -22.62 -23.43 0.35
CA CYS C 63 -22.52 -23.40 0.36
C CYS C 63 -22.67 -24.22 -0.96
C CYS C 63 -22.73 -24.18 -0.94
N HIS C 64 -22.58 -23.51 -2.08
CA HIS C 64 -22.45 -24.20 -3.38
C HIS C 64 -21.22 -25.14 -3.43
N THR C 65 -20.17 -24.80 -2.68
CA THR C 65 -19.01 -25.68 -2.54
C THR C 65 -19.36 -27.06 -1.99
N ASP C 66 -20.27 -27.15 -1.03
CA ASP C 66 -20.75 -28.45 -0.55
C ASP C 66 -21.40 -29.29 -1.67
N LEU C 67 -22.18 -28.63 -2.54
CA LEU C 67 -22.71 -29.25 -3.76
C LEU C 67 -21.60 -29.86 -4.62
N HIS C 68 -20.59 -29.06 -4.96
CA HIS C 68 -19.51 -29.56 -5.80
C HIS C 68 -18.73 -30.69 -5.10
N ALA C 69 -18.64 -30.63 -3.77
CA ALA C 69 -18.06 -31.71 -2.98
C ALA C 69 -18.80 -33.05 -3.11
N ALA C 70 -20.13 -33.00 -3.14
CA ALA C 70 -20.97 -34.20 -3.26
C ALA C 70 -20.94 -34.74 -4.68
N GLU C 71 -20.74 -33.83 -5.64
CA GLU C 71 -20.66 -34.21 -7.05
C GLU C 71 -19.32 -34.84 -7.44
N GLY C 72 -18.26 -34.59 -6.67
CA GLY C 72 -16.91 -35.00 -7.10
C GLY C 72 -16.56 -34.34 -8.41
N ASP C 73 -17.03 -33.10 -8.52
CA ASP C 73 -17.02 -32.30 -9.73
C ASP C 73 -15.65 -31.69 -10.06
N TRP C 74 -14.86 -31.43 -9.02
CA TRP C 74 -13.65 -30.61 -9.15
C TRP C 74 -12.35 -31.42 -9.33
N PRO C 75 -11.30 -30.78 -9.88
CA PRO C 75 -10.03 -31.48 -10.10
C PRO C 75 -9.55 -32.23 -8.86
N VAL C 76 -9.45 -31.54 -7.73
CA VAL C 76 -9.10 -32.18 -6.47
C VAL C 76 -10.39 -32.53 -5.76
N LYS C 77 -10.56 -33.81 -5.42
CA LYS C 77 -11.82 -34.33 -4.91
C LYS C 77 -11.71 -34.78 -3.45
N PRO C 78 -12.84 -34.74 -2.70
CA PRO C 78 -12.93 -35.45 -1.41
C PRO C 78 -12.70 -36.96 -1.57
N ASN C 79 -12.59 -37.67 -0.46
CA ASN C 79 -12.48 -39.14 -0.47
CA ASN C 79 -12.50 -39.13 -0.50
C ASN C 79 -13.68 -39.73 0.27
N PRO C 80 -14.72 -40.18 -0.48
CA PRO C 80 -15.88 -40.76 0.21
C PRO C 80 -15.53 -42.03 0.99
N PRO C 81 -16.18 -42.25 2.15
CA PRO C 81 -17.28 -41.49 2.73
C PRO C 81 -16.81 -40.25 3.51
N PHE C 82 -17.53 -39.13 3.37
CA PHE C 82 -17.18 -37.89 4.08
C PHE C 82 -18.43 -37.06 4.42
N ILE C 83 -18.29 -36.19 5.43
CA ILE C 83 -19.35 -35.29 5.89
C ILE C 83 -19.02 -33.88 5.39
N PRO C 84 -19.87 -33.32 4.51
CA PRO C 84 -19.60 -31.97 4.03
C PRO C 84 -19.92 -30.90 5.07
N GLY C 85 -19.83 -29.62 4.68
CA GLY C 85 -20.20 -28.52 5.55
C GLY C 85 -19.05 -27.73 6.16
N HIS C 86 -18.93 -26.46 5.80
CA HIS C 86 -17.92 -25.60 6.41
C HIS C 86 -18.51 -24.28 6.86
N GLU C 87 -19.77 -24.32 7.27
CA GLU C 87 -20.41 -23.22 7.95
C GLU C 87 -21.07 -23.76 9.22
N GLY C 88 -20.43 -24.74 9.85
CA GLY C 88 -20.89 -25.27 11.15
C GLY C 88 -20.55 -24.33 12.30
N VAL C 89 -21.54 -24.08 13.17
CA VAL C 89 -21.39 -23.21 14.33
C VAL C 89 -22.04 -23.88 15.56
N GLY C 90 -21.40 -23.78 16.71
CA GLY C 90 -22.01 -24.28 17.95
C GLY C 90 -21.18 -24.03 19.20
N PHE C 91 -21.17 -24.99 20.11
CA PHE C 91 -20.49 -24.88 21.39
C PHE C 91 -19.40 -25.92 21.47
N VAL C 92 -18.25 -25.54 22.00
CA VAL C 92 -17.17 -26.49 22.27
C VAL C 92 -17.62 -27.51 23.32
N SER C 93 -17.76 -28.78 22.93
CA SER C 93 -18.27 -29.84 23.80
C SER C 93 -17.19 -30.69 24.49
N ALA C 94 -15.98 -30.71 23.93
CA ALA C 94 -14.85 -31.43 24.53
C ALA C 94 -13.53 -30.84 24.03
N VAL C 95 -12.50 -30.90 24.88
CA VAL C 95 -11.20 -30.29 24.60
C VAL C 95 -10.05 -31.27 24.82
N GLY C 96 -9.27 -31.53 23.78
CA GLY C 96 -8.13 -32.47 23.86
C GLY C 96 -6.95 -31.92 24.64
N SER C 97 -5.93 -32.76 24.85
CA SER C 97 -4.74 -32.35 25.58
C SER C 97 -3.93 -31.30 24.80
N GLY C 98 -3.08 -30.56 25.51
CA GLY C 98 -2.24 -29.54 24.89
C GLY C 98 -2.96 -28.24 24.51
N VAL C 99 -4.29 -28.27 24.40
CA VAL C 99 -5.06 -27.11 23.91
C VAL C 99 -5.19 -25.99 24.94
N LYS C 100 -4.41 -24.93 24.74
CA LYS C 100 -4.55 -23.72 25.55
C LYS C 100 -5.73 -22.89 25.02
N HIS C 101 -6.24 -21.98 25.85
CA HIS C 101 -7.22 -20.96 25.44
C HIS C 101 -8.65 -21.47 25.20
N VAL C 102 -8.91 -22.12 24.06
CA VAL C 102 -10.28 -22.56 23.77
C VAL C 102 -10.76 -23.52 24.88
N LYS C 103 -11.82 -23.12 25.57
CA LYS C 103 -12.39 -23.84 26.70
C LYS C 103 -13.76 -24.41 26.35
N GLU C 104 -14.29 -25.24 27.24
CA GLU C 104 -15.58 -25.86 27.03
C GLU C 104 -16.68 -24.79 27.08
N GLY C 105 -17.69 -24.96 26.25
CA GLY C 105 -18.80 -23.99 26.21
C GLY C 105 -18.57 -22.79 25.29
N ASP C 106 -17.33 -22.64 24.82
CA ASP C 106 -17.00 -21.54 23.93
C ASP C 106 -17.82 -21.59 22.65
N ARG C 107 -18.24 -20.42 22.21
CA ARG C 107 -19.07 -20.25 21.04
C ARG C 107 -18.14 -20.11 19.79
N VAL C 108 -18.08 -21.15 18.97
CA VAL C 108 -17.12 -21.20 17.85
C VAL C 108 -17.75 -21.72 16.58
N GLY C 109 -17.11 -21.40 15.46
CA GLY C 109 -17.47 -21.90 14.13
C GLY C 109 -16.28 -22.59 13.49
N ILE C 110 -16.54 -23.55 12.59
CA ILE C 110 -15.49 -24.29 11.92
C ILE C 110 -15.53 -24.01 10.40
N PRO C 111 -14.78 -22.98 9.94
CA PRO C 111 -14.84 -22.57 8.52
C PRO C 111 -14.03 -23.45 7.57
N TRP C 112 -14.08 -23.08 6.31
CA TRP C 112 -13.38 -23.73 5.20
C TRP C 112 -11.94 -24.05 5.48
N LEU C 113 -11.20 -23.07 6.00
CA LEU C 113 -9.80 -23.30 6.33
C LEU C 113 -9.71 -24.03 7.65
N TYR C 114 -9.54 -25.34 7.55
CA TYR C 114 -9.55 -26.23 8.71
C TYR C 114 -8.28 -26.08 9.50
N THR C 115 -7.17 -26.12 8.78
CA THR C 115 -5.82 -25.93 9.35
C THR C 115 -4.84 -25.56 8.24
N ALA C 116 -3.68 -25.08 8.63
CA ALA C 116 -2.66 -24.71 7.66
C ALA C 116 -1.34 -24.95 8.34
N CYS C 117 -0.26 -24.99 7.58
CA CYS C 117 0.97 -25.58 8.09
C CYS C 117 1.66 -24.70 9.15
N GLY C 118 1.49 -23.37 9.03
CA GLY C 118 2.10 -22.42 9.98
C GLY C 118 3.58 -22.06 9.78
N HIS C 119 4.23 -22.62 8.76
CA HIS C 119 5.67 -22.41 8.58
C HIS C 119 6.04 -21.93 7.15
N CYS C 120 5.13 -22.04 6.20
CA CYS C 120 5.42 -21.63 4.81
C CYS C 120 5.33 -20.10 4.70
N ARG C 121 5.78 -19.54 3.60
CA ARG C 121 5.82 -18.08 3.51
C ARG C 121 4.40 -17.48 3.48
N HIS C 122 3.41 -18.19 2.93
CA HIS C 122 2.02 -17.75 2.98
C HIS C 122 1.51 -17.63 4.41
N CYS C 123 1.74 -18.67 5.21
CA CYS C 123 1.31 -18.68 6.60
C CYS C 123 2.03 -17.60 7.42
N LEU C 124 3.34 -17.47 7.27
CA LEU C 124 4.10 -16.49 8.04
C LEU C 124 3.77 -15.03 7.70
N GLY C 125 3.35 -14.78 6.46
CA GLY C 125 3.07 -13.43 5.97
C GLY C 125 1.62 -12.97 6.09
N GLY C 126 0.79 -13.67 6.86
CA GLY C 126 -0.61 -13.29 7.03
C GLY C 126 -1.54 -13.74 5.89
N TRP C 127 -1.15 -14.77 5.12
CA TRP C 127 -1.94 -15.20 3.97
C TRP C 127 -2.16 -16.71 4.04
N GLU C 128 -2.54 -17.19 5.22
CA GLU C 128 -2.69 -18.63 5.43
CA GLU C 128 -2.71 -18.63 5.44
C GLU C 128 -3.72 -19.27 4.51
N THR C 129 -4.65 -18.48 3.95
CA THR C 129 -5.63 -18.97 2.96
C THR C 129 -5.00 -19.54 1.70
N LEU C 130 -3.73 -19.22 1.47
CA LEU C 130 -3.03 -19.69 0.28
C LEU C 130 -2.16 -20.93 0.57
N CYS C 131 -2.10 -21.34 1.84
CA CYS C 131 -1.20 -22.42 2.24
C CYS C 131 -1.46 -23.65 1.39
N GLU C 132 -0.41 -24.16 0.78
CA GLU C 132 -0.54 -25.30 -0.14
C GLU C 132 -0.78 -26.63 0.61
N GLU C 133 -0.62 -26.63 1.92
CA GLU C 133 -0.86 -27.80 2.74
C GLU C 133 -2.06 -27.61 3.66
N GLN C 134 -3.02 -26.75 3.30
CA GLN C 134 -4.23 -26.59 4.12
C GLN C 134 -5.14 -27.82 3.98
N LEU C 135 -5.97 -28.04 5.00
CA LEU C 135 -7.04 -29.00 4.94
C LEU C 135 -8.30 -28.16 4.99
N ASN C 136 -9.34 -28.65 4.31
CA ASN C 136 -10.57 -27.93 4.13
C ASN C 136 -11.77 -28.69 4.72
N THR C 137 -12.41 -28.05 5.69
CA THR C 137 -13.57 -28.55 6.41
C THR C 137 -14.71 -28.94 5.45
N GLY C 138 -15.21 -30.16 5.64
CA GLY C 138 -16.28 -30.69 4.79
C GLY C 138 -15.82 -30.98 3.38
N TYR C 139 -14.50 -31.20 3.20
CA TYR C 139 -13.97 -31.49 1.87
C TYR C 139 -12.84 -32.53 1.95
N SER C 140 -11.70 -32.16 2.53
CA SER C 140 -10.59 -33.09 2.73
C SER C 140 -10.55 -33.62 4.16
N VAL C 141 -11.39 -33.08 5.05
CA VAL C 141 -11.70 -33.69 6.34
C VAL C 141 -13.18 -33.49 6.68
N ASN C 142 -13.67 -34.29 7.63
CA ASN C 142 -15.09 -34.26 7.98
C ASN C 142 -15.53 -32.90 8.54
N GLY C 143 -16.72 -32.48 8.11
CA GLY C 143 -17.23 -31.14 8.36
C GLY C 143 -18.49 -31.10 9.21
N GLY C 144 -19.28 -30.05 8.99
CA GLY C 144 -20.33 -29.65 9.92
C GLY C 144 -21.74 -30.16 9.62
N PHE C 145 -21.90 -31.00 8.60
CA PHE C 145 -23.22 -31.58 8.28
C PHE C 145 -23.48 -32.74 9.23
N ALA C 146 -23.57 -32.39 10.52
CA ALA C 146 -23.55 -33.39 11.57
C ALA C 146 -23.65 -32.72 12.94
N GLU C 147 -24.03 -33.52 13.94
CA GLU C 147 -24.19 -33.02 15.31
C GLU C 147 -22.88 -32.67 16.01
N TYR C 148 -21.79 -33.33 15.63
CA TYR C 148 -20.50 -33.03 16.20
C TYR C 148 -19.43 -33.05 15.12
N VAL C 149 -18.35 -32.31 15.39
CA VAL C 149 -17.24 -32.16 14.46
C VAL C 149 -15.98 -31.94 15.27
N VAL C 150 -14.89 -32.59 14.88
CA VAL C 150 -13.60 -32.34 15.50
C VAL C 150 -12.85 -31.30 14.63
N ALA C 151 -12.13 -30.40 15.30
CA ALA C 151 -11.52 -29.23 14.67
C ALA C 151 -10.22 -28.79 15.35
N ASP C 152 -9.44 -28.02 14.60
CA ASP C 152 -8.22 -27.39 15.09
C ASP C 152 -8.63 -26.10 15.76
N PRO C 153 -8.44 -25.99 17.09
CA PRO C 153 -8.87 -24.78 17.78
C PRO C 153 -8.12 -23.52 17.33
N ASN C 154 -6.94 -23.69 16.72
CA ASN C 154 -6.18 -22.53 16.25
C ASN C 154 -6.85 -21.83 15.06
N PHE C 155 -7.81 -22.49 14.43
CA PHE C 155 -8.41 -22.02 13.19
C PHE C 155 -9.92 -21.83 13.23
N VAL C 156 -10.55 -22.09 14.38
CA VAL C 156 -11.99 -21.85 14.52
C VAL C 156 -12.31 -20.33 14.58
N GLY C 157 -13.52 -19.95 14.16
CA GLY C 157 -14.02 -18.60 14.34
C GLY C 157 -14.70 -18.46 15.70
N HIS C 158 -14.44 -17.34 16.38
CA HIS C 158 -14.98 -17.06 17.70
C HIS C 158 -16.20 -16.17 17.53
N LEU C 159 -17.37 -16.71 17.86
CA LEU C 159 -18.64 -16.11 17.45
C LEU C 159 -19.21 -15.15 18.50
N PRO C 160 -19.77 -14.02 18.04
CA PRO C 160 -20.29 -13.07 19.03
C PRO C 160 -21.59 -13.59 19.68
N LYS C 161 -21.68 -13.37 20.99
CA LYS C 161 -22.78 -13.91 21.78
C LYS C 161 -24.13 -13.31 21.41
N ASN C 162 -24.11 -12.09 20.88
CA ASN C 162 -25.34 -11.39 20.62
C ASN C 162 -26.02 -11.77 19.32
N ILE C 163 -25.50 -12.74 18.56
CA ILE C 163 -26.08 -13.17 17.27
C ILE C 163 -26.47 -14.66 17.30
N ASP C 164 -27.75 -14.95 16.99
CA ASP C 164 -28.27 -16.32 16.87
C ASP C 164 -27.40 -17.18 15.95
N PHE C 165 -27.24 -18.45 16.30
CA PHE C 165 -26.50 -19.42 15.47
C PHE C 165 -26.94 -19.50 14.01
N ASN C 166 -28.25 -19.56 13.73
CA ASN C 166 -28.76 -19.63 12.34
C ASN C 166 -28.29 -18.44 11.52
N GLU C 167 -28.27 -17.28 12.19
CA GLU C 167 -27.93 -16.01 11.59
C GLU C 167 -26.42 -15.77 11.41
N ILE C 168 -25.59 -16.33 12.29
CA ILE C 168 -24.13 -16.10 12.21
C ILE C 168 -23.46 -17.07 11.24
N ALA C 169 -24.07 -18.23 11.03
CA ALA C 169 -23.47 -19.31 10.24
C ALA C 169 -22.97 -18.84 8.86
N PRO C 170 -23.77 -18.07 8.10
CA PRO C 170 -23.29 -17.67 6.76
C PRO C 170 -22.06 -16.74 6.74
N VAL C 171 -21.76 -16.07 7.86
CA VAL C 171 -20.56 -15.23 7.92
C VAL C 171 -19.31 -16.08 7.72
N LEU C 172 -19.39 -17.35 8.11
CA LEU C 172 -18.23 -18.23 8.06
C LEU C 172 -17.73 -18.56 6.67
N CYS C 173 -18.59 -18.48 5.65
CA CYS C 173 -18.12 -18.58 4.28
C CYS C 173 -18.58 -17.44 3.40
N ALA C 174 -19.89 -17.26 3.25
CA ALA C 174 -20.39 -16.17 2.39
C ALA C 174 -19.84 -14.81 2.87
N GLY C 175 -19.98 -14.56 4.16
CA GLY C 175 -19.65 -13.25 4.73
C GLY C 175 -18.17 -12.89 4.61
N VAL C 176 -17.32 -13.75 5.12
CA VAL C 176 -15.88 -13.49 4.98
C VAL C 176 -15.45 -13.47 3.53
N THR C 177 -16.05 -14.32 2.70
CA THR C 177 -15.71 -14.34 1.28
C THR C 177 -15.92 -12.96 0.65
N VAL C 178 -17.09 -12.35 0.88
CA VAL C 178 -17.39 -11.08 0.21
C VAL C 178 -16.68 -9.88 0.87
N TYR C 179 -16.51 -9.94 2.19
CA TYR C 179 -15.73 -8.96 2.94
C TYR C 179 -14.29 -8.89 2.44
N LYS C 180 -13.59 -10.02 2.42
CA LYS C 180 -12.23 -10.07 1.88
C LYS C 180 -12.20 -9.69 0.41
N GLY C 181 -13.17 -10.20 -0.35
CA GLY C 181 -13.36 -9.86 -1.75
C GLY C 181 -13.41 -8.34 -1.94
N LEU C 182 -14.14 -7.64 -1.07
CA LEU C 182 -14.22 -6.19 -1.15
C LEU C 182 -12.87 -5.52 -0.78
N LYS C 183 -12.21 -6.05 0.25
CA LYS C 183 -10.93 -5.48 0.66
C LYS C 183 -9.97 -5.50 -0.53
N VAL C 184 -9.96 -6.59 -1.30
CA VAL C 184 -9.01 -6.68 -2.40
C VAL C 184 -9.47 -5.99 -3.70
N THR C 185 -10.57 -5.23 -3.67
CA THR C 185 -10.85 -4.28 -4.76
C THR C 185 -9.92 -3.05 -4.72
N ASP C 186 -9.22 -2.86 -3.60
CA ASP C 186 -8.27 -1.74 -3.39
C ASP C 186 -8.97 -0.38 -3.51
N THR C 187 -10.19 -0.29 -3.03
CA THR C 187 -11.02 0.91 -3.07
C THR C 187 -10.94 1.61 -1.70
N LYS C 188 -11.53 2.79 -1.62
CA LYS C 188 -11.48 3.63 -0.42
C LYS C 188 -12.87 4.25 -0.25
N PRO C 189 -13.20 4.75 0.95
CA PRO C 189 -14.50 5.37 1.16
C PRO C 189 -14.77 6.51 0.17
N GLY C 190 -16.02 6.58 -0.30
CA GLY C 190 -16.39 7.45 -1.38
C GLY C 190 -16.32 6.84 -2.77
N ASP C 191 -15.56 5.75 -2.94
CA ASP C 191 -15.50 5.11 -4.26
C ASP C 191 -16.84 4.41 -4.53
N TRP C 192 -17.08 4.19 -5.83
CA TRP C 192 -18.13 3.32 -6.32
C TRP C 192 -17.65 1.89 -6.42
N VAL C 193 -18.45 0.99 -5.86
CA VAL C 193 -18.26 -0.42 -6.05
CA VAL C 193 -18.26 -0.43 -6.08
C VAL C 193 -19.56 -1.00 -6.59
N VAL C 194 -19.45 -1.92 -7.54
CA VAL C 194 -20.58 -2.62 -8.11
C VAL C 194 -20.63 -4.01 -7.48
N ILE C 195 -21.77 -4.41 -6.90
CA ILE C 195 -21.96 -5.79 -6.47
C ILE C 195 -22.71 -6.49 -7.58
N SER C 196 -22.09 -7.47 -8.22
CA SER C 196 -22.72 -8.24 -9.25
C SER C 196 -23.20 -9.54 -8.66
N GLY C 197 -24.52 -9.73 -8.71
CA GLY C 197 -25.18 -10.90 -8.13
C GLY C 197 -25.63 -10.60 -6.72
N ILE C 198 -26.94 -10.46 -6.50
CA ILE C 198 -27.44 -10.16 -5.14
C ILE C 198 -28.13 -11.40 -4.56
N GLY C 199 -27.39 -12.51 -4.47
CA GLY C 199 -27.87 -13.75 -3.84
C GLY C 199 -27.34 -13.88 -2.42
N GLY C 200 -27.08 -15.12 -1.99
CA GLY C 200 -26.50 -15.41 -0.70
C GLY C 200 -25.27 -14.59 -0.38
N LEU C 201 -24.30 -14.56 -1.31
CA LEU C 201 -23.08 -13.76 -1.12
C LEU C 201 -23.38 -12.27 -1.31
N GLY C 202 -24.02 -11.94 -2.43
CA GLY C 202 -24.19 -10.54 -2.79
C GLY C 202 -24.99 -9.69 -1.83
N HIS C 203 -26.04 -10.23 -1.21
CA HIS C 203 -26.83 -9.38 -0.30
C HIS C 203 -26.01 -9.02 0.92
N MET C 204 -25.08 -9.89 1.28
CA MET C 204 -24.12 -9.63 2.34
CA MET C 204 -24.16 -9.60 2.37
C MET C 204 -23.11 -8.59 1.89
N ALA C 205 -22.64 -8.73 0.66
CA ALA C 205 -21.59 -7.82 0.16
C ALA C 205 -22.08 -6.34 0.10
N VAL C 206 -23.36 -6.12 -0.21
CA VAL C 206 -23.92 -4.77 -0.23
C VAL C 206 -23.79 -4.12 1.14
N GLN C 207 -24.03 -4.92 2.18
CA GLN C 207 -23.99 -4.42 3.56
C GLN C 207 -22.56 -4.13 4.02
N TYR C 208 -21.64 -5.09 3.77
CA TYR C 208 -20.23 -4.83 4.05
C TYR C 208 -19.73 -3.60 3.30
N ALA C 209 -20.09 -3.49 2.03
CA ALA C 209 -19.61 -2.36 1.22
C ALA C 209 -20.05 -1.01 1.81
N ARG C 210 -21.32 -0.93 2.20
CA ARG C 210 -21.83 0.29 2.83
C ARG C 210 -21.11 0.59 4.15
N ALA C 211 -20.82 -0.44 4.94
CA ALA C 211 -20.18 -0.24 6.23
C ALA C 211 -18.72 0.17 6.05
N MET C 212 -18.17 -0.11 4.87
CA MET C 212 -16.81 0.24 4.50
C MET C 212 -16.76 1.61 3.81
N GLY C 213 -17.88 2.34 3.82
CA GLY C 213 -17.98 3.69 3.32
C GLY C 213 -18.06 3.84 1.81
N LEU C 214 -18.34 2.75 1.10
CA LEU C 214 -18.44 2.77 -0.36
C LEU C 214 -19.86 3.14 -0.84
N ASN C 215 -19.93 3.79 -1.98
CA ASN C 215 -21.17 3.99 -2.68
C ASN C 215 -21.40 2.71 -3.46
N VAL C 216 -22.61 2.17 -3.37
CA VAL C 216 -22.88 0.83 -3.85
C VAL C 216 -23.89 0.77 -4.98
N ALA C 217 -23.45 0.18 -6.10
CA ALA C 217 -24.33 -0.16 -7.21
C ALA C 217 -24.55 -1.67 -7.24
N ALA C 218 -25.76 -2.10 -7.58
CA ALA C 218 -26.08 -3.53 -7.61
C ALA C 218 -26.60 -3.95 -8.99
N VAL C 219 -26.17 -5.14 -9.44
CA VAL C 219 -26.58 -5.70 -10.74
C VAL C 219 -27.07 -7.11 -10.52
N ASP C 220 -28.22 -7.44 -11.12
CA ASP C 220 -28.75 -8.79 -11.06
C ASP C 220 -29.78 -8.94 -12.20
N ILE C 221 -30.36 -10.12 -12.35
CA ILE C 221 -31.40 -10.35 -13.36
C ILE C 221 -32.83 -10.34 -12.78
N ASP C 222 -32.94 -10.17 -11.47
CA ASP C 222 -34.19 -10.33 -10.75
C ASP C 222 -34.51 -9.05 -9.99
N ASP C 223 -35.57 -8.36 -10.40
CA ASP C 223 -35.96 -7.10 -9.74
C ASP C 223 -36.20 -7.24 -8.23
N ARG C 224 -36.63 -8.40 -7.76
CA ARG C 224 -36.82 -8.59 -6.30
C ARG C 224 -35.48 -8.51 -5.54
N LYS C 225 -34.42 -9.04 -6.13
CA LYS C 225 -33.08 -8.96 -5.56
C LYS C 225 -32.50 -7.54 -5.57
N LEU C 226 -32.80 -6.78 -6.63
CA LEU C 226 -32.42 -5.40 -6.69
C LEU C 226 -33.20 -4.58 -5.65
N ASP C 227 -34.48 -4.90 -5.45
CA ASP C 227 -35.24 -4.25 -4.42
C ASP C 227 -34.55 -4.51 -3.07
N LEU C 228 -34.17 -5.75 -2.83
CA LEU C 228 -33.46 -6.10 -1.59
C LEU C 228 -32.14 -5.33 -1.44
N ALA C 229 -31.36 -5.27 -2.51
CA ALA C 229 -30.11 -4.47 -2.51
C ALA C 229 -30.38 -3.03 -2.13
N ARG C 230 -31.43 -2.42 -2.69
CA ARG C 230 -31.78 -1.02 -2.37
CA ARG C 230 -31.75 -1.02 -2.36
C ARG C 230 -32.08 -0.89 -0.88
N ARG C 231 -32.85 -1.83 -0.35
CA ARG C 231 -33.20 -1.77 1.08
C ARG C 231 -31.94 -1.88 1.93
N LEU C 232 -30.96 -2.67 1.47
CA LEU C 232 -29.70 -2.88 2.18
C LEU C 232 -28.62 -1.84 1.93
N GLY C 233 -28.91 -0.87 1.06
CA GLY C 233 -28.09 0.33 0.91
C GLY C 233 -27.51 0.57 -0.48
N ALA C 234 -27.83 -0.25 -1.47
CA ALA C 234 -27.40 0.04 -2.84
C ALA C 234 -28.23 1.24 -3.34
N THR C 235 -27.57 2.26 -3.88
CA THR C 235 -28.31 3.45 -4.33
C THR C 235 -28.46 3.49 -5.84
N VAL C 236 -27.69 2.67 -6.53
CA VAL C 236 -27.80 2.50 -7.99
C VAL C 236 -28.11 1.01 -8.26
N THR C 237 -29.11 0.75 -9.09
CA THR C 237 -29.45 -0.63 -9.44
C THR C 237 -29.69 -0.78 -10.94
N VAL C 238 -29.37 -1.95 -11.47
CA VAL C 238 -29.69 -2.23 -12.86
C VAL C 238 -29.96 -3.72 -13.06
N ASN C 239 -31.05 -3.99 -13.77
CA ASN C 239 -31.43 -5.33 -14.15
C ASN C 239 -30.75 -5.71 -15.45
N ALA C 240 -29.83 -6.66 -15.36
CA ALA C 240 -28.93 -7.02 -16.45
C ALA C 240 -29.61 -7.80 -17.56
N LYS C 241 -30.83 -8.28 -17.32
CA LYS C 241 -31.64 -8.96 -18.33
C LYS C 241 -32.53 -7.99 -19.09
N THR C 242 -33.11 -7.00 -18.42
CA THR C 242 -34.09 -6.11 -19.04
C THR C 242 -33.49 -4.81 -19.57
N VAL C 243 -32.26 -4.50 -19.16
CA VAL C 243 -31.56 -3.35 -19.71
C VAL C 243 -30.58 -3.89 -20.72
N ALA C 244 -30.65 -3.35 -21.93
CA ALA C 244 -29.86 -3.85 -23.05
C ALA C 244 -28.35 -3.77 -22.79
N ASP C 245 -27.90 -2.63 -22.26
CA ASP C 245 -26.47 -2.38 -22.01
C ASP C 245 -26.24 -1.98 -20.55
N PRO C 246 -26.27 -2.97 -19.64
CA PRO C 246 -26.14 -2.63 -18.23
C PRO C 246 -24.78 -1.99 -17.88
N ALA C 247 -23.71 -2.37 -18.56
CA ALA C 247 -22.39 -1.77 -18.33
C ALA C 247 -22.42 -0.26 -18.64
N ALA C 248 -23.03 0.12 -19.75
CA ALA C 248 -23.15 1.53 -20.10
C ALA C 248 -23.99 2.27 -19.08
N TYR C 249 -25.05 1.63 -18.61
CA TYR C 249 -25.88 2.23 -17.57
C TYR C 249 -25.03 2.51 -16.32
N ILE C 250 -24.27 1.50 -15.89
CA ILE C 250 -23.41 1.67 -14.71
C ILE C 250 -22.32 2.74 -14.92
N ARG C 251 -21.65 2.72 -16.06
CA ARG C 251 -20.68 3.79 -16.36
C ARG C 251 -21.31 5.18 -16.28
N LYS C 252 -22.52 5.33 -16.77
CA LYS C 252 -23.21 6.61 -16.69
C LYS C 252 -23.42 7.02 -15.21
N GLU C 253 -23.94 6.08 -14.43
CA GLU C 253 -24.33 6.37 -13.07
C GLU C 253 -23.13 6.55 -12.12
N THR C 254 -21.94 6.14 -12.54
CA THR C 254 -20.75 6.25 -11.69
C THR C 254 -19.71 7.23 -12.28
N ASP C 255 -20.15 8.13 -13.18
CA ASP C 255 -19.22 9.01 -13.93
C ASP C 255 -18.01 8.31 -14.55
N GLY C 256 -18.26 7.29 -15.36
CA GLY C 256 -17.19 6.64 -16.16
C GLY C 256 -16.77 5.24 -15.71
N GLY C 257 -17.43 4.72 -14.69
CA GLY C 257 -17.21 3.36 -14.24
C GLY C 257 -16.85 3.28 -12.76
N ALA C 258 -17.06 2.11 -12.18
CA ALA C 258 -16.79 1.89 -10.76
C ALA C 258 -15.32 1.61 -10.50
N GLN C 259 -14.81 2.08 -9.36
CA GLN C 259 -13.44 1.75 -8.96
C GLN C 259 -13.26 0.28 -8.63
N GLY C 260 -14.32 -0.36 -8.16
CA GLY C 260 -14.34 -1.78 -7.90
C GLY C 260 -15.60 -2.49 -8.38
N VAL C 261 -15.46 -3.74 -8.76
CA VAL C 261 -16.59 -4.60 -9.06
C VAL C 261 -16.32 -5.90 -8.36
N LEU C 262 -17.29 -6.37 -7.56
CA LEU C 262 -17.22 -7.68 -6.95
C LEU C 262 -18.20 -8.58 -7.66
N VAL C 263 -17.71 -9.66 -8.27
CA VAL C 263 -18.56 -10.58 -9.01
C VAL C 263 -18.81 -11.81 -8.12
N THR C 264 -20.05 -11.94 -7.65
CA THR C 264 -20.38 -13.00 -6.70
C THR C 264 -20.99 -14.21 -7.33
N ALA C 265 -21.50 -14.09 -8.56
CA ALA C 265 -22.08 -15.20 -9.32
C ALA C 265 -21.50 -15.07 -10.70
N VAL C 266 -20.46 -15.86 -10.97
CA VAL C 266 -19.67 -15.64 -12.19
C VAL C 266 -20.22 -16.48 -13.37
N SER C 267 -21.30 -16.02 -13.98
CA SER C 267 -21.72 -16.53 -15.26
C SER C 267 -20.89 -15.82 -16.34
N PRO C 268 -20.83 -16.41 -17.56
CA PRO C 268 -20.12 -15.75 -18.67
C PRO C 268 -20.62 -14.33 -18.96
N LYS C 269 -21.94 -14.13 -18.92
CA LYS C 269 -22.50 -12.80 -19.11
C LYS C 269 -22.06 -11.84 -18.02
N ALA C 270 -22.09 -12.27 -16.76
CA ALA C 270 -21.78 -11.41 -15.62
C ALA C 270 -20.34 -10.95 -15.64
N PHE C 271 -19.45 -11.86 -16.02
CA PHE C 271 -18.05 -11.53 -16.14
C PHE C 271 -17.76 -10.51 -17.26
N GLU C 272 -18.34 -10.74 -18.44
CA GLU C 272 -18.19 -9.85 -19.57
C GLU C 272 -18.72 -8.46 -19.22
N GLN C 273 -19.91 -8.41 -18.62
CA GLN C 273 -20.50 -7.15 -18.22
C GLN C 273 -19.71 -6.47 -17.08
N ALA C 274 -19.21 -7.24 -16.12
CA ALA C 274 -18.39 -6.68 -15.05
C ALA C 274 -17.19 -5.93 -15.59
N LEU C 275 -16.53 -6.50 -16.59
CA LEU C 275 -15.40 -5.87 -17.21
C LEU C 275 -15.75 -4.58 -17.94
N GLY C 276 -16.99 -4.39 -18.37
CA GLY C 276 -17.40 -3.12 -18.96
C GLY C 276 -17.81 -2.08 -17.92
N MET C 277 -17.98 -2.48 -16.68
CA MET C 277 -18.46 -1.60 -15.60
C MET C 277 -17.35 -0.92 -14.82
N VAL C 278 -16.14 -1.43 -14.96
CA VAL C 278 -15.01 -0.98 -14.13
C VAL C 278 -14.40 0.22 -14.83
N ALA C 279 -14.04 1.24 -14.05
CA ALA C 279 -13.36 2.43 -14.55
C ALA C 279 -11.93 2.05 -14.93
N ARG C 280 -11.32 2.84 -15.79
CA ARG C 280 -9.89 2.65 -16.05
C ARG C 280 -9.18 2.66 -14.69
N GLY C 281 -8.17 1.81 -14.53
CA GLY C 281 -7.43 1.72 -13.30
C GLY C 281 -8.18 1.00 -12.19
N GLY C 282 -9.38 0.52 -12.48
CA GLY C 282 -10.22 -0.12 -11.49
C GLY C 282 -9.91 -1.60 -11.36
N THR C 283 -10.55 -2.25 -10.37
CA THR C 283 -10.27 -3.64 -10.05
C THR C 283 -11.54 -4.49 -10.03
N VAL C 284 -11.49 -5.62 -10.71
CA VAL C 284 -12.55 -6.62 -10.69
C VAL C 284 -12.12 -7.78 -9.75
N SER C 285 -12.92 -8.00 -8.71
CA SER C 285 -12.67 -9.05 -7.74
C SER C 285 -13.67 -10.19 -7.93
N LEU C 286 -13.18 -11.42 -8.13
CA LEU C 286 -13.99 -12.57 -8.47
C LEU C 286 -14.09 -13.49 -7.27
N ASN C 287 -15.32 -13.85 -6.90
CA ASN C 287 -15.54 -14.77 -5.78
C ASN C 287 -16.04 -16.16 -6.21
N GLY C 288 -16.52 -16.34 -7.42
CA GLY C 288 -17.11 -17.65 -7.80
C GLY C 288 -16.09 -18.74 -8.10
N LEU C 289 -16.55 -19.98 -8.16
CA LEU C 289 -15.71 -21.07 -8.64
C LEU C 289 -16.43 -21.78 -9.77
N PRO C 290 -16.67 -21.07 -10.88
CA PRO C 290 -17.35 -21.67 -12.02
C PRO C 290 -16.44 -22.59 -12.79
N PRO C 291 -17.02 -23.50 -13.58
CA PRO C 291 -16.23 -24.36 -14.45
C PRO C 291 -15.79 -23.65 -15.72
N GLY C 292 -14.77 -24.20 -16.38
CA GLY C 292 -14.37 -23.78 -17.73
C GLY C 292 -13.58 -22.48 -17.83
N ASP C 293 -13.27 -22.11 -19.06
CA ASP C 293 -12.52 -20.90 -19.37
C ASP C 293 -13.47 -19.76 -19.80
N PHE C 294 -13.08 -18.55 -19.52
CA PHE C 294 -13.83 -17.36 -19.85
C PHE C 294 -12.97 -16.53 -20.75
N PRO C 295 -13.58 -15.90 -21.77
CA PRO C 295 -12.81 -15.03 -22.65
C PRO C 295 -12.43 -13.69 -21.99
N LEU C 296 -11.16 -13.34 -22.15
CA LEU C 296 -10.61 -12.07 -21.65
C LEU C 296 -9.98 -11.29 -22.79
N SER C 297 -10.43 -10.06 -22.96
CA SER C 297 -9.78 -9.17 -23.87
C SER C 297 -8.55 -8.57 -23.20
N ILE C 298 -7.38 -9.09 -23.52
CA ILE C 298 -6.13 -8.57 -23.00
C ILE C 298 -5.91 -7.15 -23.53
N PHE C 299 -6.23 -6.94 -24.80
CA PHE C 299 -6.18 -5.62 -25.39
C PHE C 299 -6.85 -4.57 -24.52
N ASN C 300 -8.09 -4.81 -24.13
CA ASN C 300 -8.85 -3.85 -23.30
C ASN C 300 -8.30 -3.76 -21.88
N MET C 301 -7.88 -4.89 -21.31
CA MET C 301 -7.30 -4.88 -19.98
CA MET C 301 -7.25 -4.93 -19.99
C MET C 301 -6.06 -3.98 -19.94
N VAL C 302 -5.21 -4.08 -20.96
CA VAL C 302 -3.98 -3.33 -21.04
C VAL C 302 -4.24 -1.86 -21.36
N LEU C 303 -5.07 -1.59 -22.36
CA LEU C 303 -5.43 -0.20 -22.68
C LEU C 303 -6.03 0.55 -21.49
N ASN C 304 -6.89 -0.13 -20.73
CA ASN C 304 -7.62 0.49 -19.64
C ASN C 304 -6.94 0.37 -18.28
N GLY C 305 -5.82 -0.31 -18.20
CA GLY C 305 -5.11 -0.46 -16.95
C GLY C 305 -5.89 -1.20 -15.89
N VAL C 306 -6.63 -2.23 -16.30
CA VAL C 306 -7.57 -2.92 -15.40
C VAL C 306 -6.89 -4.09 -14.69
N THR C 307 -7.35 -4.36 -13.46
CA THR C 307 -6.91 -5.46 -12.66
C THR C 307 -8.09 -6.43 -12.49
N VAL C 308 -7.81 -7.72 -12.68
CA VAL C 308 -8.76 -8.81 -12.38
C VAL C 308 -8.10 -9.74 -11.37
N ARG C 309 -8.79 -10.05 -10.28
CA ARG C 309 -8.19 -10.70 -9.13
C ARG C 309 -9.18 -11.71 -8.53
N GLY C 310 -8.71 -12.91 -8.21
CA GLY C 310 -9.55 -13.92 -7.56
C GLY C 310 -9.46 -13.87 -6.06
N SER C 311 -10.58 -14.06 -5.38
CA SER C 311 -10.57 -14.09 -3.92
C SER C 311 -11.69 -14.97 -3.41
N ILE C 312 -11.36 -15.94 -2.57
CA ILE C 312 -12.35 -16.75 -1.85
CA ILE C 312 -12.39 -16.66 -1.80
C ILE C 312 -11.97 -16.86 -0.36
N VAL C 313 -12.98 -16.98 0.49
CA VAL C 313 -12.85 -17.01 1.93
C VAL C 313 -11.93 -15.89 2.39
N GLY C 314 -11.17 -16.18 3.44
CA GLY C 314 -10.34 -15.21 4.09
C GLY C 314 -9.49 -15.85 5.18
N THR C 315 -8.54 -15.06 5.69
CA THR C 315 -7.65 -15.51 6.73
C THR C 315 -8.45 -15.54 8.01
N ARG C 316 -7.87 -16.10 9.07
CA ARG C 316 -8.53 -16.04 10.38
C ARG C 316 -8.82 -14.60 10.84
N LEU C 317 -7.93 -13.67 10.53
CA LEU C 317 -8.15 -12.26 10.86
C LEU C 317 -9.30 -11.66 10.02
N ASP C 318 -9.37 -11.97 8.73
CA ASP C 318 -10.49 -11.54 7.89
C ASP C 318 -11.83 -12.02 8.49
N LEU C 319 -11.86 -13.27 8.98
CA LEU C 319 -13.06 -13.83 9.56
C LEU C 319 -13.45 -13.12 10.86
N GLN C 320 -12.49 -12.85 11.74
CA GLN C 320 -12.78 -12.08 12.97
C GLN C 320 -13.38 -10.70 12.64
N GLU C 321 -12.74 -10.00 11.70
CA GLU C 321 -13.21 -8.69 11.24
C GLU C 321 -14.63 -8.82 10.69
N SER C 322 -14.87 -9.87 9.91
CA SER C 322 -16.19 -10.04 9.31
C SER C 322 -17.25 -10.32 10.37
N LEU C 323 -16.90 -11.10 11.41
CA LEU C 323 -17.79 -11.35 12.54
C LEU C 323 -18.10 -10.08 13.37
N ASP C 324 -17.12 -9.21 13.52
CA ASP C 324 -17.30 -7.95 14.25
C ASP C 324 -18.34 -7.06 13.57
N PHE C 325 -18.38 -7.04 12.23
CA PHE C 325 -19.45 -6.30 11.54
C PHE C 325 -20.83 -6.87 11.87
N ALA C 326 -20.98 -8.19 11.90
CA ALA C 326 -22.24 -8.79 12.32
C ALA C 326 -22.55 -8.42 13.79
N ALA C 327 -21.54 -8.52 14.65
CA ALA C 327 -21.71 -8.24 16.07
C ALA C 327 -22.21 -6.82 16.27
N ASP C 328 -21.69 -5.88 15.48
CA ASP C 328 -22.01 -4.47 15.67
C ASP C 328 -23.29 -4.07 14.95
N GLY C 329 -23.95 -5.02 14.28
CA GLY C 329 -25.23 -4.73 13.65
C GLY C 329 -25.14 -4.17 12.24
N LYS C 330 -23.95 -4.15 11.64
CA LYS C 330 -23.74 -3.54 10.33
C LYS C 330 -24.12 -4.50 9.21
N VAL C 331 -24.01 -5.80 9.48
CA VAL C 331 -24.27 -6.83 8.48
C VAL C 331 -25.22 -7.89 9.07
N LYS C 332 -26.31 -8.17 8.36
CA LYS C 332 -27.23 -9.25 8.71
C LYS C 332 -27.60 -10.12 7.49
N ALA C 333 -27.33 -11.42 7.57
CA ALA C 333 -27.75 -12.42 6.57
C ALA C 333 -29.26 -12.70 6.60
N THR C 334 -29.92 -12.64 5.44
CA THR C 334 -31.27 -13.18 5.24
C THR C 334 -31.08 -14.68 5.06
N ILE C 335 -31.70 -15.44 5.96
CA ILE C 335 -31.54 -16.88 5.94
C ILE C 335 -32.87 -17.60 5.77
N GLN C 336 -32.78 -18.78 5.16
CA GLN C 336 -33.88 -19.70 5.03
C GLN C 336 -33.48 -20.94 5.79
N THR C 337 -34.20 -21.27 6.86
CA THR C 337 -33.79 -22.38 7.72
C THR C 337 -34.36 -23.73 7.25
N GLY C 338 -33.71 -24.80 7.70
CA GLY C 338 -34.04 -26.15 7.26
C GLY C 338 -33.52 -27.18 8.23
N LYS C 339 -33.68 -28.45 7.88
CA LYS C 339 -33.23 -29.54 8.73
C LYS C 339 -32.18 -30.36 7.98
N LEU C 340 -31.32 -31.04 8.73
CA LEU C 340 -30.29 -31.91 8.13
C LEU C 340 -30.89 -32.91 7.11
N GLU C 341 -32.13 -33.33 7.35
CA GLU C 341 -32.84 -34.26 6.47
C GLU C 341 -33.24 -33.66 5.11
N ASP C 342 -33.38 -32.33 5.05
CA ASP C 342 -33.68 -31.64 3.79
C ASP C 342 -32.49 -31.52 2.84
N ILE C 343 -31.33 -32.10 3.20
CA ILE C 343 -30.07 -31.87 2.49
C ILE C 343 -30.14 -32.13 0.99
N ASN C 344 -30.69 -33.28 0.60
CA ASN C 344 -30.84 -33.65 -0.83
C ASN C 344 -31.84 -32.78 -1.59
N ALA C 345 -32.95 -32.41 -0.95
CA ALA C 345 -33.91 -31.47 -1.55
C ALA C 345 -33.30 -30.07 -1.65
N ILE C 346 -32.64 -29.63 -0.59
CA ILE C 346 -31.85 -28.39 -0.59
C ILE C 346 -30.94 -28.31 -1.81
N PHE C 347 -30.13 -29.33 -2.03
CA PHE C 347 -29.23 -29.38 -3.19
C PHE C 347 -30.00 -29.26 -4.53
N ASP C 348 -31.20 -29.84 -4.59
CA ASP C 348 -32.05 -29.69 -5.79
C ASP C 348 -32.48 -28.23 -5.96
N ASP C 349 -33.02 -27.65 -4.89
CA ASP C 349 -33.49 -26.27 -4.91
C ASP C 349 -32.38 -25.31 -5.34
N MET C 350 -31.15 -25.59 -4.90
CA MET C 350 -29.96 -24.84 -5.34
C MET C 350 -29.68 -24.97 -6.83
N ARG C 351 -29.95 -26.15 -7.39
CA ARG C 351 -29.63 -26.46 -8.79
C ARG C 351 -30.55 -25.74 -9.78
N GLY C 357 -30.80 -14.99 -0.40
CA GLY C 357 -30.35 -15.42 0.94
C GLY C 357 -29.72 -16.81 1.03
N ARG C 358 -29.38 -17.19 2.25
CA ARG C 358 -28.59 -18.39 2.51
C ARG C 358 -29.41 -19.46 3.22
N ILE C 359 -29.13 -20.71 2.89
CA ILE C 359 -29.74 -21.84 3.58
C ILE C 359 -28.86 -22.26 4.74
N VAL C 360 -29.47 -22.34 5.91
CA VAL C 360 -28.81 -22.78 7.11
C VAL C 360 -29.63 -23.88 7.73
N MET C 361 -29.00 -25.01 8.03
CA MET C 361 -29.67 -26.13 8.67
C MET C 361 -29.59 -25.96 10.17
N ASP C 362 -30.75 -25.97 10.82
CA ASP C 362 -30.83 -25.87 12.27
C ASP C 362 -30.82 -27.27 12.87
N LEU C 363 -29.83 -27.58 13.69
CA LEU C 363 -29.76 -28.89 14.33
C LEU C 363 -30.38 -28.88 15.74
N THR C 364 -31.49 -28.16 15.91
CA THR C 364 -32.23 -28.15 17.18
C THR C 364 -33.75 -28.36 17.00
N LYS D 24 25.56 -33.30 32.28
CA LYS D 24 24.73 -32.86 33.44
C LYS D 24 24.60 -31.33 33.47
N THR D 25 25.72 -30.64 33.42
CA THR D 25 25.70 -29.16 33.51
C THR D 25 26.35 -28.48 32.28
N MET D 26 26.33 -27.15 32.26
CA MET D 26 26.86 -26.36 31.12
C MET D 26 27.50 -25.03 31.55
N LYS D 27 28.37 -24.50 30.70
CA LYS D 27 28.85 -23.14 30.90
C LYS D 27 27.75 -22.15 30.49
N ALA D 28 27.56 -21.12 31.31
CA ALA D 28 26.68 -19.99 30.98
C ALA D 28 27.17 -18.73 31.67
N ALA D 29 27.03 -17.60 30.98
CA ALA D 29 27.24 -16.28 31.57
C ALA D 29 25.90 -15.80 32.15
N VAL D 30 25.86 -15.61 33.47
CA VAL D 30 24.62 -15.32 34.17
C VAL D 30 24.65 -13.92 34.79
N VAL D 31 23.59 -13.16 34.55
CA VAL D 31 23.39 -11.90 35.25
C VAL D 31 22.68 -12.24 36.56
N ARG D 32 23.43 -12.25 37.67
CA ARG D 32 22.89 -12.53 39.00
CA ARG D 32 22.80 -12.56 38.95
C ARG D 32 22.26 -11.30 39.63
N ALA D 33 22.77 -10.12 39.24
CA ALA D 33 22.35 -8.84 39.78
C ALA D 33 22.59 -7.71 38.77
N PHE D 34 21.58 -6.86 38.58
CA PHE D 34 21.71 -5.73 37.66
C PHE D 34 22.91 -4.86 37.99
N GLY D 35 23.69 -4.49 36.97
CA GLY D 35 24.83 -3.58 37.13
C GLY D 35 26.10 -4.19 37.69
N LYS D 36 26.07 -5.48 38.04
CA LYS D 36 27.25 -6.18 38.51
C LYS D 36 27.82 -7.02 37.36
N PRO D 37 29.14 -7.27 37.37
CA PRO D 37 29.72 -8.17 36.37
C PRO D 37 28.97 -9.50 36.29
N LEU D 38 28.89 -10.05 35.09
CA LEU D 38 28.28 -11.37 34.89
C LEU D 38 29.19 -12.44 35.46
N THR D 39 28.61 -13.46 36.09
CA THR D 39 29.44 -14.55 36.58
C THR D 39 29.31 -15.74 35.62
N ILE D 40 30.46 -16.25 35.17
CA ILE D 40 30.47 -17.45 34.33
C ILE D 40 30.29 -18.59 35.32
N ASP D 41 29.10 -19.17 35.30
CA ASP D 41 28.69 -20.14 36.29
C ASP D 41 28.52 -21.49 35.60
N GLU D 42 28.37 -22.52 36.42
CA GLU D 42 28.11 -23.89 35.99
C GLU D 42 26.67 -24.20 36.40
N VAL D 43 25.80 -24.42 35.42
CA VAL D 43 24.36 -24.50 35.65
C VAL D 43 23.73 -25.71 34.95
N PRO D 44 22.51 -26.11 35.37
CA PRO D 44 21.91 -27.29 34.74
C PRO D 44 21.60 -27.07 33.27
N ILE D 45 21.65 -28.15 32.50
CA ILE D 45 21.31 -28.08 31.09
C ILE D 45 19.79 -28.05 30.97
N PRO D 46 19.23 -26.98 30.36
CA PRO D 46 17.78 -26.96 30.25
C PRO D 46 17.28 -28.06 29.34
N GLN D 47 16.17 -28.68 29.73
CA GLN D 47 15.59 -29.82 29.02
C GLN D 47 14.28 -29.43 28.31
N PRO D 48 14.09 -29.91 27.08
CA PRO D 48 12.89 -29.53 26.32
C PRO D 48 11.64 -30.27 26.75
N GLY D 49 10.63 -29.53 27.21
CA GLY D 49 9.32 -30.12 27.46
C GLY D 49 8.58 -30.30 26.15
N PRO D 50 7.29 -30.64 26.20
CA PRO D 50 6.53 -30.75 24.96
C PRO D 50 6.38 -29.41 24.22
N GLY D 51 6.46 -29.46 22.90
CA GLY D 51 6.44 -28.25 22.06
C GLY D 51 7.72 -27.43 22.06
N GLN D 52 8.80 -27.98 22.62
CA GLN D 52 10.08 -27.29 22.69
C GLN D 52 11.16 -28.12 22.04
N ILE D 53 12.29 -27.47 21.82
CA ILE D 53 13.50 -28.08 21.32
C ILE D 53 14.66 -27.53 22.14
N GLN D 54 15.80 -28.22 22.07
CA GLN D 54 17.04 -27.82 22.71
C GLN D 54 18.00 -27.52 21.61
N VAL D 55 18.81 -26.48 21.77
CA VAL D 55 19.80 -26.16 20.75
C VAL D 55 21.20 -26.12 21.37
N ALA D 56 22.15 -26.78 20.73
CA ALA D 56 23.55 -26.75 21.14
C ALA D 56 24.21 -25.54 20.48
N ILE D 57 24.50 -24.50 21.26
CA ILE D 57 24.91 -23.22 20.69
C ILE D 57 26.37 -23.34 20.24
N GLN D 58 26.67 -22.88 19.03
CA GLN D 58 28.04 -22.82 18.49
C GLN D 58 28.62 -21.43 18.48
N ALA D 59 27.76 -20.45 18.18
CA ALA D 59 28.14 -19.04 18.19
C ALA D 59 26.98 -18.21 18.79
N SER D 60 27.32 -17.06 19.35
CA SER D 60 26.37 -16.24 20.09
C SER D 60 26.73 -14.76 19.93
N GLY D 61 25.99 -14.03 19.10
CA GLY D 61 26.22 -12.61 18.94
C GLY D 61 25.85 -11.84 20.19
N VAL D 62 26.56 -10.71 20.41
CA VAL D 62 26.29 -9.78 21.51
C VAL D 62 25.71 -8.47 20.91
N CYS D 63 24.68 -7.94 21.54
N CYS D 63 24.53 -8.04 21.38
CA CYS D 63 23.95 -6.78 21.06
CA CYS D 63 23.91 -6.74 20.99
C CYS D 63 23.92 -5.79 22.21
C CYS D 63 24.05 -5.77 22.17
N HIS D 64 23.81 -4.49 21.90
CA HIS D 64 23.68 -3.48 22.97
C HIS D 64 22.49 -3.77 23.88
N THR D 65 21.45 -4.39 23.33
CA THR D 65 20.34 -4.85 24.14
C THR D 65 20.79 -5.76 25.31
N ASP D 66 21.76 -6.63 25.07
CA ASP D 66 22.23 -7.53 26.15
C ASP D 66 22.80 -6.72 27.31
N LEU D 67 23.48 -5.63 26.98
CA LEU D 67 24.05 -4.71 27.99
C LEU D 67 22.93 -4.04 28.78
N HIS D 68 21.89 -3.56 28.09
CA HIS D 68 20.77 -2.92 28.78
C HIS D 68 19.99 -3.92 29.64
N ALA D 69 19.99 -5.17 29.22
CA ALA D 69 19.37 -6.25 29.99
C ALA D 69 20.18 -6.50 31.29
N ALA D 70 21.49 -6.61 31.14
CA ALA D 70 22.40 -6.81 32.26
C ALA D 70 22.35 -5.67 33.26
N GLU D 71 22.12 -4.45 32.77
CA GLU D 71 22.12 -3.24 33.58
C GLU D 71 20.75 -2.97 34.23
N GLY D 72 19.68 -3.58 33.70
CA GLY D 72 18.33 -3.33 34.19
C GLY D 72 17.89 -1.91 33.92
N ASP D 73 18.29 -1.38 32.77
CA ASP D 73 18.06 0.02 32.37
C ASP D 73 16.63 0.34 31.97
N TRP D 74 15.92 -0.64 31.44
CA TRP D 74 14.64 -0.37 30.78
C TRP D 74 13.43 -0.50 31.71
N PRO D 75 12.30 0.14 31.34
CA PRO D 75 11.14 0.12 32.21
C PRO D 75 10.63 -1.28 32.54
N VAL D 76 10.51 -2.15 31.53
CA VAL D 76 10.24 -3.58 31.75
C VAL D 76 11.58 -4.32 31.69
N LYS D 77 11.92 -4.98 32.79
CA LYS D 77 13.25 -5.53 33.03
C LYS D 77 13.27 -7.06 33.05
N PRO D 78 14.42 -7.67 32.81
CA PRO D 78 14.53 -9.09 33.12
C PRO D 78 14.33 -9.37 34.64
N ASN D 79 14.17 -10.66 34.97
CA ASN D 79 14.06 -11.11 36.35
CA ASN D 79 14.06 -11.12 36.34
C ASN D 79 15.30 -11.96 36.68
N PRO D 80 16.35 -11.32 37.25
CA PRO D 80 17.58 -12.03 37.58
C PRO D 80 17.38 -13.08 38.66
N PRO D 81 18.15 -14.17 38.59
CA PRO D 81 19.22 -14.47 37.63
C PRO D 81 18.72 -14.90 36.24
N PHE D 82 19.39 -14.44 35.18
CA PHE D 82 19.04 -14.82 33.81
C PHE D 82 20.28 -14.85 32.90
N ILE D 83 20.20 -15.60 31.81
CA ILE D 83 21.25 -15.72 30.80
C ILE D 83 20.86 -14.85 29.59
N PRO D 84 21.70 -13.85 29.23
CA PRO D 84 21.32 -13.03 28.07
C PRO D 84 21.58 -13.73 26.73
N GLY D 85 21.39 -12.99 25.64
CA GLY D 85 21.74 -13.46 24.31
C GLY D 85 20.57 -13.84 23.41
N HIS D 86 20.33 -13.07 22.36
CA HIS D 86 19.29 -13.41 21.39
C HIS D 86 19.82 -13.46 19.97
N GLU D 87 21.09 -13.86 19.85
CA GLU D 87 21.68 -14.14 18.57
C GLU D 87 22.44 -15.49 18.66
N GLY D 88 21.87 -16.45 19.37
CA GLY D 88 22.45 -17.78 19.47
C GLY D 88 22.10 -18.60 18.24
N VAL D 89 23.10 -19.28 17.73
CA VAL D 89 22.95 -20.18 16.58
C VAL D 89 23.71 -21.46 16.90
N GLY D 90 23.21 -22.58 16.41
CA GLY D 90 23.85 -23.86 16.68
C GLY D 90 23.02 -24.98 16.10
N PHE D 91 23.15 -26.17 16.70
CA PHE D 91 22.51 -27.39 16.20
C PHE D 91 21.42 -27.83 17.17
N VAL D 92 20.27 -28.20 16.63
CA VAL D 92 19.20 -28.72 17.46
C VAL D 92 19.67 -30.03 18.08
N SER D 93 19.70 -30.08 19.42
CA SER D 93 20.31 -31.18 20.17
C SER D 93 19.29 -32.16 20.76
N ALA D 94 18.04 -31.71 20.89
CA ALA D 94 16.94 -32.59 21.26
C ALA D 94 15.61 -31.96 20.90
N VAL D 95 14.60 -32.82 20.75
CA VAL D 95 13.30 -32.41 20.27
C VAL D 95 12.22 -32.97 21.19
N GLY D 96 11.54 -32.08 21.90
CA GLY D 96 10.43 -32.48 22.78
C GLY D 96 9.30 -33.17 22.03
N SER D 97 8.28 -33.62 22.77
CA SER D 97 7.15 -34.31 22.15
C SER D 97 6.21 -33.30 21.50
N GLY D 98 5.51 -33.76 20.46
CA GLY D 98 4.57 -32.92 19.73
C GLY D 98 5.19 -32.11 18.61
N VAL D 99 6.50 -31.93 18.63
CA VAL D 99 7.19 -31.08 17.66
C VAL D 99 7.29 -31.72 16.27
N LYS D 100 6.48 -31.22 15.33
CA LYS D 100 6.56 -31.63 13.93
C LYS D 100 7.65 -30.83 13.22
N HIS D 101 8.07 -31.26 12.04
CA HIS D 101 8.98 -30.47 11.18
C HIS D 101 10.45 -30.34 11.67
N VAL D 102 10.69 -29.64 12.77
CA VAL D 102 12.08 -29.46 13.29
C VAL D 102 12.68 -30.75 13.88
N LYS D 103 13.94 -31.05 13.51
CA LYS D 103 14.62 -32.31 13.88
C LYS D 103 16.03 -32.09 14.44
N GLU D 104 16.55 -33.09 15.14
CA GLU D 104 17.94 -33.07 15.63
C GLU D 104 18.90 -32.79 14.47
N GLY D 105 19.99 -32.06 14.75
CA GLY D 105 20.97 -31.68 13.72
C GLY D 105 20.57 -30.48 12.85
N ASP D 106 19.31 -30.06 12.92
CA ASP D 106 18.89 -28.85 12.22
C ASP D 106 19.70 -27.64 12.69
N ARG D 107 20.05 -26.80 11.73
CA ARG D 107 20.81 -25.60 11.89
C ARG D 107 19.86 -24.44 12.14
N VAL D 108 19.83 -23.92 13.37
CA VAL D 108 18.84 -22.92 13.77
C VAL D 108 19.41 -21.82 14.67
N GLY D 109 18.78 -20.65 14.61
CA GLY D 109 19.06 -19.54 15.53
C GLY D 109 17.84 -19.24 16.42
N ILE D 110 18.12 -18.73 17.62
CA ILE D 110 17.05 -18.34 18.56
C ILE D 110 17.10 -16.82 18.71
N PRO D 111 16.28 -16.11 17.92
CA PRO D 111 16.29 -14.65 17.90
C PRO D 111 15.45 -14.05 19.04
N TRP D 112 15.40 -12.72 19.06
CA TRP D 112 14.73 -11.95 20.10
C TRP D 112 13.32 -12.41 20.37
N LEU D 113 12.55 -12.63 19.32
CA LEU D 113 11.18 -13.07 19.49
C LEU D 113 11.18 -14.58 19.76
N TYR D 114 11.11 -14.92 21.04
CA TYR D 114 11.18 -16.31 21.51
C TYR D 114 9.89 -17.06 21.22
N THR D 115 8.78 -16.38 21.52
CA THR D 115 7.43 -16.85 21.27
C THR D 115 6.43 -15.70 21.29
N ALA D 116 5.26 -15.96 20.75
CA ALA D 116 4.14 -15.00 20.73
C ALA D 116 2.84 -15.79 20.82
N CYS D 117 1.72 -15.12 21.09
CA CYS D 117 0.53 -15.85 21.53
C CYS D 117 -0.11 -16.65 20.38
N GLY D 118 -0.02 -16.11 19.16
CA GLY D 118 -0.59 -16.75 17.99
C GLY D 118 -2.09 -16.55 17.75
N HIS D 119 -2.78 -15.84 18.64
CA HIS D 119 -4.25 -15.63 18.52
C HIS D 119 -4.72 -14.16 18.53
N CYS D 120 -3.83 -13.21 18.84
CA CYS D 120 -4.20 -11.80 18.88
C CYS D 120 -4.19 -11.22 17.44
N ARG D 121 -4.66 -9.99 17.28
CA ARG D 121 -4.76 -9.37 15.97
CA ARG D 121 -4.76 -9.40 15.95
C ARG D 121 -3.38 -9.13 15.36
N HIS D 122 -2.41 -8.78 16.20
CA HIS D 122 -1.04 -8.64 15.73
C HIS D 122 -0.51 -9.97 15.17
N CYS D 123 -0.66 -11.05 15.94
CA CYS D 123 -0.17 -12.36 15.53
C CYS D 123 -0.91 -12.84 14.26
N LEU D 124 -2.24 -12.67 14.22
CA LEU D 124 -3.02 -13.15 13.08
C LEU D 124 -2.78 -12.33 11.82
N GLY D 125 -2.24 -11.12 11.96
CA GLY D 125 -2.09 -10.22 10.83
C GLY D 125 -0.69 -10.23 10.28
N GLY D 126 0.15 -11.16 10.72
CA GLY D 126 1.56 -11.19 10.32
C GLY D 126 2.45 -10.12 10.97
N TRP D 127 2.06 -9.66 12.17
CA TRP D 127 2.81 -8.62 12.91
C TRP D 127 3.12 -9.13 14.31
N GLU D 128 3.61 -10.36 14.40
CA GLU D 128 3.83 -11.00 15.68
C GLU D 128 4.89 -10.31 16.53
N THR D 129 5.73 -9.48 15.90
CA THR D 129 6.68 -8.62 16.64
C THR D 129 6.00 -7.68 17.61
N LEU D 130 4.71 -7.44 17.41
CA LEU D 130 4.00 -6.50 18.23
C LEU D 130 3.18 -7.19 19.33
N CYS D 131 3.21 -8.52 19.37
CA CYS D 131 2.39 -9.27 20.29
C CYS D 131 2.67 -8.83 21.74
N GLU D 132 1.62 -8.46 22.44
CA GLU D 132 1.70 -7.97 23.82
C GLU D 132 2.10 -9.05 24.80
N GLU D 133 1.91 -10.32 24.44
CA GLU D 133 2.27 -11.48 25.26
C GLU D 133 3.54 -12.22 24.80
N GLN D 134 4.37 -11.56 23.99
CA GLN D 134 5.62 -12.20 23.55
C GLN D 134 6.63 -12.39 24.70
N LEU D 135 7.51 -13.38 24.54
CA LEU D 135 8.66 -13.53 25.39
C LEU D 135 9.86 -13.24 24.53
N ASN D 136 10.91 -12.74 25.15
CA ASN D 136 12.12 -12.33 24.45
C ASN D 136 13.34 -13.05 24.97
N THR D 137 14.05 -13.67 24.05
CA THR D 137 15.20 -14.49 24.34
C THR D 137 16.32 -13.69 24.96
N GLY D 138 16.88 -14.20 26.06
CA GLY D 138 17.99 -13.53 26.72
C GLY D 138 17.51 -12.29 27.42
N TYR D 139 16.22 -12.26 27.73
CA TYR D 139 15.59 -11.12 28.39
C TYR D 139 14.50 -11.60 29.35
N SER D 140 13.38 -12.11 28.83
CA SER D 140 12.30 -12.59 29.70
C SER D 140 12.38 -14.10 29.85
N VAL D 141 13.23 -14.75 29.05
CA VAL D 141 13.58 -16.15 29.25
C VAL D 141 15.08 -16.30 28.95
N ASN D 142 15.68 -17.37 29.46
CA ASN D 142 17.10 -17.58 29.28
C ASN D 142 17.46 -17.69 27.80
N GLY D 143 18.63 -17.14 27.47
CA GLY D 143 19.08 -17.01 26.10
C GLY D 143 20.36 -17.75 25.78
N GLY D 144 21.11 -17.20 24.82
CA GLY D 144 22.18 -17.94 24.15
C GLY D 144 23.60 -17.69 24.63
N PHE D 145 23.76 -17.01 25.77
CA PHE D 145 25.09 -16.81 26.36
C PHE D 145 25.41 -18.05 27.20
N ALA D 146 25.40 -19.21 26.56
CA ALA D 146 25.50 -20.52 27.22
C ALA D 146 25.59 -21.61 26.16
N GLU D 147 25.92 -22.84 26.54
CA GLU D 147 26.12 -23.93 25.57
C GLU D 147 24.83 -24.56 25.03
N TYR D 148 23.75 -24.51 25.80
CA TYR D 148 22.46 -24.98 25.34
C TYR D 148 21.37 -23.99 25.67
N VAL D 149 20.31 -23.99 24.86
CA VAL D 149 19.12 -23.17 25.09
C VAL D 149 17.91 -23.99 24.66
N VAL D 150 16.83 -23.87 25.43
CA VAL D 150 15.55 -24.46 25.04
C VAL D 150 14.74 -23.37 24.34
N ALA D 151 14.20 -23.71 23.17
CA ALA D 151 13.49 -22.78 22.29
C ALA D 151 12.14 -23.31 21.85
N ASP D 152 11.31 -22.39 21.34
CA ASP D 152 10.04 -22.73 20.67
C ASP D 152 10.33 -22.92 19.19
N PRO D 153 10.12 -24.14 18.66
CA PRO D 153 10.50 -24.44 17.29
C PRO D 153 9.72 -23.63 16.26
N ASN D 154 8.54 -23.15 16.62
CA ASN D 154 7.75 -22.32 15.73
C ASN D 154 8.37 -20.93 15.46
N PHE D 155 9.34 -20.55 16.29
CA PHE D 155 9.90 -19.18 16.26
C PHE D 155 11.41 -19.10 15.99
N VAL D 156 12.08 -20.25 15.92
CA VAL D 156 13.50 -20.26 15.61
C VAL D 156 13.71 -19.89 14.14
N GLY D 157 14.90 -19.41 13.85
CA GLY D 157 15.34 -19.11 12.49
C GLY D 157 16.10 -20.29 11.89
N HIS D 158 15.81 -20.59 10.63
CA HIS D 158 16.45 -21.71 9.94
C HIS D 158 17.62 -21.20 9.11
N LEU D 159 18.83 -21.61 9.49
CA LEU D 159 20.04 -21.01 8.95
C LEU D 159 20.44 -21.62 7.58
N PRO D 160 21.00 -20.78 6.68
CA PRO D 160 21.43 -21.37 5.40
C PRO D 160 22.67 -22.20 5.61
N LYS D 161 22.68 -23.37 4.99
CA LYS D 161 23.73 -24.35 5.24
C LYS D 161 25.09 -23.88 4.76
N ASN D 162 25.14 -22.91 3.85
CA ASN D 162 26.43 -22.49 3.27
C ASN D 162 27.20 -21.41 4.05
N ILE D 163 26.62 -20.88 5.13
CA ILE D 163 27.25 -19.79 5.88
C ILE D 163 27.65 -20.26 7.26
N ASP D 164 28.89 -19.95 7.65
CA ASP D 164 29.45 -20.34 8.95
C ASP D 164 28.65 -19.70 10.09
N PHE D 165 28.70 -20.33 11.26
CA PHE D 165 27.93 -19.92 12.42
C PHE D 165 28.32 -18.52 12.91
N ASN D 166 29.63 -18.27 13.04
CA ASN D 166 30.14 -16.97 13.48
C ASN D 166 29.61 -15.85 12.58
N GLU D 167 29.48 -16.15 11.30
CA GLU D 167 29.13 -15.17 10.28
C GLU D 167 27.60 -14.93 10.16
N ILE D 168 26.80 -15.97 10.37
CA ILE D 168 25.34 -15.82 10.27
C ILE D 168 24.72 -15.19 11.53
N ALA D 169 25.41 -15.28 12.66
CA ALA D 169 24.81 -14.93 13.94
C ALA D 169 24.22 -13.50 13.95
N PRO D 170 24.99 -12.50 13.49
CA PRO D 170 24.47 -11.13 13.54
C PRO D 170 23.20 -10.88 12.72
N VAL D 171 22.88 -11.77 11.79
CA VAL D 171 21.67 -11.58 10.99
C VAL D 171 20.43 -11.67 11.88
N LEU D 172 20.53 -12.46 12.95
CA LEU D 172 19.39 -12.74 13.82
C LEU D 172 18.87 -11.53 14.55
N CYS D 173 19.71 -10.51 14.78
CA CYS D 173 19.25 -9.25 15.35
C CYS D 173 19.67 -8.04 14.52
N ALA D 174 20.98 -7.79 14.39
CA ALA D 174 21.45 -6.67 13.60
C ALA D 174 20.86 -6.68 12.18
N GLY D 175 20.97 -7.81 11.52
CA GLY D 175 20.58 -7.94 10.14
C GLY D 175 19.10 -7.73 9.93
N VAL D 176 18.28 -8.57 10.58
CA VAL D 176 16.82 -8.42 10.50
C VAL D 176 16.37 -7.01 10.93
N THR D 177 17.01 -6.42 11.94
CA THR D 177 16.63 -5.09 12.39
C THR D 177 16.74 -4.04 11.27
N VAL D 178 17.86 -4.03 10.57
CA VAL D 178 18.10 -3.02 9.55
C VAL D 178 17.35 -3.32 8.24
N TYR D 179 17.16 -4.62 7.93
CA TYR D 179 16.42 -5.03 6.78
C TYR D 179 14.97 -4.54 6.90
N LYS D 180 14.31 -4.89 7.99
CA LYS D 180 12.92 -4.49 8.21
C LYS D 180 12.85 -2.98 8.30
N GLY D 181 13.83 -2.39 8.99
CA GLY D 181 14.00 -0.97 9.08
C GLY D 181 13.98 -0.29 7.73
N LEU D 182 14.66 -0.90 6.77
CA LEU D 182 14.69 -0.35 5.43
C LEU D 182 13.35 -0.58 4.71
N LYS D 183 12.76 -1.74 4.90
CA LYS D 183 11.46 -2.00 4.26
C LYS D 183 10.44 -0.93 4.71
N VAL D 184 10.49 -0.55 5.98
CA VAL D 184 9.48 0.41 6.46
C VAL D 184 9.85 1.88 6.16
N THR D 185 10.91 2.12 5.38
CA THR D 185 11.15 3.48 4.83
C THR D 185 10.17 3.78 3.68
N ASP D 186 9.48 2.76 3.19
CA ASP D 186 8.49 2.87 2.11
C ASP D 186 9.14 3.45 0.85
N THR D 187 10.33 2.99 0.55
CA THR D 187 11.10 3.49 -0.59
C THR D 187 11.02 2.48 -1.71
N LYS D 188 11.58 2.83 -2.86
CA LYS D 188 11.58 1.96 -4.02
C LYS D 188 12.93 2.01 -4.71
N PRO D 189 13.22 1.00 -5.54
CA PRO D 189 14.53 1.01 -6.23
C PRO D 189 14.72 2.33 -6.99
N GLY D 190 15.93 2.86 -6.91
CA GLY D 190 16.25 4.19 -7.50
C GLY D 190 16.15 5.33 -6.52
N ASP D 191 15.41 5.20 -5.41
CA ASP D 191 15.35 6.24 -4.39
C ASP D 191 16.69 6.35 -3.69
N TRP D 192 16.91 7.48 -3.03
CA TRP D 192 18.05 7.65 -2.11
C TRP D 192 17.63 7.31 -0.71
N VAL D 193 18.42 6.47 -0.05
N VAL D 193 18.43 6.49 -0.03
CA VAL D 193 18.32 6.26 1.38
CA VAL D 193 18.29 6.29 1.40
C VAL D 193 19.64 6.71 2.04
C VAL D 193 19.62 6.60 2.09
N VAL D 194 19.53 7.28 3.23
CA VAL D 194 20.69 7.59 4.04
C VAL D 194 20.77 6.55 5.18
N ILE D 195 21.94 5.94 5.36
CA ILE D 195 22.21 5.11 6.52
C ILE D 195 22.99 6.00 7.49
N SER D 196 22.38 6.32 8.61
CA SER D 196 23.01 7.10 9.65
C SER D 196 23.60 6.18 10.71
N GLY D 197 24.91 6.28 10.95
CA GLY D 197 25.63 5.37 11.82
C GLY D 197 26.10 4.14 11.07
N ILE D 198 27.40 4.02 10.85
CA ILE D 198 27.95 2.83 10.13
C ILE D 198 28.73 1.94 11.09
N GLY D 199 28.03 1.41 12.08
CA GLY D 199 28.62 0.47 13.01
C GLY D 199 28.11 -0.94 12.75
N GLY D 200 27.91 -1.69 13.82
CA GLY D 200 27.43 -3.05 13.72
C GLY D 200 26.18 -3.20 12.88
N LEU D 201 25.18 -2.39 13.17
CA LEU D 201 23.96 -2.40 12.38
C LEU D 201 24.17 -1.74 11.00
N GLY D 202 24.73 -0.54 10.98
CA GLY D 202 24.76 0.24 9.73
C GLY D 202 25.58 -0.33 8.59
N HIS D 203 26.69 -1.04 8.88
CA HIS D 203 27.47 -1.62 7.80
C HIS D 203 26.70 -2.75 7.11
N MET D 204 25.87 -3.47 7.86
CA MET D 204 24.92 -4.40 7.25
C MET D 204 23.84 -3.66 6.44
N ALA D 205 23.33 -2.56 6.98
CA ALA D 205 22.27 -1.78 6.35
C ALA D 205 22.66 -1.26 4.97
N VAL D 206 23.91 -0.81 4.85
CA VAL D 206 24.42 -0.37 3.54
C VAL D 206 24.30 -1.48 2.53
N GLN D 207 24.62 -2.71 2.94
CA GLN D 207 24.60 -3.84 2.02
C GLN D 207 23.17 -4.23 1.66
N TYR D 208 22.28 -4.31 2.63
CA TYR D 208 20.86 -4.61 2.33
C TYR D 208 20.26 -3.54 1.40
N ALA D 209 20.52 -2.26 1.70
CA ALA D 209 20.02 -1.17 0.88
C ALA D 209 20.48 -1.27 -0.57
N ARG D 210 21.75 -1.57 -0.79
CA ARG D 210 22.22 -1.71 -2.17
C ARG D 210 21.52 -2.90 -2.85
N ALA D 211 21.35 -3.99 -2.12
CA ALA D 211 20.68 -5.18 -2.68
C ALA D 211 19.19 -4.91 -2.96
N MET D 212 18.63 -3.89 -2.31
CA MET D 212 17.25 -3.50 -2.50
C MET D 212 17.09 -2.45 -3.62
N GLY D 213 18.16 -2.21 -4.39
CA GLY D 213 18.12 -1.28 -5.52
C GLY D 213 18.12 0.20 -5.16
N LEU D 214 18.47 0.51 -3.92
CA LEU D 214 18.52 1.91 -3.48
C LEU D 214 19.89 2.54 -3.77
N ASN D 215 19.89 3.85 -4.01
CA ASN D 215 21.11 4.62 -4.01
C ASN D 215 21.38 4.97 -2.56
N VAL D 216 22.61 4.76 -2.11
CA VAL D 216 22.92 4.80 -0.67
C VAL D 216 23.88 5.91 -0.30
N ALA D 217 23.46 6.71 0.67
CA ALA D 217 24.30 7.69 1.30
C ALA D 217 24.56 7.23 2.74
N ALA D 218 25.70 7.61 3.30
CA ALA D 218 26.14 7.16 4.64
C ALA D 218 26.62 8.35 5.43
N VAL D 219 26.24 8.39 6.70
CA VAL D 219 26.65 9.43 7.64
CA VAL D 219 26.69 9.42 7.60
C VAL D 219 27.21 8.77 8.88
N ASP D 220 28.34 9.30 9.37
CA ASP D 220 28.96 8.84 10.62
C ASP D 220 29.95 9.95 11.05
N ILE D 221 30.58 9.75 12.20
CA ILE D 221 31.56 10.71 12.69
C ILE D 221 33.01 10.26 12.48
N ASP D 222 33.22 9.15 11.78
CA ASP D 222 34.51 8.54 11.67
C ASP D 222 34.79 8.23 10.21
N ASP D 223 35.86 8.82 9.68
CA ASP D 223 36.22 8.65 8.26
C ASP D 223 36.43 7.18 7.92
N ARG D 224 36.89 6.39 8.87
CA ARG D 224 37.14 4.95 8.63
C ARG D 224 35.83 4.17 8.40
N LYS D 225 34.78 4.52 9.11
CA LYS D 225 33.50 3.85 8.88
C LYS D 225 32.86 4.31 7.59
N LEU D 226 33.10 5.56 7.20
CA LEU D 226 32.62 6.06 5.93
C LEU D 226 33.37 5.39 4.77
N ASP D 227 34.67 5.15 4.93
CA ASP D 227 35.42 4.42 3.94
C ASP D 227 34.87 2.99 3.79
N LEU D 228 34.57 2.36 4.92
CA LEU D 228 33.91 1.05 4.88
C LEU D 228 32.57 1.14 4.15
N ALA D 229 31.76 2.16 4.47
CA ALA D 229 30.46 2.30 3.76
C ALA D 229 30.63 2.42 2.26
N ARG D 230 31.64 3.17 1.82
CA ARG D 230 31.95 3.25 0.39
C ARG D 230 32.31 1.89 -0.20
N ARG D 231 33.14 1.11 0.50
CA ARG D 231 33.55 -0.20 -0.01
C ARG D 231 32.31 -1.09 -0.12
N LEU D 232 31.33 -0.87 0.76
CA LEU D 232 30.13 -1.70 0.73
C LEU D 232 29.04 -1.20 -0.21
N GLY D 233 29.21 -0.03 -0.80
CA GLY D 233 28.29 0.41 -1.83
C GLY D 233 27.71 1.81 -1.65
N ALA D 234 28.06 2.51 -0.57
CA ALA D 234 27.55 3.86 -0.37
C ALA D 234 28.32 4.78 -1.31
N THR D 235 27.63 5.53 -2.15
CA THR D 235 28.30 6.42 -3.09
C THR D 235 28.41 7.85 -2.57
N VAL D 236 27.57 8.23 -1.62
CA VAL D 236 27.59 9.54 -1.02
C VAL D 236 27.94 9.32 0.46
N THR D 237 28.95 10.03 0.94
CA THR D 237 29.36 9.94 2.35
C THR D 237 29.57 11.34 2.95
N VAL D 238 29.30 11.48 4.25
CA VAL D 238 29.58 12.74 4.93
C VAL D 238 29.93 12.47 6.38
N ASN D 239 30.96 13.16 6.86
CA ASN D 239 31.36 13.10 8.23
C ASN D 239 30.62 14.18 9.02
N ALA D 240 29.73 13.74 9.90
CA ALA D 240 28.85 14.64 10.65
C ALA D 240 29.58 15.46 11.68
N LYS D 241 30.80 15.08 12.01
CA LYS D 241 31.61 15.84 12.97
C LYS D 241 32.44 16.90 12.25
N THR D 242 32.96 16.58 11.07
CA THR D 242 33.86 17.49 10.39
C THR D 242 33.18 18.42 9.38
N VAL D 243 31.96 18.10 8.95
CA VAL D 243 31.17 18.96 8.09
C VAL D 243 30.17 19.66 9.00
N ALA D 244 30.13 20.99 8.93
CA ALA D 244 29.27 21.83 9.81
C ALA D 244 27.77 21.57 9.65
N ASP D 245 27.33 21.41 8.41
CA ASP D 245 25.90 21.19 8.14
C ASP D 245 25.76 19.92 7.26
N PRO D 246 25.82 18.73 7.89
CA PRO D 246 25.71 17.47 7.16
C PRO D 246 24.37 17.28 6.45
N ALA D 247 23.29 17.76 7.06
CA ALA D 247 21.99 17.64 6.43
C ALA D 247 21.94 18.41 5.11
N ALA D 248 22.49 19.63 5.08
CA ALA D 248 22.52 20.40 3.83
C ALA D 248 23.39 19.69 2.77
N TYR D 249 24.48 19.07 3.23
CA TYR D 249 25.34 18.35 2.31
C TYR D 249 24.53 17.21 1.67
N ILE D 250 23.83 16.41 2.50
CA ILE D 250 23.02 15.31 1.99
C ILE D 250 21.91 15.83 1.04
N ARG D 251 21.27 16.95 1.40
CA ARG D 251 20.20 17.48 0.54
C ARG D 251 20.75 17.85 -0.85
N LYS D 252 21.95 18.44 -0.88
CA LYS D 252 22.55 18.82 -2.14
C LYS D 252 22.84 17.56 -2.92
N GLU D 253 23.43 16.56 -2.26
CA GLU D 253 23.91 15.38 -3.00
C GLU D 253 22.78 14.47 -3.44
N THR D 254 21.61 14.59 -2.84
CA THR D 254 20.49 13.78 -3.26
C THR D 254 19.47 14.59 -4.07
N ASP D 255 19.88 15.73 -4.62
CA ASP D 255 18.95 16.62 -5.32
C ASP D 255 17.72 16.99 -4.49
N GLY D 256 17.89 17.28 -3.20
CA GLY D 256 16.78 17.82 -2.39
C GLY D 256 16.40 17.02 -1.15
N GLY D 257 17.12 15.93 -0.88
CA GLY D 257 16.86 15.13 0.28
C GLY D 257 16.58 13.70 -0.11
N ALA D 258 16.83 12.79 0.83
CA ALA D 258 16.64 11.37 0.62
C ALA D 258 15.17 10.98 0.83
N GLN D 259 14.70 9.95 0.12
CA GLN D 259 13.32 9.49 0.28
C GLN D 259 13.21 8.70 1.58
N GLY D 260 14.35 8.19 2.07
CA GLY D 260 14.36 7.51 3.35
C GLY D 260 15.65 7.72 4.10
N VAL D 261 15.54 7.69 5.43
CA VAL D 261 16.66 7.71 6.33
C VAL D 261 16.51 6.63 7.39
N LEU D 262 17.55 5.79 7.54
CA LEU D 262 17.65 4.76 8.56
C LEU D 262 18.62 5.18 9.64
N VAL D 263 18.11 5.43 10.85
CA VAL D 263 18.94 5.90 11.93
C VAL D 263 19.28 4.72 12.82
N THR D 264 20.52 4.26 12.74
CA THR D 264 20.91 3.04 13.45
C THR D 264 21.46 3.35 14.83
N ALA D 265 22.01 4.54 15.03
CA ALA D 265 22.58 4.95 16.32
C ALA D 265 21.92 6.28 16.63
N VAL D 266 20.98 6.26 17.56
CA VAL D 266 20.09 7.40 17.74
C VAL D 266 20.54 8.33 18.87
N SER D 267 21.53 9.17 18.59
CA SER D 267 21.90 10.27 19.49
C SER D 267 21.01 11.49 19.21
N PRO D 268 20.97 12.47 20.16
CA PRO D 268 20.25 13.73 19.90
C PRO D 268 20.65 14.39 18.59
N LYS D 269 21.96 14.46 18.34
CA LYS D 269 22.50 15.08 17.11
C LYS D 269 22.15 14.27 15.85
N ALA D 270 22.29 12.94 15.90
CA ALA D 270 21.99 12.14 14.72
C ALA D 270 20.49 12.22 14.38
N PHE D 271 19.63 12.32 15.38
CA PHE D 271 18.21 12.45 15.14
C PHE D 271 17.87 13.79 14.47
N GLU D 272 18.40 14.89 15.02
CA GLU D 272 18.13 16.20 14.49
C GLU D 272 18.63 16.30 13.04
N GLN D 273 19.82 15.77 12.79
CA GLN D 273 20.36 15.78 11.44
C GLN D 273 19.58 14.89 10.48
N ALA D 274 19.17 13.70 10.92
CA ALA D 274 18.34 12.84 10.07
C ALA D 274 17.08 13.53 9.56
N LEU D 275 16.40 14.27 10.44
CA LEU D 275 15.20 14.96 10.04
C LEU D 275 15.47 16.04 8.99
N GLY D 276 16.71 16.56 8.96
CA GLY D 276 17.10 17.56 7.97
C GLY D 276 17.53 16.97 6.63
N MET D 277 17.76 15.67 6.59
CA MET D 277 18.25 14.99 5.38
C MET D 277 17.14 14.41 4.49
N VAL D 278 15.92 14.33 5.03
CA VAL D 278 14.81 13.65 4.38
C VAL D 278 14.13 14.68 3.48
N ALA D 279 13.88 14.32 2.24
CA ALA D 279 12.99 15.07 1.33
C ALA D 279 11.61 15.24 1.95
N ARG D 280 10.86 16.24 1.49
CA ARG D 280 9.44 16.32 1.83
C ARG D 280 8.80 15.00 1.41
N GLY D 281 7.89 14.53 2.25
CA GLY D 281 7.21 13.30 2.02
C GLY D 281 8.02 12.05 2.29
N GLY D 282 9.24 12.23 2.77
CA GLY D 282 10.14 11.12 3.05
C GLY D 282 9.89 10.51 4.40
N THR D 283 10.63 9.44 4.69
CA THR D 283 10.43 8.63 5.89
C THR D 283 11.74 8.40 6.64
N VAL D 284 11.73 8.74 7.93
CA VAL D 284 12.82 8.48 8.83
C VAL D 284 12.46 7.23 9.66
N SER D 285 13.25 6.15 9.50
CA SER D 285 13.07 4.91 10.23
C SER D 285 14.12 4.81 11.34
N LEU D 286 13.67 4.55 12.57
CA LEU D 286 14.49 4.59 13.78
C LEU D 286 14.70 3.15 14.29
N ASN D 287 15.96 2.74 14.39
CA ASN D 287 16.31 1.39 14.84
C ASN D 287 16.91 1.30 16.24
N GLY D 288 17.17 2.38 16.94
CA GLY D 288 17.76 2.25 18.30
C GLY D 288 16.77 2.43 19.44
N LEU D 289 17.19 2.03 20.64
CA LEU D 289 16.40 2.25 21.86
C LEU D 289 17.10 3.21 22.86
N PRO D 290 17.30 4.48 22.46
CA PRO D 290 17.96 5.46 23.32
C PRO D 290 17.11 5.89 24.50
N PRO D 291 17.73 6.37 25.59
CA PRO D 291 16.97 6.90 26.72
C PRO D 291 16.41 8.29 26.41
N GLY D 292 15.37 8.67 27.15
CA GLY D 292 14.95 10.06 27.23
C GLY D 292 14.01 10.51 26.10
N ASP D 293 13.84 11.81 26.02
CA ASP D 293 12.91 12.44 25.12
C ASP D 293 13.70 13.18 24.08
N PHE D 294 13.18 13.23 22.87
CA PHE D 294 13.80 13.95 21.77
C PHE D 294 12.82 15.00 21.22
N PRO D 295 13.29 16.25 21.01
CA PRO D 295 12.41 17.31 20.46
C PRO D 295 12.07 17.08 18.99
N LEU D 296 10.78 17.24 18.66
CA LEU D 296 10.33 17.14 17.28
C LEU D 296 9.55 18.40 16.93
N SER D 297 9.99 19.10 15.87
CA SER D 297 9.25 20.24 15.39
C SER D 297 7.95 19.84 14.67
N ILE D 298 6.82 20.24 15.23
CA ILE D 298 5.52 19.92 14.65
C ILE D 298 5.38 20.64 13.33
N PHE D 299 5.71 21.95 13.34
CA PHE D 299 5.58 22.76 12.13
C PHE D 299 6.34 22.12 10.99
N ASN D 300 7.60 21.76 11.22
CA ASN D 300 8.42 21.08 10.20
C ASN D 300 7.86 19.73 9.72
N MET D 301 7.44 18.88 10.67
CA MET D 301 6.83 17.58 10.30
CA MET D 301 6.82 17.59 10.32
C MET D 301 5.61 17.76 9.38
N VAL D 302 4.74 18.70 9.72
CA VAL D 302 3.50 18.89 8.99
C VAL D 302 3.76 19.52 7.62
N LEU D 303 4.41 20.68 7.58
CA LEU D 303 4.64 21.36 6.30
C LEU D 303 5.44 20.51 5.33
N ASN D 304 6.32 19.67 5.86
CA ASN D 304 7.14 18.84 4.99
C ASN D 304 6.54 17.46 4.69
N GLY D 305 5.42 17.14 5.34
CA GLY D 305 4.77 15.86 5.11
C GLY D 305 5.67 14.69 5.44
N VAL D 306 6.44 14.80 6.52
CA VAL D 306 7.43 13.79 6.87
C VAL D 306 6.84 12.70 7.80
N THR D 307 7.36 11.49 7.65
CA THR D 307 6.98 10.35 8.48
C THR D 307 8.18 9.95 9.31
N VAL D 308 7.96 9.72 10.60
CA VAL D 308 8.99 9.21 11.49
C VAL D 308 8.41 7.96 12.11
N ARG D 309 9.16 6.86 12.07
CA ARG D 309 8.61 5.55 12.37
C ARG D 309 9.64 4.72 13.13
N GLY D 310 9.19 3.94 14.11
CA GLY D 310 10.07 3.06 14.85
C GLY D 310 10.02 1.64 14.34
N SER D 311 11.19 0.98 14.31
CA SER D 311 11.26 -0.41 13.89
C SER D 311 12.47 -1.06 14.54
N ILE D 312 12.25 -2.18 15.23
CA ILE D 312 13.35 -3.03 15.68
C ILE D 312 13.01 -4.51 15.40
N VAL D 313 14.05 -5.30 15.20
CA VAL D 313 13.97 -6.70 14.79
C VAL D 313 12.96 -6.87 13.66
N GLY D 314 12.20 -7.96 13.68
CA GLY D 314 11.35 -8.31 12.56
C GLY D 314 10.53 -9.54 12.88
N THR D 315 9.58 -9.83 12.01
CA THR D 315 8.78 -11.03 12.10
C THR D 315 9.61 -12.21 11.66
N ARG D 316 9.04 -13.39 11.83
CA ARG D 316 9.68 -14.60 11.36
C ARG D 316 9.96 -14.56 9.86
N LEU D 317 9.00 -14.06 9.09
CA LEU D 317 9.16 -13.94 7.65
C LEU D 317 10.26 -12.92 7.32
N ASP D 318 10.22 -11.76 7.98
CA ASP D 318 11.31 -10.77 7.83
C ASP D 318 12.70 -11.41 8.04
N LEU D 319 12.81 -12.23 9.09
CA LEU D 319 14.08 -12.88 9.41
C LEU D 319 14.50 -13.84 8.28
N GLN D 320 13.55 -14.65 7.80
CA GLN D 320 13.85 -15.57 6.71
C GLN D 320 14.37 -14.78 5.49
N GLU D 321 13.69 -13.69 5.16
CA GLU D 321 14.09 -12.88 4.01
C GLU D 321 15.51 -12.36 4.23
N SER D 322 15.81 -11.89 5.45
CA SER D 322 17.11 -11.32 5.75
CA SER D 322 17.11 -11.35 5.82
C SER D 322 18.20 -12.40 5.66
N LEU D 323 17.87 -13.62 6.08
CA LEU D 323 18.76 -14.76 6.00
C LEU D 323 19.06 -15.16 4.54
N ASP D 324 18.09 -15.01 3.64
CA ASP D 324 18.28 -15.36 2.23
C ASP D 324 19.28 -14.42 1.56
N PHE D 325 19.30 -13.14 1.97
CA PHE D 325 20.27 -12.20 1.44
C PHE D 325 21.69 -12.62 1.83
N ALA D 326 21.86 -13.11 3.06
CA ALA D 326 23.15 -13.65 3.52
C ALA D 326 23.50 -14.91 2.73
N ALA D 327 22.52 -15.79 2.56
CA ALA D 327 22.70 -17.06 1.84
C ALA D 327 23.14 -16.86 0.40
N ASP D 328 22.63 -15.82 -0.25
CA ASP D 328 23.00 -15.53 -1.63
C ASP D 328 24.23 -14.64 -1.72
N GLY D 329 24.92 -14.40 -0.62
CA GLY D 329 26.13 -13.59 -0.66
C GLY D 329 25.96 -12.09 -0.89
N LYS D 330 24.76 -11.56 -0.73
CA LYS D 330 24.50 -10.10 -0.91
C LYS D 330 24.80 -9.25 0.32
N VAL D 331 24.78 -9.89 1.48
CA VAL D 331 25.08 -9.26 2.74
C VAL D 331 26.03 -10.15 3.53
N LYS D 332 27.10 -9.57 4.05
CA LYS D 332 28.08 -10.27 4.87
C LYS D 332 28.45 -9.36 6.07
N ALA D 333 28.24 -9.83 7.29
CA ALA D 333 28.63 -9.08 8.48
C ALA D 333 30.15 -9.13 8.69
N THR D 334 30.75 -8.00 9.05
CA THR D 334 32.13 -7.95 9.58
C THR D 334 31.98 -8.29 11.06
N ILE D 335 32.70 -9.32 11.50
CA ILE D 335 32.59 -9.74 12.89
C ILE D 335 33.95 -9.75 13.56
N GLN D 336 33.95 -9.53 14.87
CA GLN D 336 35.09 -9.83 15.68
C GLN D 336 34.71 -10.91 16.68
N THR D 337 35.49 -11.98 16.72
CA THR D 337 35.18 -13.15 17.54
C THR D 337 35.71 -13.02 18.97
N GLY D 338 35.12 -13.76 19.88
CA GLY D 338 35.52 -13.73 21.28
C GLY D 338 35.05 -14.99 21.95
N LYS D 339 35.24 -15.06 23.27
CA LYS D 339 34.86 -16.23 24.06
C LYS D 339 33.85 -15.82 25.12
N LEU D 340 33.01 -16.76 25.53
CA LEU D 340 32.01 -16.57 26.59
C LEU D 340 32.57 -15.90 27.86
N GLU D 341 33.81 -16.28 28.23
CA GLU D 341 34.49 -15.77 29.42
C GLU D 341 34.93 -14.31 29.27
N ASP D 342 35.06 -13.85 28.04
CA ASP D 342 35.36 -12.44 27.76
C ASP D 342 34.15 -11.51 27.95
N ILE D 343 32.95 -12.06 28.22
CA ILE D 343 31.73 -11.25 28.12
C ILE D 343 31.83 -9.92 28.88
N ASN D 344 32.37 -9.94 30.09
CA ASN D 344 32.50 -8.71 30.88
C ASN D 344 33.47 -7.69 30.26
N ALA D 345 34.56 -8.18 29.68
CA ALA D 345 35.48 -7.32 28.91
C ALA D 345 34.83 -6.81 27.60
N ILE D 346 34.04 -7.66 26.95
CA ILE D 346 33.27 -7.26 25.76
C ILE D 346 32.33 -6.11 26.10
N PHE D 347 31.66 -6.20 27.25
CA PHE D 347 30.72 -5.15 27.69
C PHE D 347 31.42 -3.84 28.02
N ASP D 348 32.60 -3.92 28.66
CA ASP D 348 33.43 -2.73 28.84
C ASP D 348 33.79 -2.13 27.48
N ASP D 349 34.35 -2.94 26.57
CA ASP D 349 34.69 -2.45 25.22
C ASP D 349 33.51 -1.69 24.61
N MET D 350 32.31 -2.22 24.86
CA MET D 350 31.04 -1.69 24.36
C MET D 350 30.69 -0.35 25.03
N ARG D 351 30.84 -0.26 26.35
CA ARG D 351 30.38 0.89 27.14
C ARG D 351 31.43 2.00 27.20
N GLY D 357 32.88 -4.01 14.02
CA GLY D 357 31.45 -4.23 13.80
C GLY D 357 30.77 -5.03 14.90
N ARG D 358 30.29 -6.22 14.56
CA ARG D 358 29.53 -7.05 15.51
C ARG D 358 30.41 -8.05 16.24
N ILE D 359 30.21 -8.15 17.56
CA ILE D 359 30.93 -9.12 18.38
C ILE D 359 30.15 -10.43 18.33
N VAL D 360 30.85 -11.54 18.08
CA VAL D 360 30.24 -12.86 18.13
C VAL D 360 31.13 -13.78 18.97
N MET D 361 30.59 -14.30 20.07
CA MET D 361 31.30 -15.24 20.91
C MET D 361 31.25 -16.61 20.24
N ASP D 362 32.43 -17.18 20.01
CA ASP D 362 32.55 -18.51 19.41
C ASP D 362 32.70 -19.52 20.53
N LEU D 363 31.69 -20.38 20.69
CA LEU D 363 31.64 -21.32 21.79
C LEU D 363 32.36 -22.64 21.52
N THR D 364 32.99 -22.77 20.35
CA THR D 364 33.78 -23.95 20.03
C THR D 364 35.27 -23.79 20.39
N GLN D 365 35.76 -22.55 20.43
CA GLN D 365 37.20 -22.27 20.60
C GLN D 365 37.46 -21.53 21.91
#